data_4UCF
#
_entry.id   4UCF
#
_cell.length_a   96.720
_cell.length_b   101.592
_cell.length_c   114.625
_cell.angle_alpha   90.00
_cell.angle_beta   105.40
_cell.angle_gamma   90.00
#
_symmetry.space_group_name_H-M   'P 1 21 1'
#
loop_
_entity.id
_entity.type
_entity.pdbx_description
1 polymer BETA-GALACTOSIDASE
2 non-polymer alpha-D-galactopyranose
3 non-polymer DI(HYDROXYETHYL)ETHER
4 non-polymer N-PROPANOL
5 water water
#
_entity_poly.entity_id   1
_entity_poly.type   'polypeptide(L)'
_entity_poly.pdbx_seq_one_letter_code
;MSKRRKHSWPQPLKGAESRLWYGGDYNPDQWPEEVWDDDIRLMKKAGVNLVSVGIFSWAKIEPEEGKYDFDWLDRAIDKL
GKAGIAVDLASATASPPMWLTQAHPEVLWKDERGDTVWPGAREHWRPTSPVFREYALNLCRRMAEHYKGNPYVVAWHVSN
EYGCHNRFDYSDDAMRAFQKWCKKRYKTIDAVNEAWGTAFWAQHMNDFSEIIPPRYIGDGNFMNPGKLLDYKRFSSDALK
ELYIAERDVLESITPGLPLTTNFMVSAGGSMLDYDDWGAEVDFVSNDHYFTPGEAHFDEVAYAASLMDGISRKEPWFQME
HSTSAVNWRPINYRAEPGSVVRDSLAQVAMGADAICYFQWRQSKAGAEKWHSSMVPHAGEDSQIFRDVCELGADLGRLSD
EGLMGTKTVKSKVAVVFDYESQWATEYTANPTQQVDHWTEPLDWFRALADNGITADVVPVRSDWDSYEIAVLPCVYLLSE
ETSRRVREFVANGGKLFVTYYTGLSDENDHIWLGGYPGSIRDVVGVRVEEFAPMGNDMPGALDHLDLDNGTVAHDFADVI
TSTADTSTVLASYKAERWTGMNEVPAIVANGYGDGRTVYVGCRLGRQGLAKSLPAMLGSMGLSDLAGDGRVLRVERADAA
AASHFEFVFNRTHEPVTVDVEGEAIAASLAHVDDGRATIDPTGVVVLRR
;
_entity_poly.pdbx_strand_id   A,B,C
#
# COMPACT_ATOMS: atom_id res chain seq x y z
N ARG A 4 -9.35 -26.70 34.10
CA ARG A 4 -9.47 -27.34 32.72
C ARG A 4 -10.71 -28.26 32.56
N ARG A 5 -11.51 -28.10 31.53
CA ARG A 5 -12.78 -28.85 31.45
C ARG A 5 -12.58 -30.32 31.14
N LYS A 6 -13.44 -31.19 31.66
CA LYS A 6 -13.34 -32.64 31.43
C LYS A 6 -13.68 -32.85 29.97
N HIS A 7 -12.80 -33.52 29.22
CA HIS A 7 -13.13 -33.87 27.86
C HIS A 7 -14.49 -34.57 27.80
N SER A 8 -15.31 -34.19 26.83
CA SER A 8 -16.59 -34.80 26.58
C SER A 8 -16.90 -34.62 25.10
N TRP A 9 -16.95 -35.76 24.40
CA TRP A 9 -17.12 -35.87 22.97
C TRP A 9 -18.58 -36.09 22.57
N PRO A 10 -19.02 -35.41 21.50
CA PRO A 10 -20.38 -35.59 21.05
C PRO A 10 -20.69 -37.08 20.75
N GLN A 11 -21.78 -37.54 21.34
CA GLN A 11 -22.14 -38.97 21.38
C GLN A 11 -23.16 -39.34 20.28
N PRO A 12 -23.24 -40.63 19.90
CA PRO A 12 -24.18 -40.99 18.84
C PRO A 12 -25.62 -40.75 19.15
N LEU A 13 -26.39 -40.64 18.10
CA LEU A 13 -27.81 -40.69 18.17
C LEU A 13 -28.27 -42.02 18.85
N LYS A 14 -29.42 -41.98 19.50
CA LYS A 14 -29.97 -43.14 20.18
C LYS A 14 -29.99 -44.30 19.22
N GLY A 15 -29.32 -45.39 19.58
CA GLY A 15 -29.40 -46.58 18.77
C GLY A 15 -28.25 -46.70 17.81
N ALA A 16 -27.51 -45.62 17.59
CA ALA A 16 -26.43 -45.60 16.61
C ALA A 16 -25.17 -46.03 17.32
N GLU A 17 -24.14 -46.44 16.57
CA GLU A 17 -22.84 -46.74 17.16
C GLU A 17 -21.80 -45.61 17.12
N SER A 18 -20.70 -45.77 17.86
CA SER A 18 -19.62 -44.81 17.78
C SER A 18 -18.99 -44.83 16.39
N ARG A 19 -18.98 -43.68 15.73
CA ARG A 19 -18.41 -43.51 14.37
C ARG A 19 -17.67 -42.16 14.31
N LEU A 20 -16.65 -42.12 13.50
CA LEU A 20 -16.04 -40.84 13.13
C LEU A 20 -17.09 -39.95 12.50
N TRP A 21 -17.16 -38.71 12.97
CA TRP A 21 -18.16 -37.81 12.44
C TRP A 21 -17.73 -37.18 11.11
N TYR A 22 -18.70 -37.02 10.24
CA TYR A 22 -18.48 -36.54 8.87
C TYR A 22 -19.63 -35.65 8.44
N GLY A 23 -19.29 -34.48 7.88
CA GLY A 23 -20.28 -33.47 7.64
C GLY A 23 -19.75 -32.08 7.35
N GLY A 24 -20.57 -31.09 7.71
CA GLY A 24 -20.27 -29.69 7.40
C GLY A 24 -21.35 -28.73 7.90
N ASP A 25 -21.06 -27.44 7.71
CA ASP A 25 -22.01 -26.40 7.95
C ASP A 25 -23.21 -26.55 7.02
N TYR A 26 -24.40 -26.47 7.59
CA TYR A 26 -25.62 -26.68 6.86
C TYR A 26 -26.50 -25.44 7.10
N ASN A 27 -26.98 -24.88 5.98
CA ASN A 27 -27.74 -23.64 5.96
C ASN A 27 -29.01 -23.75 5.18
N PRO A 28 -29.97 -24.43 5.79
CA PRO A 28 -31.27 -24.69 5.18
C PRO A 28 -32.05 -23.38 4.93
N ASP A 29 -31.78 -22.35 5.76
CA ASP A 29 -32.34 -20.99 5.61
C ASP A 29 -32.14 -20.39 4.23
N GLN A 30 -31.16 -20.86 3.45
CA GLN A 30 -30.81 -20.22 2.19
C GLN A 30 -31.51 -20.85 0.97
N TRP A 31 -32.27 -21.91 1.21
CA TRP A 31 -32.81 -22.78 0.16
C TRP A 31 -34.26 -23.11 0.47
N PRO A 32 -35.09 -23.24 -0.57
CA PRO A 32 -36.45 -23.67 -0.40
C PRO A 32 -36.52 -25.05 0.27
N GLU A 33 -37.51 -25.25 1.13
CA GLU A 33 -37.63 -26.46 1.90
C GLU A 33 -37.64 -27.74 1.06
N GLU A 34 -38.13 -27.66 -0.17
CA GLU A 34 -38.00 -28.79 -1.11
C GLU A 34 -36.56 -29.21 -1.37
N VAL A 35 -35.60 -28.28 -1.39
CA VAL A 35 -34.18 -28.66 -1.57
C VAL A 35 -33.72 -29.49 -0.38
N TRP A 36 -34.34 -29.31 0.81
CA TRP A 36 -33.88 -30.04 1.98
C TRP A 36 -34.02 -31.58 1.79
N ASP A 37 -35.04 -32.01 1.04
CA ASP A 37 -35.22 -33.43 0.74
C ASP A 37 -34.01 -33.87 -0.02
N ASP A 38 -33.61 -33.08 -1.03
CA ASP A 38 -32.44 -33.38 -1.87
C ASP A 38 -31.14 -33.45 -1.02
N ASP A 39 -30.99 -32.51 -0.08
CA ASP A 39 -29.87 -32.56 0.87
C ASP A 39 -29.73 -33.88 1.64
N ILE A 40 -30.82 -34.39 2.17
CA ILE A 40 -30.81 -35.63 2.95
C ILE A 40 -30.30 -36.81 2.08
N ARG A 41 -30.90 -36.94 0.90
CA ARG A 41 -30.54 -38.00 -0.02
C ARG A 41 -29.06 -37.93 -0.32
N LEU A 42 -28.53 -36.72 -0.62
CA LEU A 42 -27.13 -36.59 -0.97
C LEU A 42 -26.21 -36.78 0.21
N MET A 43 -26.67 -36.40 1.39
CA MET A 43 -25.85 -36.59 2.59
C MET A 43 -25.71 -38.06 2.89
N LYS A 44 -26.86 -38.74 2.79
CA LYS A 44 -26.89 -40.22 2.92
C LYS A 44 -25.92 -40.89 1.92
N LYS A 45 -25.94 -40.47 0.68
CA LYS A 45 -25.02 -40.98 -0.34
C LYS A 45 -23.58 -40.69 -0.03
N ALA A 46 -23.33 -39.51 0.51
CA ALA A 46 -21.95 -39.11 0.84
C ALA A 46 -21.47 -39.66 2.18
N GLY A 47 -22.38 -40.17 3.02
CA GLY A 47 -21.95 -40.82 4.27
C GLY A 47 -21.78 -39.83 5.40
N VAL A 48 -22.46 -38.69 5.25
CA VAL A 48 -22.49 -37.65 6.23
C VAL A 48 -23.32 -38.11 7.37
N ASN A 49 -22.84 -37.91 8.60
CA ASN A 49 -23.66 -38.21 9.78
C ASN A 49 -23.83 -37.08 10.79
N LEU A 50 -23.33 -35.87 10.48
CA LEU A 50 -23.46 -34.74 11.40
C LEU A 50 -23.29 -33.46 10.65
N VAL A 51 -24.10 -32.50 11.03
CA VAL A 51 -24.00 -31.18 10.45
C VAL A 51 -24.18 -30.14 11.55
N SER A 52 -23.71 -28.92 11.24
CA SER A 52 -23.82 -27.84 12.19
C SER A 52 -24.76 -26.79 11.62
N VAL A 53 -25.78 -26.43 12.38
CA VAL A 53 -26.86 -25.62 11.88
C VAL A 53 -27.16 -24.47 12.80
N GLY A 54 -27.67 -23.43 12.15
CA GLY A 54 -28.12 -22.21 12.88
C GLY A 54 -27.05 -21.16 13.18
N ILE A 55 -25.87 -21.31 12.62
CA ILE A 55 -24.68 -20.54 13.11
C ILE A 55 -24.86 -19.02 12.94
N PHE A 56 -25.39 -18.62 11.80
CA PHE A 56 -25.79 -17.23 11.54
C PHE A 56 -27.28 -17.00 11.42
N SER A 57 -28.08 -17.70 12.23
CA SER A 57 -29.55 -17.69 12.10
C SER A 57 -30.31 -16.73 13.01
N TRP A 58 -29.61 -15.80 13.68
CA TRP A 58 -30.26 -14.95 14.68
C TRP A 58 -31.43 -14.25 14.03
N ALA A 59 -31.24 -13.72 12.83
CA ALA A 59 -32.29 -12.89 12.23
C ALA A 59 -33.50 -13.71 11.83
N LYS A 60 -33.29 -15.00 11.66
CA LYS A 60 -34.34 -15.93 11.30
C LYS A 60 -35.06 -16.46 12.54
N ILE A 61 -34.30 -16.78 13.57
CA ILE A 61 -34.84 -17.22 14.86
C ILE A 61 -35.47 -16.04 15.64
N GLU A 62 -34.86 -14.88 15.58
CA GLU A 62 -35.46 -13.68 16.21
C GLU A 62 -35.60 -12.60 15.19
N PRO A 63 -36.61 -12.70 14.32
CA PRO A 63 -36.71 -11.81 13.16
C PRO A 63 -37.12 -10.37 13.50
N GLU A 64 -37.67 -10.17 14.68
CA GLU A 64 -37.77 -8.81 15.22
C GLU A 64 -37.59 -8.85 16.72
N GLU A 65 -37.46 -7.70 17.36
CA GLU A 65 -37.16 -7.72 18.77
C GLU A 65 -38.26 -8.44 19.53
N GLY A 66 -37.87 -9.46 20.28
CA GLY A 66 -38.78 -10.22 21.10
C GLY A 66 -39.70 -11.21 20.41
N LYS A 67 -39.58 -11.43 19.10
CA LYS A 67 -40.40 -12.43 18.46
C LYS A 67 -39.52 -13.59 18.06
N TYR A 68 -40.01 -14.82 18.25
CA TYR A 68 -39.13 -15.99 18.10
C TYR A 68 -39.79 -16.93 17.16
N ASP A 69 -39.03 -17.42 16.19
CA ASP A 69 -39.57 -18.25 15.12
C ASP A 69 -38.72 -19.50 14.98
N PHE A 70 -39.18 -20.58 15.62
CA PHE A 70 -38.40 -21.83 15.66
C PHE A 70 -38.82 -22.94 14.67
N ASP A 71 -39.97 -22.79 14.01
CA ASP A 71 -40.59 -23.96 13.38
C ASP A 71 -39.77 -24.47 12.25
N TRP A 72 -39.22 -23.55 11.44
CA TRP A 72 -38.41 -23.88 10.28
C TRP A 72 -37.22 -24.74 10.71
N LEU A 73 -36.66 -24.44 11.87
CA LEU A 73 -35.48 -25.12 12.38
C LEU A 73 -35.84 -26.48 13.05
N ASP A 74 -36.94 -26.50 13.79
CA ASP A 74 -37.52 -27.75 14.29
C ASP A 74 -37.75 -28.73 13.13
N ARG A 75 -38.28 -28.23 12.03
CA ARG A 75 -38.50 -29.10 10.90
C ARG A 75 -37.21 -29.60 10.32
N ALA A 76 -36.22 -28.71 10.22
CA ALA A 76 -34.93 -29.09 9.59
C ALA A 76 -34.23 -30.13 10.44
N ILE A 77 -34.26 -29.95 11.75
CA ILE A 77 -33.55 -30.87 12.65
C ILE A 77 -34.25 -32.26 12.68
N ASP A 78 -35.56 -32.25 12.53
CA ASP A 78 -36.33 -33.48 12.66
C ASP A 78 -35.99 -34.29 11.44
N LYS A 79 -36.03 -33.61 10.31
CA LYS A 79 -35.72 -34.21 9.05
C LYS A 79 -34.33 -34.79 9.03
N LEU A 80 -33.32 -34.08 9.56
CA LEU A 80 -31.96 -34.65 9.64
C LEU A 80 -31.92 -35.91 10.51
N GLY A 81 -32.51 -35.78 11.69
CA GLY A 81 -32.35 -36.76 12.78
C GLY A 81 -33.04 -38.05 12.35
N LYS A 82 -34.20 -37.91 11.72
CA LYS A 82 -34.95 -39.07 11.18
C LYS A 82 -34.18 -39.81 10.13
N ALA A 83 -33.27 -39.13 9.45
CA ALA A 83 -32.44 -39.78 8.47
C ALA A 83 -31.14 -40.27 9.06
N GLY A 84 -31.05 -40.22 10.40
CA GLY A 84 -29.85 -40.62 11.12
C GLY A 84 -28.72 -39.61 11.07
N ILE A 85 -29.02 -38.31 10.92
CA ILE A 85 -27.94 -37.29 10.85
C ILE A 85 -28.00 -36.45 12.11
N ALA A 86 -26.92 -36.46 12.87
CA ALA A 86 -26.91 -35.73 14.13
C ALA A 86 -26.71 -34.22 13.87
N VAL A 87 -27.11 -33.39 14.84
CA VAL A 87 -27.04 -31.96 14.68
C VAL A 87 -26.14 -31.35 15.76
N ASP A 88 -25.11 -30.63 15.33
CA ASP A 88 -24.31 -29.72 16.16
C ASP A 88 -25.02 -28.36 16.12
N LEU A 89 -25.73 -28.04 17.17
CA LEU A 89 -26.65 -26.89 17.14
C LEU A 89 -25.86 -25.65 17.59
N ALA A 90 -26.00 -24.56 16.85
CA ALA A 90 -25.36 -23.33 17.24
C ALA A 90 -26.23 -22.50 18.20
N SER A 91 -25.59 -21.60 18.93
CA SER A 91 -26.29 -20.60 19.76
C SER A 91 -27.00 -19.58 18.88
N ALA A 92 -26.50 -19.45 17.65
CA ALA A 92 -26.93 -18.45 16.65
C ALA A 92 -26.52 -17.00 16.95
N THR A 93 -25.70 -16.82 17.98
CA THR A 93 -25.28 -15.48 18.46
C THR A 93 -24.00 -14.92 17.76
N ALA A 94 -23.58 -15.53 16.63
CA ALA A 94 -22.39 -15.14 15.94
C ALA A 94 -22.46 -13.72 15.38
N SER A 95 -23.64 -13.31 14.93
CA SER A 95 -23.81 -11.99 14.34
C SER A 95 -25.26 -11.52 14.48
N PRO A 96 -25.48 -10.25 14.90
CA PRO A 96 -26.86 -9.85 15.22
C PRO A 96 -27.66 -9.35 14.01
N PRO A 97 -28.99 -9.30 14.17
CA PRO A 97 -29.85 -8.82 13.09
C PRO A 97 -29.79 -7.31 12.96
N MET A 98 -30.14 -6.80 11.79
CA MET A 98 -30.25 -5.37 11.59
C MET A 98 -31.16 -4.64 12.58
N TRP A 99 -32.26 -5.27 12.98
CA TRP A 99 -33.16 -4.56 13.90
C TRP A 99 -32.39 -4.25 15.20
N LEU A 100 -31.52 -5.15 15.61
CA LEU A 100 -30.79 -5.00 16.90
C LEU A 100 -29.73 -3.86 16.81
N THR A 101 -28.95 -3.87 15.73
CA THR A 101 -28.01 -2.76 15.45
C THR A 101 -28.62 -1.40 15.12
N GLN A 102 -29.75 -1.37 14.39
CA GLN A 102 -30.49 -0.18 14.21
C GLN A 102 -30.96 0.45 15.54
N ALA A 103 -31.53 -0.38 16.43
CA ALA A 103 -32.03 0.12 17.73
C ALA A 103 -30.88 0.44 18.71
N HIS A 104 -29.77 -0.28 18.59
CA HIS A 104 -28.64 -0.16 19.48
C HIS A 104 -27.32 -0.04 18.73
N PRO A 105 -27.05 1.13 18.17
CA PRO A 105 -25.81 1.34 17.48
C PRO A 105 -24.58 1.26 18.35
N GLU A 106 -24.77 1.38 19.66
CA GLU A 106 -23.70 1.31 20.59
C GLU A 106 -23.06 -0.12 20.67
N VAL A 107 -23.69 -1.11 20.02
CA VAL A 107 -23.19 -2.46 19.94
C VAL A 107 -22.00 -2.58 18.96
N LEU A 108 -21.96 -1.67 17.97
CA LEU A 108 -20.93 -1.76 16.91
C LEU A 108 -19.53 -1.45 17.40
N TRP A 109 -18.53 -2.21 16.95
CA TRP A 109 -17.19 -1.90 17.42
C TRP A 109 -16.64 -0.66 16.72
N LYS A 110 -15.57 -0.14 17.30
CA LYS A 110 -14.86 1.02 16.72
C LYS A 110 -13.40 0.71 16.48
N ASP A 111 -12.88 1.20 15.37
CA ASP A 111 -11.48 0.95 15.09
C ASP A 111 -10.55 1.92 15.83
N GLU A 112 -9.26 1.84 15.52
CA GLU A 112 -8.21 2.61 16.23
C GLU A 112 -8.45 4.11 16.13
N ARG A 113 -9.05 4.53 15.02
CA ARG A 113 -9.37 5.91 14.77
C ARG A 113 -10.70 6.33 15.37
N GLY A 114 -11.40 5.43 16.04
CA GLY A 114 -12.73 5.69 16.55
C GLY A 114 -13.84 5.57 15.52
N ASP A 115 -13.54 4.98 14.35
CA ASP A 115 -14.59 4.89 13.33
C ASP A 115 -15.47 3.66 13.59
N THR A 116 -16.76 3.84 13.40
CA THR A 116 -17.74 2.81 13.58
C THR A 116 -17.62 1.77 12.49
N VAL A 117 -17.60 0.51 12.85
CA VAL A 117 -17.69 -0.62 11.89
C VAL A 117 -19.14 -1.03 11.77
N TRP A 118 -19.69 -0.77 10.60
CA TRP A 118 -21.11 -0.98 10.33
C TRP A 118 -21.50 -2.44 10.00
N PRO A 119 -22.79 -2.74 10.07
CA PRO A 119 -23.28 -3.96 9.53
C PRO A 119 -22.98 -3.93 8.04
N GLY A 120 -23.21 -5.06 7.41
CA GLY A 120 -22.92 -5.27 5.98
C GLY A 120 -22.13 -6.52 5.73
N ALA A 121 -21.41 -6.97 6.73
CA ALA A 121 -20.74 -8.24 6.67
C ALA A 121 -21.19 -9.01 7.91
N ARG A 122 -20.26 -9.30 8.82
CA ARG A 122 -20.59 -10.05 10.04
C ARG A 122 -19.69 -9.72 11.22
N GLU A 123 -20.26 -10.08 12.39
CA GLU A 123 -19.61 -10.09 13.66
C GLU A 123 -19.21 -8.66 14.07
N HIS A 124 -20.05 -7.72 13.72
CA HIS A 124 -19.82 -6.31 13.95
C HIS A 124 -20.31 -5.90 15.34
N TRP A 125 -19.68 -6.48 16.35
CA TRP A 125 -20.05 -6.14 17.69
C TRP A 125 -18.85 -6.10 18.63
N ARG A 126 -19.01 -5.25 19.63
CA ARG A 126 -18.01 -5.06 20.66
C ARG A 126 -17.97 -6.22 21.65
N PRO A 127 -16.79 -6.87 21.76
CA PRO A 127 -16.65 -7.94 22.71
C PRO A 127 -17.04 -7.62 24.13
N THR A 128 -16.95 -6.35 24.55
CA THR A 128 -17.24 -5.95 25.93
C THR A 128 -18.49 -5.11 26.06
N SER A 129 -19.29 -4.99 25.00
CA SER A 129 -20.57 -4.31 25.10
C SER A 129 -21.54 -5.07 26.03
N PRO A 130 -22.02 -4.40 27.11
CA PRO A 130 -22.98 -5.04 27.98
C PRO A 130 -24.31 -5.31 27.26
N VAL A 131 -24.68 -4.41 26.35
CA VAL A 131 -25.94 -4.49 25.62
C VAL A 131 -25.95 -5.73 24.78
N PHE A 132 -24.87 -5.91 24.02
CA PHE A 132 -24.68 -7.07 23.20
C PHE A 132 -24.72 -8.34 24.03
N ARG A 133 -24.00 -8.34 25.14
CA ARG A 133 -24.02 -9.55 25.97
C ARG A 133 -25.44 -9.90 26.46
N GLU A 134 -26.22 -8.91 26.84
CA GLU A 134 -27.61 -9.18 27.25
C GLU A 134 -28.36 -9.84 26.12
N TYR A 135 -28.25 -9.26 24.95
CA TYR A 135 -28.88 -9.83 23.77
C TYR A 135 -28.44 -11.27 23.47
N ALA A 136 -27.14 -11.52 23.50
CA ALA A 136 -26.60 -12.84 23.20
C ALA A 136 -27.11 -13.86 24.22
N LEU A 137 -27.03 -13.54 25.51
CA LEU A 137 -27.44 -14.45 26.55
C LEU A 137 -28.95 -14.73 26.52
N ASN A 138 -29.74 -13.76 26.11
CA ASN A 138 -31.16 -14.00 25.95
C ASN A 138 -31.36 -15.04 24.86
N LEU A 139 -30.68 -14.87 23.71
CA LEU A 139 -30.87 -15.82 22.62
C LEU A 139 -30.43 -17.22 23.07
N CYS A 140 -29.28 -17.32 23.77
CA CYS A 140 -28.74 -18.58 24.25
C CYS A 140 -29.75 -19.29 25.14
N ARG A 141 -30.33 -18.53 26.07
CA ARG A 141 -31.37 -19.03 26.98
C ARG A 141 -32.55 -19.58 26.21
N ARG A 142 -33.07 -18.77 25.29
CA ARG A 142 -34.20 -19.22 24.49
C ARG A 142 -33.91 -20.44 23.60
N MET A 143 -32.72 -20.49 23.00
CA MET A 143 -32.39 -21.63 22.20
C MET A 143 -32.30 -22.90 23.07
N ALA A 144 -31.63 -22.80 24.22
CA ALA A 144 -31.53 -23.92 25.14
C ALA A 144 -32.86 -24.40 25.71
N GLU A 145 -33.69 -23.47 26.17
CA GLU A 145 -35.02 -23.85 26.66
C GLU A 145 -35.73 -24.58 25.50
N HIS A 146 -35.62 -24.05 24.29
CA HIS A 146 -36.39 -24.65 23.21
C HIS A 146 -35.85 -26.02 22.72
N TYR A 147 -34.54 -26.21 22.78
CA TYR A 147 -33.95 -27.42 22.20
C TYR A 147 -33.55 -28.45 23.24
N LYS A 148 -33.76 -28.15 24.51
CA LYS A 148 -33.37 -29.06 25.57
C LYS A 148 -34.13 -30.38 25.34
N GLY A 149 -33.43 -31.49 25.41
CA GLY A 149 -34.06 -32.80 25.29
C GLY A 149 -34.26 -33.26 23.86
N ASN A 150 -33.99 -32.37 22.89
CA ASN A 150 -34.11 -32.80 21.52
C ASN A 150 -33.24 -34.01 21.26
N PRO A 151 -33.84 -35.08 20.71
CA PRO A 151 -33.06 -36.30 20.56
C PRO A 151 -32.03 -36.24 19.45
N TYR A 152 -32.02 -35.21 18.63
CA TYR A 152 -31.06 -35.21 17.54
C TYR A 152 -29.87 -34.21 17.68
N VAL A 153 -29.92 -33.37 18.70
CA VAL A 153 -28.86 -32.39 18.94
C VAL A 153 -27.86 -33.02 19.88
N VAL A 154 -26.62 -33.20 19.38
CA VAL A 154 -25.54 -33.84 20.12
C VAL A 154 -24.45 -32.92 20.68
N ALA A 155 -24.50 -31.65 20.29
CA ALA A 155 -23.55 -30.67 20.81
C ALA A 155 -24.00 -29.25 20.51
N TRP A 156 -23.40 -28.33 21.28
CA TRP A 156 -23.54 -26.93 21.01
C TRP A 156 -22.29 -26.38 20.33
N HIS A 157 -22.52 -25.60 19.27
CA HIS A 157 -21.52 -24.79 18.56
C HIS A 157 -21.72 -23.29 18.95
N VAL A 158 -20.96 -22.86 19.93
CA VAL A 158 -21.21 -21.58 20.57
C VAL A 158 -20.69 -20.47 19.70
N SER A 159 -21.57 -19.56 19.33
CA SER A 159 -21.21 -18.46 18.42
C SER A 159 -20.45 -18.97 17.17
N ASN A 160 -19.54 -18.17 16.66
CA ASN A 160 -18.70 -18.57 15.55
C ASN A 160 -17.43 -17.75 15.52
N GLU A 161 -16.30 -18.45 15.53
CA GLU A 161 -14.97 -17.85 15.44
C GLU A 161 -14.89 -16.48 16.14
N TYR A 162 -14.92 -16.49 17.45
CA TYR A 162 -14.77 -15.26 18.21
C TYR A 162 -13.48 -14.57 17.73
N GLY A 163 -13.55 -13.26 17.51
CA GLY A 163 -12.39 -12.48 17.06
C GLY A 163 -11.91 -12.58 15.62
N CYS A 164 -12.64 -13.29 14.79
CA CYS A 164 -12.33 -13.24 13.40
C CYS A 164 -12.34 -11.82 12.80
N HIS A 165 -13.36 -11.01 13.11
CA HIS A 165 -13.40 -9.61 12.69
C HIS A 165 -13.31 -8.59 13.82
N ASN A 166 -13.72 -9.00 15.03
CA ASN A 166 -13.89 -8.08 16.17
C ASN A 166 -12.96 -8.36 17.33
N ARG A 167 -11.81 -8.95 17.02
CA ARG A 167 -10.71 -9.11 18.05
C ARG A 167 -10.40 -7.83 18.76
N PHE A 168 -10.22 -6.76 18.01
CA PHE A 168 -9.90 -5.41 18.55
C PHE A 168 -11.10 -4.47 18.48
N ASP A 169 -11.34 -3.81 19.58
CA ASP A 169 -12.29 -2.76 19.68
C ASP A 169 -11.62 -1.68 20.50
N TYR A 170 -11.90 -0.43 20.15
CA TYR A 170 -11.30 0.71 20.84
C TYR A 170 -12.35 1.66 21.35
N SER A 171 -13.60 1.18 21.43
CA SER A 171 -14.68 1.93 22.09
C SER A 171 -14.42 2.15 23.55
N ASP A 172 -15.26 2.96 24.11
CA ASP A 172 -15.18 3.23 25.51
C ASP A 172 -15.54 2.01 26.36
N ASP A 173 -16.32 1.06 25.82
CA ASP A 173 -16.54 -0.21 26.51
C ASP A 173 -15.19 -0.95 26.66
N ALA A 174 -14.40 -0.97 25.58
CA ALA A 174 -13.06 -1.57 25.62
C ALA A 174 -12.17 -0.85 26.61
N MET A 175 -12.18 0.47 26.55
CA MET A 175 -11.43 1.27 27.51
C MET A 175 -11.72 0.92 28.97
N ARG A 176 -13.00 0.88 29.34
CA ARG A 176 -13.37 0.51 30.69
C ARG A 176 -12.95 -0.88 31.06
N ALA A 177 -13.15 -1.84 30.15
CA ALA A 177 -12.75 -3.23 30.36
C ALA A 177 -11.21 -3.42 30.47
N PHE A 178 -10.44 -2.77 29.61
CA PHE A 178 -9.00 -2.90 29.66
C PHE A 178 -8.49 -2.30 30.97
N GLN A 179 -9.12 -1.23 31.47
CA GLN A 179 -8.72 -0.69 32.76
C GLN A 179 -8.89 -1.72 33.87
N LYS A 180 -10.02 -2.40 33.85
CA LYS A 180 -10.33 -3.37 34.87
C LYS A 180 -9.45 -4.58 34.70
N TRP A 181 -9.14 -4.99 33.47
CA TRP A 181 -8.23 -6.11 33.22
C TRP A 181 -6.83 -5.81 33.77
N CYS A 182 -6.30 -4.62 33.49
CA CYS A 182 -5.02 -4.20 34.06
C CYS A 182 -4.98 -4.24 35.58
N LYS A 183 -6.03 -3.79 36.23
CA LYS A 183 -6.08 -3.80 37.67
C LYS A 183 -6.07 -5.25 38.18
N LYS A 184 -6.87 -6.08 37.54
CA LYS A 184 -6.81 -7.51 37.86
C LYS A 184 -5.38 -8.06 37.67
N ARG A 185 -4.74 -7.72 36.56
CA ARG A 185 -3.43 -8.31 36.31
C ARG A 185 -2.31 -7.76 37.18
N TYR A 186 -2.26 -6.44 37.42
CA TYR A 186 -1.10 -5.82 38.06
C TYR A 186 -1.38 -5.26 39.45
N LYS A 187 -2.66 -5.17 39.83
CA LYS A 187 -3.09 -4.75 41.19
C LYS A 187 -2.95 -3.25 41.45
N THR A 188 -1.80 -2.69 41.12
CA THR A 188 -1.54 -1.26 41.38
C THR A 188 -1.08 -0.59 40.09
N ILE A 189 -1.28 0.74 40.05
CA ILE A 189 -0.90 1.51 38.90
C ILE A 189 0.63 1.56 38.80
N ASP A 190 1.33 1.50 39.95
CA ASP A 190 2.77 1.43 39.93
C ASP A 190 3.25 0.21 39.15
N ALA A 191 2.59 -0.92 39.36
CA ALA A 191 2.98 -2.14 38.65
C ALA A 191 2.76 -2.07 37.13
N VAL A 192 1.68 -1.43 36.72
CA VAL A 192 1.39 -1.22 35.33
C VAL A 192 2.45 -0.30 34.70
N ASN A 193 2.79 0.80 35.41
CA ASN A 193 3.82 1.73 34.97
C ASN A 193 5.12 0.99 34.80
N GLU A 194 5.43 0.10 35.75
CA GLU A 194 6.64 -0.66 35.67
C GLU A 194 6.63 -1.65 34.53
N ALA A 195 5.55 -2.40 34.41
CA ALA A 195 5.51 -3.39 33.35
C ALA A 195 5.69 -2.71 31.98
N TRP A 196 5.04 -1.58 31.79
CA TRP A 196 5.04 -0.95 30.48
C TRP A 196 6.17 0.07 30.25
N GLY A 197 6.95 0.30 31.31
CA GLY A 197 8.12 1.12 31.22
C GLY A 197 7.80 2.54 30.90
N THR A 198 6.85 3.09 31.63
CA THR A 198 6.26 4.30 31.23
C THR A 198 7.12 5.51 31.60
N ALA A 199 8.26 5.30 32.28
CA ALA A 199 9.21 6.40 32.47
C ALA A 199 9.71 6.98 31.14
N PHE A 200 9.71 6.13 30.12
CA PHE A 200 10.10 6.52 28.79
C PHE A 200 8.98 7.28 28.07
N TRP A 201 9.32 8.42 27.42
CA TRP A 201 8.34 9.24 26.70
C TRP A 201 7.16 9.83 27.52
N ALA A 202 7.42 10.17 28.79
CA ALA A 202 6.45 10.89 29.64
C ALA A 202 5.08 10.19 29.65
N GLN A 203 5.11 8.86 29.79
CA GLN A 203 3.93 8.03 29.77
C GLN A 203 3.41 7.66 31.17
N HIS A 204 3.98 8.21 32.24
CA HIS A 204 3.59 7.78 33.56
C HIS A 204 2.13 8.07 33.83
N MET A 205 1.46 7.06 34.40
CA MET A 205 0.04 7.15 34.83
C MET A 205 -0.11 7.25 36.33
N ASN A 206 -0.98 8.15 36.76
CA ASN A 206 -1.21 8.32 38.18
C ASN A 206 -2.27 7.39 38.75
N ASP A 207 -3.17 6.92 37.91
CA ASP A 207 -4.29 6.01 38.33
C ASP A 207 -4.82 5.27 37.12
N PHE A 208 -5.69 4.27 37.35
CA PHE A 208 -6.16 3.38 36.28
C PHE A 208 -6.96 4.11 35.22
N SER A 209 -7.55 5.27 35.59
CA SER A 209 -8.27 6.11 34.65
C SER A 209 -7.40 6.72 33.53
N GLU A 210 -6.07 6.68 33.72
CA GLU A 210 -5.12 7.18 32.72
C GLU A 210 -4.60 6.10 31.76
N ILE A 211 -5.11 4.87 31.90
CA ILE A 211 -4.93 3.83 30.92
C ILE A 211 -5.99 3.91 29.84
N ILE A 212 -5.53 4.13 28.61
CA ILE A 212 -6.39 4.19 27.44
C ILE A 212 -5.94 3.08 26.49
N PRO A 213 -6.85 2.57 25.66
CA PRO A 213 -6.48 1.53 24.65
C PRO A 213 -5.45 2.10 23.70
N PRO A 214 -4.67 1.22 23.03
CA PRO A 214 -3.72 1.65 22.00
C PRO A 214 -4.47 2.19 20.73
N ARG A 215 -5.16 3.33 20.91
CA ARG A 215 -5.84 4.07 19.83
C ARG A 215 -4.88 4.74 18.81
N TYR A 216 -5.43 5.25 17.72
CA TYR A 216 -4.64 5.88 16.69
C TYR A 216 -3.62 6.89 17.23
N ILE A 217 -2.37 6.72 16.85
CA ILE A 217 -1.29 7.63 17.30
C ILE A 217 -0.55 8.29 16.11
N GLY A 218 -1.20 8.25 14.95
CA GLY A 218 -0.60 8.65 13.72
C GLY A 218 0.23 7.59 13.05
N ASP A 219 0.15 7.57 11.74
CA ASP A 219 0.82 6.49 10.95
C ASP A 219 2.34 6.57 11.08
N GLY A 220 2.95 5.41 11.20
CA GLY A 220 4.40 5.39 11.32
C GLY A 220 4.95 5.63 12.72
N ASN A 221 4.08 5.88 13.69
CA ASN A 221 4.51 6.10 15.06
C ASN A 221 4.51 4.82 15.90
N PHE A 222 5.19 4.84 17.05
CA PHE A 222 5.39 3.63 17.81
C PHE A 222 4.70 3.57 19.14
N MET A 223 3.72 2.70 19.22
CA MET A 223 2.97 2.49 20.41
C MET A 223 3.85 1.92 21.55
N ASN A 224 3.44 2.14 22.79
CA ASN A 224 4.09 1.48 23.91
C ASN A 224 3.99 -0.10 23.70
N PRO A 225 5.14 -0.81 23.61
CA PRO A 225 5.03 -2.21 23.19
C PRO A 225 4.41 -3.15 24.26
N GLY A 226 4.72 -2.85 25.51
CA GLY A 226 4.17 -3.62 26.61
C GLY A 226 2.64 -3.47 26.65
N LYS A 227 2.19 -2.28 26.39
CA LYS A 227 0.77 -2.01 26.37
C LYS A 227 0.12 -2.71 25.18
N LEU A 228 0.79 -2.74 24.01
CA LEU A 228 0.22 -3.30 22.80
C LEU A 228 0.11 -4.85 23.01
N LEU A 229 1.12 -5.41 23.64
CA LEU A 229 1.13 -6.84 23.93
C LEU A 229 0.01 -7.16 24.94
N ASP A 230 -0.11 -6.33 25.98
CA ASP A 230 -1.19 -6.55 27.01
C ASP A 230 -2.55 -6.39 26.39
N TYR A 231 -2.65 -5.53 25.37
CA TYR A 231 -3.93 -5.34 24.65
C TYR A 231 -4.40 -6.59 23.88
N LYS A 232 -3.45 -7.30 23.31
CA LYS A 232 -3.66 -8.62 22.70
C LYS A 232 -4.10 -9.68 23.71
N ARG A 233 -3.42 -9.79 24.85
CA ARG A 233 -3.82 -10.70 25.92
C ARG A 233 -5.24 -10.29 26.42
N PHE A 234 -5.45 -8.99 26.60
CA PHE A 234 -6.75 -8.46 27.06
C PHE A 234 -7.88 -8.76 26.05
N SER A 235 -7.58 -8.57 24.79
CA SER A 235 -8.59 -8.75 23.79
C SER A 235 -8.97 -10.23 23.70
N SER A 236 -7.99 -11.10 23.78
CA SER A 236 -8.28 -12.56 23.86
C SER A 236 -9.11 -12.93 25.06
N ASP A 237 -8.74 -12.41 26.24
CA ASP A 237 -9.47 -12.67 27.50
C ASP A 237 -10.90 -12.18 27.45
N ALA A 238 -11.10 -11.03 26.85
CA ALA A 238 -12.41 -10.42 26.82
C ALA A 238 -13.45 -11.24 26.04
N LEU A 239 -13.00 -11.75 24.89
CA LEU A 239 -13.79 -12.61 24.06
C LEU A 239 -14.01 -13.95 24.81
N LYS A 240 -12.97 -14.41 25.51
CA LYS A 240 -13.08 -15.63 26.34
C LYS A 240 -14.13 -15.46 27.44
N GLU A 241 -14.20 -14.27 28.04
CA GLU A 241 -15.17 -14.03 29.10
C GLU A 241 -16.63 -14.09 28.56
N LEU A 242 -16.83 -13.58 27.34
CA LEU A 242 -18.13 -13.65 26.71
C LEU A 242 -18.47 -15.11 26.35
N TYR A 243 -17.48 -15.79 25.77
CA TYR A 243 -17.66 -17.16 25.42
C TYR A 243 -18.10 -17.96 26.68
N ILE A 244 -17.37 -17.84 27.76
CA ILE A 244 -17.71 -18.49 28.99
C ILE A 244 -19.15 -18.13 29.46
N ALA A 245 -19.53 -16.87 29.34
CA ALA A 245 -20.87 -16.48 29.76
C ALA A 245 -21.96 -17.19 28.94
N GLU A 246 -21.78 -17.23 27.63
CA GLU A 246 -22.74 -17.91 26.72
C GLU A 246 -22.76 -19.41 27.02
N ARG A 247 -21.59 -20.01 27.06
CA ARG A 247 -21.44 -21.40 27.38
C ARG A 247 -22.22 -21.74 28.67
N ASP A 248 -21.94 -20.99 29.73
CA ASP A 248 -22.59 -21.20 31.03
C ASP A 248 -24.13 -21.12 31.02
N VAL A 249 -24.68 -20.19 30.24
CA VAL A 249 -26.11 -20.11 30.10
C VAL A 249 -26.63 -21.42 29.49
N LEU A 250 -26.03 -21.84 28.39
CA LEU A 250 -26.47 -23.00 27.65
C LEU A 250 -26.35 -24.25 28.49
N GLU A 251 -25.25 -24.36 29.21
CA GLU A 251 -25.01 -25.54 30.01
C GLU A 251 -26.01 -25.59 31.17
N SER A 252 -26.31 -24.44 31.75
CA SER A 252 -27.25 -24.44 32.82
C SER A 252 -28.64 -24.92 32.40
N ILE A 253 -28.94 -24.91 31.12
CA ILE A 253 -30.25 -25.38 30.68
C ILE A 253 -30.21 -26.80 30.17
N THR A 254 -29.10 -27.17 29.57
CA THR A 254 -28.92 -28.48 28.99
C THR A 254 -27.69 -29.17 29.56
N PRO A 255 -27.67 -29.36 30.89
CA PRO A 255 -26.47 -30.01 31.46
C PRO A 255 -26.17 -31.33 30.76
N GLY A 256 -24.90 -31.60 30.53
CA GLY A 256 -24.48 -32.82 29.83
C GLY A 256 -24.30 -32.78 28.31
N LEU A 257 -24.92 -31.80 27.64
CA LEU A 257 -24.67 -31.60 26.23
C LEU A 257 -23.31 -30.90 26.04
N PRO A 258 -22.35 -31.58 25.40
CA PRO A 258 -21.06 -31.01 25.18
C PRO A 258 -21.06 -29.71 24.36
N LEU A 259 -20.13 -28.83 24.76
CA LEU A 259 -20.01 -27.48 24.21
C LEU A 259 -18.66 -27.27 23.58
N THR A 260 -18.66 -26.62 22.42
CA THR A 260 -17.42 -26.18 21.85
C THR A 260 -17.64 -24.82 21.23
N THR A 261 -16.54 -24.19 20.85
CA THR A 261 -16.59 -23.06 19.90
C THR A 261 -15.42 -23.24 18.94
N ASN A 262 -15.59 -22.78 17.71
CA ASN A 262 -14.60 -23.09 16.69
C ASN A 262 -13.38 -22.14 16.66
N PHE A 263 -12.18 -22.72 16.76
CA PHE A 263 -10.93 -21.98 16.66
C PHE A 263 -10.42 -21.70 15.23
N MET A 264 -9.40 -20.86 15.17
CA MET A 264 -8.77 -20.48 13.89
C MET A 264 -7.27 -20.79 13.93
N VAL A 265 -6.99 -22.07 14.14
CA VAL A 265 -5.63 -22.49 14.39
C VAL A 265 -5.02 -22.85 13.07
N SER A 266 -3.93 -22.17 12.77
CA SER A 266 -3.15 -22.37 11.58
C SER A 266 -1.76 -21.77 11.81
N ALA A 267 -0.77 -22.10 10.98
CA ALA A 267 0.58 -21.66 11.22
C ALA A 267 0.67 -20.14 11.46
N GLY A 268 0.08 -19.38 10.53
CA GLY A 268 0.13 -17.90 10.57
C GLY A 268 -1.01 -17.31 11.43
N GLY A 269 -1.86 -18.13 12.04
CA GLY A 269 -3.03 -17.57 12.76
C GLY A 269 -2.75 -17.33 14.23
N SER A 270 -3.00 -16.11 14.73
CA SER A 270 -2.81 -15.83 16.13
C SER A 270 -3.81 -14.81 16.71
N MET A 271 -5.07 -14.92 16.34
CA MET A 271 -6.09 -13.99 16.79
C MET A 271 -6.27 -14.08 18.30
N LEU A 272 -6.26 -15.29 18.86
CA LEU A 272 -6.47 -15.50 20.27
C LEU A 272 -5.43 -16.47 20.76
N ASP A 273 -5.23 -16.52 22.06
CA ASP A 273 -4.34 -17.50 22.66
C ASP A 273 -5.19 -18.79 22.71
N TYR A 274 -5.09 -19.57 21.66
CA TYR A 274 -5.96 -20.72 21.54
C TYR A 274 -5.55 -21.82 22.52
N ASP A 275 -4.30 -21.86 22.97
CA ASP A 275 -3.98 -22.85 24.00
C ASP A 275 -4.70 -22.58 25.34
N ASP A 276 -4.84 -21.29 25.68
CA ASP A 276 -5.65 -20.82 26.85
C ASP A 276 -7.14 -21.07 26.70
N TRP A 277 -7.66 -20.87 25.50
CA TRP A 277 -9.07 -21.14 25.24
C TRP A 277 -9.40 -22.67 25.25
N GLY A 278 -8.43 -23.52 24.95
CA GLY A 278 -8.66 -24.96 24.89
C GLY A 278 -9.07 -25.54 26.22
N ALA A 279 -8.73 -24.87 27.32
CA ALA A 279 -9.26 -25.27 28.64
C ALA A 279 -10.75 -25.01 28.88
N GLU A 280 -11.40 -24.27 28.00
CA GLU A 280 -12.77 -23.83 28.23
C GLU A 280 -13.80 -24.48 27.34
N VAL A 281 -13.38 -25.47 26.57
CA VAL A 281 -14.29 -26.19 25.67
C VAL A 281 -14.38 -27.64 26.13
N ASP A 282 -15.45 -28.36 25.81
CA ASP A 282 -15.50 -29.82 26.17
C ASP A 282 -14.69 -30.65 25.23
N PHE A 283 -14.66 -30.23 23.98
CA PHE A 283 -13.79 -30.79 22.98
C PHE A 283 -13.27 -29.62 22.12
N VAL A 284 -12.08 -29.73 21.58
CA VAL A 284 -11.44 -28.64 20.85
C VAL A 284 -11.85 -28.78 19.38
N SER A 285 -12.29 -27.68 18.76
CA SER A 285 -12.73 -27.64 17.37
CA SER A 285 -12.63 -27.70 17.34
C SER A 285 -11.93 -26.59 16.58
N ASN A 286 -11.57 -26.90 15.35
CA ASN A 286 -10.80 -25.97 14.50
C ASN A 286 -11.37 -25.75 13.10
N ASP A 287 -11.07 -24.55 12.58
CA ASP A 287 -11.32 -24.18 11.22
C ASP A 287 -9.97 -23.99 10.57
N HIS A 288 -9.71 -24.69 9.49
CA HIS A 288 -8.40 -24.61 8.82
C HIS A 288 -8.61 -24.70 7.34
N TYR A 289 -7.96 -23.79 6.60
CA TYR A 289 -8.01 -23.71 5.16
C TYR A 289 -6.61 -23.85 4.60
N PHE A 290 -6.45 -24.69 3.59
CA PHE A 290 -5.11 -24.93 3.07
C PHE A 290 -4.44 -23.69 2.43
N THR A 291 -3.13 -23.62 2.53
CA THR A 291 -2.36 -22.64 1.84
C THR A 291 -2.03 -23.18 0.46
N PRO A 292 -2.55 -22.53 -0.59
CA PRO A 292 -2.18 -22.90 -1.96
C PRO A 292 -0.65 -22.95 -2.21
N GLY A 293 -0.19 -23.98 -2.91
CA GLY A 293 1.16 -24.02 -3.46
C GLY A 293 2.00 -25.00 -2.65
N GLU A 294 3.27 -24.72 -2.54
CA GLU A 294 4.21 -25.69 -1.99
C GLU A 294 3.98 -26.05 -0.53
N ALA A 295 3.39 -25.16 0.25
CA ALA A 295 3.18 -25.44 1.68
C ALA A 295 1.96 -26.21 2.02
N HIS A 296 1.12 -26.49 1.02
CA HIS A 296 -0.21 -27.00 1.21
C HIS A 296 -0.28 -28.17 2.18
N PHE A 297 0.35 -29.28 1.86
CA PHE A 297 0.21 -30.47 2.72
C PHE A 297 0.92 -30.31 4.09
N ASP A 298 2.17 -29.88 4.07
CA ASP A 298 2.93 -29.80 5.31
C ASP A 298 2.22 -28.91 6.32
N GLU A 299 1.73 -27.77 5.86
CA GLU A 299 1.06 -26.86 6.76
C GLU A 299 -0.29 -27.38 7.23
N VAL A 300 -1.03 -28.11 6.39
CA VAL A 300 -2.23 -28.79 6.89
C VAL A 300 -1.84 -29.70 8.05
N ALA A 301 -0.75 -30.44 7.86
CA ALA A 301 -0.32 -31.39 8.89
C ALA A 301 0.12 -30.65 10.15
N TYR A 302 0.87 -29.58 9.93
CA TYR A 302 1.41 -28.84 11.02
C TYR A 302 0.31 -28.33 11.91
N ALA A 303 -0.70 -27.73 11.30
CA ALA A 303 -1.83 -27.15 12.01
C ALA A 303 -2.66 -28.16 12.75
N ALA A 304 -2.84 -29.31 12.14
CA ALA A 304 -3.52 -30.39 12.82
C ALA A 304 -2.75 -30.92 14.02
N SER A 305 -1.44 -30.98 13.87
CA SER A 305 -0.58 -31.35 15.02
C SER A 305 -0.71 -30.36 16.20
N LEU A 306 -0.70 -29.07 15.87
CA LEU A 306 -0.85 -28.03 16.89
C LEU A 306 -2.19 -28.20 17.57
N MET A 307 -3.22 -28.55 16.78
CA MET A 307 -4.55 -28.78 17.34
C MET A 307 -4.47 -29.95 18.29
N ASP A 308 -3.68 -30.97 17.93
CA ASP A 308 -3.51 -32.15 18.80
C ASP A 308 -2.76 -31.81 20.09
N GLY A 309 -1.86 -30.80 20.01
CA GLY A 309 -1.17 -30.28 21.17
C GLY A 309 -2.13 -29.51 22.05
N ILE A 310 -2.92 -28.64 21.44
CA ILE A 310 -3.92 -27.87 22.16
C ILE A 310 -4.89 -28.75 22.89
N SER A 311 -5.34 -29.82 22.23
CA SER A 311 -6.22 -30.81 22.86
CA SER A 311 -6.21 -30.81 22.84
C SER A 311 -5.54 -31.72 23.89
N ARG A 312 -4.24 -31.56 24.12
CA ARG A 312 -3.47 -32.45 25.03
C ARG A 312 -3.66 -33.94 24.59
N LYS A 313 -3.61 -34.16 23.27
CA LYS A 313 -3.78 -35.46 22.60
C LYS A 313 -5.16 -36.11 22.71
N GLU A 314 -6.11 -35.48 23.37
CA GLU A 314 -7.48 -35.96 23.30
C GLU A 314 -7.96 -35.76 21.89
N PRO A 315 -8.91 -36.60 21.45
CA PRO A 315 -9.47 -36.39 20.13
C PRO A 315 -10.14 -35.04 20.01
N TRP A 316 -10.02 -34.50 18.81
CA TRP A 316 -10.49 -33.17 18.49
C TRP A 316 -11.31 -33.20 17.19
N PHE A 317 -11.86 -32.03 16.85
CA PHE A 317 -12.94 -31.91 15.91
C PHE A 317 -12.50 -30.93 14.80
N GLN A 318 -12.34 -31.39 13.55
CA GLN A 318 -12.15 -30.48 12.44
C GLN A 318 -13.51 -29.92 12.05
N MET A 319 -13.89 -28.75 12.60
CA MET A 319 -15.20 -28.13 12.33
C MET A 319 -15.33 -27.61 10.87
N GLU A 320 -14.27 -27.03 10.32
CA GLU A 320 -14.33 -26.56 8.98
C GLU A 320 -13.00 -26.67 8.28
N HIS A 321 -13.09 -26.94 6.99
CA HIS A 321 -12.04 -26.76 6.04
C HIS A 321 -12.70 -26.66 4.70
N SER A 322 -11.94 -26.47 3.64
CA SER A 322 -12.53 -26.39 2.30
C SER A 322 -12.18 -27.57 1.41
N THR A 323 -13.11 -27.95 0.51
CA THR A 323 -12.90 -28.99 -0.51
C THR A 323 -11.97 -28.56 -1.60
N SER A 324 -12.04 -27.27 -1.93
CA SER A 324 -11.18 -26.68 -2.89
C SER A 324 -10.99 -25.16 -2.57
N ALA A 325 -11.18 -24.28 -3.56
CA ALA A 325 -11.00 -22.81 -3.39
C ALA A 325 -11.82 -22.21 -2.27
N VAL A 326 -11.24 -21.21 -1.61
CA VAL A 326 -11.95 -20.34 -0.75
C VAL A 326 -12.38 -19.11 -1.60
N ASN A 327 -13.06 -18.15 -0.95
CA ASN A 327 -13.51 -16.90 -1.56
C ASN A 327 -12.62 -15.72 -1.19
N TRP A 328 -11.88 -15.86 -0.09
CA TRP A 328 -11.33 -14.73 0.65
C TRP A 328 -9.88 -14.38 0.41
N ARG A 329 -9.22 -15.05 -0.53
CA ARG A 329 -7.87 -14.70 -0.94
C ARG A 329 -7.85 -13.82 -2.20
N PRO A 330 -6.73 -13.15 -2.45
CA PRO A 330 -6.66 -12.31 -3.64
C PRO A 330 -6.75 -13.10 -4.93
N ILE A 331 -6.25 -14.33 -4.88
CA ILE A 331 -6.35 -15.28 -6.00
C ILE A 331 -6.72 -16.61 -5.38
N ASN A 332 -7.96 -17.07 -5.60
CA ASN A 332 -8.45 -18.24 -4.88
C ASN A 332 -8.11 -19.50 -5.66
N TYR A 333 -6.87 -19.96 -5.52
CA TYR A 333 -6.38 -21.14 -6.27
C TYR A 333 -7.25 -22.31 -5.87
N ARG A 334 -7.55 -23.22 -6.81
CA ARG A 334 -8.26 -24.44 -6.48
C ARG A 334 -7.35 -25.45 -5.79
N ALA A 335 -7.93 -26.41 -5.08
CA ALA A 335 -7.15 -27.55 -4.56
C ALA A 335 -6.78 -28.58 -5.65
N GLU A 336 -5.54 -29.05 -5.66
CA GLU A 336 -5.17 -30.10 -6.60
C GLU A 336 -6.00 -31.38 -6.33
N PRO A 337 -6.30 -32.14 -7.40
CA PRO A 337 -7.08 -33.38 -7.24
C PRO A 337 -6.48 -34.29 -6.19
N GLY A 338 -7.32 -34.90 -5.38
CA GLY A 338 -6.86 -35.74 -4.29
C GLY A 338 -6.97 -35.04 -2.94
N SER A 339 -7.02 -33.72 -2.95
CA SER A 339 -6.97 -32.97 -1.70
C SER A 339 -8.09 -33.28 -0.73
N VAL A 340 -9.29 -33.55 -1.25
CA VAL A 340 -10.46 -33.74 -0.37
C VAL A 340 -10.19 -34.88 0.60
N VAL A 341 -9.82 -36.04 0.03
CA VAL A 341 -9.47 -37.21 0.84
C VAL A 341 -8.17 -37.00 1.63
N ARG A 342 -7.16 -36.47 0.99
CA ARG A 342 -5.83 -36.40 1.57
C ARG A 342 -5.74 -35.44 2.77
N ASP A 343 -6.14 -34.19 2.57
CA ASP A 343 -6.16 -33.19 3.65
C ASP A 343 -6.98 -33.69 4.83
N SER A 344 -8.13 -34.25 4.55
CA SER A 344 -8.97 -34.73 5.61
C SER A 344 -8.35 -35.90 6.39
N LEU A 345 -7.67 -36.81 5.68
CA LEU A 345 -7.05 -37.95 6.35
C LEU A 345 -5.79 -37.51 7.08
N ALA A 346 -5.15 -36.43 6.63
CA ALA A 346 -4.12 -35.81 7.45
C ALA A 346 -4.63 -35.30 8.82
N GLN A 347 -5.80 -34.67 8.83
CA GLN A 347 -6.43 -34.24 10.08
C GLN A 347 -6.78 -35.42 10.96
N VAL A 348 -7.36 -36.45 10.37
CA VAL A 348 -7.62 -37.67 11.15
C VAL A 348 -6.31 -38.27 11.74
N ALA A 349 -5.25 -38.32 10.93
CA ALA A 349 -3.99 -38.91 11.36
C ALA A 349 -3.45 -38.19 12.57
N MET A 350 -3.59 -36.85 12.56
CA MET A 350 -3.13 -35.98 13.62
C MET A 350 -4.15 -35.90 14.75
N GLY A 351 -5.18 -36.76 14.72
CA GLY A 351 -6.01 -36.97 15.93
C GLY A 351 -7.49 -36.66 15.91
N ALA A 352 -7.98 -36.11 14.80
CA ALA A 352 -9.34 -35.69 14.71
C ALA A 352 -10.24 -36.90 14.60
N ASP A 353 -11.33 -36.91 15.37
CA ASP A 353 -12.39 -37.91 15.28
C ASP A 353 -13.68 -37.34 14.65
N ALA A 354 -13.52 -36.20 13.97
CA ALA A 354 -14.57 -35.61 13.18
C ALA A 354 -13.97 -34.77 12.10
N ILE A 355 -14.53 -34.91 10.90
CA ILE A 355 -14.13 -34.17 9.73
C ILE A 355 -15.28 -33.41 9.09
N CYS A 356 -15.19 -32.08 9.08
CA CYS A 356 -16.30 -31.27 8.61
C CYS A 356 -15.84 -30.13 7.72
N TYR A 357 -16.66 -29.82 6.73
CA TYR A 357 -16.35 -28.72 5.84
C TYR A 357 -17.30 -27.55 5.97
N PHE A 358 -16.78 -26.36 5.61
CA PHE A 358 -17.61 -25.23 5.27
C PHE A 358 -17.64 -25.28 3.75
N GLN A 359 -18.79 -25.46 3.15
CA GLN A 359 -20.03 -25.83 3.79
C GLN A 359 -20.65 -26.98 2.97
N TRP A 360 -21.85 -27.39 3.39
CA TRP A 360 -22.54 -28.55 2.73
C TRP A 360 -22.94 -28.19 1.29
N ARG A 361 -23.70 -27.11 1.08
CA ARG A 361 -24.12 -26.76 -0.27
C ARG A 361 -23.64 -25.35 -0.62
N GLN A 362 -22.95 -25.24 -1.74
CA GLN A 362 -22.35 -24.00 -2.16
C GLN A 362 -23.41 -22.94 -2.35
N SER A 363 -23.23 -21.80 -1.72
CA SER A 363 -24.27 -20.75 -1.72
C SER A 363 -24.39 -20.21 -3.11
N LYS A 364 -25.61 -19.84 -3.47
CA LYS A 364 -25.84 -19.20 -4.78
C LYS A 364 -25.91 -17.69 -4.73
N ALA A 365 -25.91 -17.12 -3.53
CA ALA A 365 -25.92 -15.66 -3.33
C ALA A 365 -25.16 -15.34 -2.07
N GLY A 366 -24.68 -14.11 -2.01
CA GLY A 366 -23.97 -13.58 -0.89
C GLY A 366 -22.46 -13.68 -1.01
N ALA A 367 -21.78 -13.19 0.03
CA ALA A 367 -20.34 -12.92 -0.04
C ALA A 367 -19.46 -14.16 -0.18
N GLU A 368 -19.97 -15.34 0.20
CA GLU A 368 -19.23 -16.58 0.14
C GLU A 368 -19.69 -17.55 -0.94
N LYS A 369 -20.47 -17.08 -1.92
CA LYS A 369 -20.95 -17.99 -2.99
C LYS A 369 -19.79 -18.56 -3.82
N TRP A 370 -18.67 -17.87 -3.91
CA TRP A 370 -17.54 -18.43 -4.61
C TRP A 370 -16.68 -19.38 -3.76
N HIS A 371 -17.05 -19.57 -2.51
CA HIS A 371 -16.35 -20.52 -1.64
C HIS A 371 -16.85 -21.95 -1.93
N SER A 372 -15.91 -22.85 -2.18
CA SER A 372 -16.21 -24.22 -2.54
C SER A 372 -16.98 -24.91 -1.45
N SER A 373 -17.68 -25.98 -1.81
CA SER A 373 -18.43 -26.69 -0.84
C SER A 373 -18.46 -28.19 -1.17
N MET A 374 -19.22 -28.93 -0.39
CA MET A 374 -19.31 -30.36 -0.56
C MET A 374 -20.17 -30.64 -1.77
N VAL A 375 -21.29 -29.91 -1.89
CA VAL A 375 -22.10 -29.91 -3.11
C VAL A 375 -21.86 -28.59 -3.85
N PRO A 376 -21.06 -28.63 -4.91
CA PRO A 376 -20.78 -27.37 -5.63
C PRO A 376 -21.99 -26.85 -6.38
N HIS A 377 -21.83 -25.65 -6.96
CA HIS A 377 -22.79 -25.09 -7.91
C HIS A 377 -23.13 -26.09 -8.99
N ALA A 378 -22.12 -26.84 -9.44
CA ALA A 378 -22.32 -27.83 -10.47
C ALA A 378 -23.28 -28.94 -10.07
N GLY A 379 -23.48 -29.16 -8.78
CA GLY A 379 -24.33 -30.25 -8.31
C GLY A 379 -23.62 -31.56 -8.12
N GLU A 380 -24.42 -32.62 -7.94
CA GLU A 380 -23.87 -33.95 -7.61
C GLU A 380 -23.02 -34.52 -8.72
N ASP A 381 -23.29 -34.19 -9.95
CA ASP A 381 -22.35 -34.61 -11.00
C ASP A 381 -21.07 -33.77 -11.06
N SER A 382 -20.16 -34.03 -10.12
CA SER A 382 -18.95 -33.24 -10.02
C SER A 382 -17.88 -34.07 -9.39
N GLN A 383 -16.63 -33.79 -9.77
CA GLN A 383 -15.51 -34.48 -9.11
C GLN A 383 -15.46 -34.24 -7.60
N ILE A 384 -15.79 -33.02 -7.16
CA ILE A 384 -15.72 -32.73 -5.71
C ILE A 384 -16.75 -33.57 -4.94
N PHE A 385 -17.97 -33.65 -5.44
CA PHE A 385 -18.97 -34.47 -4.75
C PHE A 385 -18.59 -35.97 -4.74
N ARG A 386 -18.06 -36.49 -5.86
CA ARG A 386 -17.60 -37.89 -5.89
C ARG A 386 -16.49 -38.08 -4.85
N ASP A 387 -15.57 -37.12 -4.77
CA ASP A 387 -14.50 -37.13 -3.78
C ASP A 387 -15.05 -37.07 -2.39
N VAL A 388 -16.07 -36.26 -2.17
CA VAL A 388 -16.72 -36.16 -0.89
C VAL A 388 -17.35 -37.49 -0.51
N CYS A 389 -18.01 -38.13 -1.47
CA CYS A 389 -18.60 -39.44 -1.26
C CYS A 389 -17.57 -40.51 -0.95
N GLU A 390 -16.43 -40.46 -1.60
CA GLU A 390 -15.38 -41.42 -1.31
C GLU A 390 -14.85 -41.21 0.10
N LEU A 391 -14.59 -39.95 0.44
CA LEU A 391 -14.14 -39.66 1.80
C LEU A 391 -15.11 -40.23 2.83
N GLY A 392 -16.38 -40.02 2.62
CA GLY A 392 -17.35 -40.47 3.60
C GLY A 392 -17.37 -42.03 3.74
N ALA A 393 -17.12 -42.72 2.63
CA ALA A 393 -16.89 -44.19 2.62
C ALA A 393 -15.63 -44.56 3.42
N ASP A 394 -14.52 -43.88 3.13
CA ASP A 394 -13.24 -44.11 3.79
C ASP A 394 -13.35 -43.92 5.29
N LEU A 395 -14.07 -42.87 5.74
CA LEU A 395 -14.28 -42.66 7.17
C LEU A 395 -15.17 -43.72 7.77
N GLY A 396 -16.16 -44.17 7.01
CA GLY A 396 -16.93 -45.40 7.34
C GLY A 396 -16.04 -46.62 7.62
N ARG A 397 -15.08 -46.88 6.72
CA ARG A 397 -14.13 -48.00 6.86
C ARG A 397 -13.23 -47.81 8.03
N LEU A 398 -12.71 -46.61 8.18
CA LEU A 398 -11.93 -46.29 9.36
C LEU A 398 -12.73 -46.47 10.64
N SER A 399 -13.99 -46.05 10.65
CA SER A 399 -14.82 -46.26 11.82
C SER A 399 -15.01 -47.76 12.08
N ASP A 400 -15.17 -48.54 11.01
CA ASP A 400 -15.35 -50.02 11.14
C ASP A 400 -14.16 -50.61 11.90
N GLU A 401 -12.97 -50.10 11.59
CA GLU A 401 -11.70 -50.56 12.14
C GLU A 401 -11.31 -50.07 13.52
N GLY A 402 -12.13 -49.28 14.20
CA GLY A 402 -11.81 -48.83 15.55
C GLY A 402 -10.98 -47.55 15.74
N LEU A 403 -10.89 -46.72 14.73
CA LEU A 403 -10.10 -45.50 14.84
C LEU A 403 -10.45 -44.67 16.05
N MET A 404 -11.74 -44.50 16.31
CA MET A 404 -12.27 -43.55 17.29
C MET A 404 -11.61 -43.81 18.62
N GLY A 405 -11.08 -42.77 19.25
CA GLY A 405 -10.58 -42.88 20.62
C GLY A 405 -9.10 -43.09 20.61
N THR A 406 -8.50 -43.53 19.51
CA THR A 406 -7.07 -43.69 19.47
C THR A 406 -6.47 -42.29 19.47
N LYS A 407 -5.22 -42.18 19.93
CA LYS A 407 -4.51 -40.91 20.09
C LYS A 407 -3.28 -40.93 19.26
N THR A 408 -2.93 -39.79 18.66
CA THR A 408 -1.70 -39.71 17.87
C THR A 408 -0.55 -39.97 18.82
N VAL A 409 0.44 -40.74 18.40
CA VAL A 409 1.49 -41.18 19.34
C VAL A 409 2.40 -39.99 19.74
N LYS A 410 3.08 -40.17 20.84
CA LYS A 410 4.00 -39.17 21.29
C LYS A 410 5.26 -39.21 20.47
N SER A 411 5.55 -38.13 19.75
CA SER A 411 6.81 -38.00 19.03
C SER A 411 8.00 -37.96 19.99
N LYS A 412 9.16 -38.18 19.42
CA LYS A 412 10.42 -37.95 20.07
C LYS A 412 10.80 -36.48 20.14
N VAL A 413 10.13 -35.66 19.33
CA VAL A 413 10.46 -34.22 19.21
C VAL A 413 9.19 -33.35 19.37
N ALA A 414 9.34 -32.38 20.27
CA ALA A 414 8.38 -31.31 20.47
C ALA A 414 8.90 -30.02 19.80
N VAL A 415 8.10 -29.49 18.89
CA VAL A 415 8.32 -28.14 18.32
C VAL A 415 7.39 -27.18 19.09
N VAL A 416 8.00 -26.24 19.79
CA VAL A 416 7.25 -25.40 20.70
C VAL A 416 6.62 -24.24 19.99
N PHE A 417 5.35 -23.97 20.31
CA PHE A 417 4.67 -22.82 19.74
C PHE A 417 4.09 -21.97 20.91
N ASP A 418 4.19 -20.64 20.78
CA ASP A 418 3.79 -19.69 21.83
C ASP A 418 3.00 -18.51 21.27
N TYR A 419 1.67 -18.52 21.37
CA TYR A 419 0.87 -17.40 20.95
C TYR A 419 1.44 -16.02 21.36
N GLU A 420 1.84 -15.88 22.62
CA GLU A 420 2.27 -14.60 23.14
C GLU A 420 3.57 -14.17 22.55
N SER A 421 4.48 -15.10 22.24
CA SER A 421 5.74 -14.70 21.64
C SER A 421 5.39 -14.22 20.22
N GLN A 422 4.42 -14.83 19.56
CA GLN A 422 4.05 -14.32 18.21
C GLN A 422 3.57 -12.87 18.35
N TRP A 423 2.70 -12.61 19.34
CA TRP A 423 2.26 -11.24 19.61
C TRP A 423 3.42 -10.33 19.77
N ALA A 424 4.39 -10.73 20.55
CA ALA A 424 5.54 -9.85 20.79
C ALA A 424 6.34 -9.59 19.53
N THR A 425 6.43 -10.57 18.64
CA THR A 425 7.21 -10.35 17.41
C THR A 425 6.48 -9.48 16.43
N GLU A 426 5.19 -9.16 16.69
CA GLU A 426 4.47 -8.29 15.79
C GLU A 426 4.76 -6.82 16.07
N TYR A 427 5.48 -6.49 17.14
CA TYR A 427 5.75 -5.07 17.41
C TYR A 427 6.49 -4.41 16.26
N THR A 428 6.24 -3.13 15.97
CA THR A 428 6.81 -2.59 14.74
C THR A 428 8.18 -1.96 14.82
N ALA A 429 8.76 -1.94 16.02
CA ALA A 429 10.10 -1.45 16.16
C ALA A 429 10.95 -2.51 16.83
N ASN A 430 10.77 -3.75 16.40
CA ASN A 430 11.67 -4.82 16.67
C ASN A 430 12.91 -4.76 15.71
N PRO A 431 13.94 -5.53 16.02
CA PRO A 431 15.14 -5.51 15.17
C PRO A 431 14.83 -5.70 13.70
N THR A 432 13.83 -6.53 13.36
CA THR A 432 13.37 -6.54 12.00
C THR A 432 11.95 -6.92 11.92
N GLN A 433 11.23 -6.22 11.05
CA GLN A 433 9.81 -6.48 10.93
C GLN A 433 9.57 -7.69 10.04
N GLN A 434 10.61 -8.28 9.43
CA GLN A 434 10.48 -9.51 8.64
C GLN A 434 10.41 -10.79 9.50
N VAL A 435 10.68 -10.71 10.82
CA VAL A 435 10.70 -11.90 11.68
C VAL A 435 9.48 -11.92 12.61
N ASP A 436 8.68 -12.97 12.44
CA ASP A 436 7.59 -13.34 13.31
C ASP A 436 7.93 -14.69 13.92
N HIS A 437 7.40 -14.94 15.10
CA HIS A 437 7.67 -16.26 15.72
C HIS A 437 7.16 -17.43 14.84
N TRP A 438 5.97 -17.30 14.25
CA TRP A 438 5.22 -18.44 13.70
C TRP A 438 5.92 -19.18 12.55
N THR A 439 6.79 -18.51 11.81
CA THR A 439 7.34 -19.14 10.64
C THR A 439 8.41 -20.17 11.04
N GLU A 440 9.05 -20.00 12.19
CA GLU A 440 10.18 -20.81 12.55
C GLU A 440 9.76 -22.25 12.98
N PRO A 441 8.75 -22.38 13.87
CA PRO A 441 8.25 -23.73 14.17
C PRO A 441 7.73 -24.51 12.95
N LEU A 442 7.14 -23.82 11.98
CA LEU A 442 6.69 -24.50 10.75
C LEU A 442 7.93 -24.96 9.95
N ASP A 443 8.96 -24.10 9.79
CA ASP A 443 10.21 -24.44 9.12
C ASP A 443 10.85 -25.65 9.77
N TRP A 444 10.85 -25.71 11.10
CA TRP A 444 11.40 -26.87 11.86
C TRP A 444 10.58 -28.14 11.65
N PHE A 445 9.29 -28.02 11.63
CA PHE A 445 8.43 -29.18 11.47
C PHE A 445 8.68 -29.79 10.08
N ARG A 446 8.86 -28.93 9.09
CA ARG A 446 9.07 -29.36 7.72
C ARG A 446 10.47 -29.92 7.50
N ALA A 447 11.45 -29.30 8.17
CA ALA A 447 12.84 -29.73 8.06
C ALA A 447 13.06 -31.12 8.70
N LEU A 448 12.39 -31.35 9.82
CA LEU A 448 12.36 -32.64 10.50
C LEU A 448 11.68 -33.70 9.63
N ALA A 449 10.51 -33.38 9.09
CA ALA A 449 9.88 -34.26 8.17
C ALA A 449 10.78 -34.64 7.00
N ASP A 450 11.57 -33.72 6.51
CA ASP A 450 12.55 -33.89 5.46
C ASP A 450 13.59 -34.92 5.91
N ASN A 451 13.85 -35.01 7.23
CA ASN A 451 14.75 -36.03 7.76
C ASN A 451 14.07 -37.29 8.25
N GLY A 452 12.81 -37.46 7.92
CA GLY A 452 12.09 -38.64 8.31
C GLY A 452 11.51 -38.66 9.69
N ILE A 453 11.31 -37.48 10.32
CA ILE A 453 10.73 -37.38 11.66
C ILE A 453 9.42 -36.56 11.70
N THR A 454 8.38 -37.14 12.28
CA THR A 454 7.11 -36.47 12.53
C THR A 454 7.16 -35.91 13.93
N ALA A 455 7.35 -34.58 13.99
CA ALA A 455 7.35 -33.85 15.25
C ALA A 455 5.94 -33.66 15.76
N ASP A 456 5.81 -33.43 17.07
CA ASP A 456 4.59 -32.90 17.68
C ASP A 456 4.77 -31.35 17.93
N VAL A 457 3.76 -30.57 17.54
CA VAL A 457 3.78 -29.14 17.72
C VAL A 457 3.10 -29.00 19.09
N VAL A 458 3.85 -28.45 20.06
CA VAL A 458 3.41 -28.46 21.46
C VAL A 458 3.38 -27.02 22.00
N PRO A 459 2.19 -26.57 22.50
CA PRO A 459 2.14 -25.23 23.08
C PRO A 459 3.05 -25.06 24.27
N VAL A 460 3.61 -23.86 24.41
CA VAL A 460 4.62 -23.61 25.40
C VAL A 460 4.20 -23.87 26.82
N ARG A 461 2.94 -23.68 27.19
CA ARG A 461 2.53 -24.02 28.57
C ARG A 461 2.32 -25.53 28.75
N SER A 462 2.40 -26.30 27.65
CA SER A 462 2.20 -27.74 27.72
C SER A 462 3.51 -28.55 27.91
N ASP A 463 3.44 -29.88 27.87
CA ASP A 463 4.57 -30.73 28.33
C ASP A 463 5.66 -31.01 27.33
N TRP A 464 6.12 -29.95 26.65
CA TRP A 464 7.25 -30.06 25.73
C TRP A 464 8.51 -30.53 26.48
N ASP A 465 8.57 -30.22 27.76
CA ASP A 465 9.73 -30.60 28.55
C ASP A 465 9.66 -32.06 29.06
N SER A 466 8.65 -32.83 28.61
CA SER A 466 8.60 -34.26 28.90
C SER A 466 9.09 -35.08 27.71
N TYR A 467 9.57 -34.41 26.66
CA TYR A 467 9.91 -35.04 25.38
C TYR A 467 11.39 -35.31 25.34
N GLU A 468 11.81 -36.22 24.49
CA GLU A 468 13.23 -36.50 24.38
C GLU A 468 13.99 -35.34 23.85
N ILE A 469 13.44 -34.77 22.77
CA ILE A 469 14.03 -33.64 22.09
C ILE A 469 12.94 -32.50 21.99
N ALA A 470 13.35 -31.24 22.18
CA ALA A 470 12.40 -30.12 21.89
C ALA A 470 13.09 -28.99 21.13
N VAL A 471 12.27 -28.17 20.45
CA VAL A 471 12.75 -27.00 19.69
C VAL A 471 12.09 -25.74 20.23
N LEU A 472 12.87 -24.70 20.45
CA LEU A 472 12.41 -23.40 20.81
C LEU A 472 12.68 -22.50 19.62
N PRO A 473 11.68 -22.31 18.76
CA PRO A 473 11.92 -21.65 17.51
C PRO A 473 11.41 -20.24 17.54
N CYS A 474 12.32 -19.30 17.73
CA CYS A 474 11.98 -17.91 17.83
C CYS A 474 10.96 -17.65 18.94
N VAL A 475 11.21 -18.29 20.09
CA VAL A 475 10.38 -18.10 21.30
C VAL A 475 10.85 -16.83 22.02
N TYR A 476 10.46 -15.70 21.45
CA TYR A 476 10.97 -14.41 21.79
C TYR A 476 10.83 -14.09 23.31
N LEU A 477 9.71 -14.49 23.88
CA LEU A 477 9.48 -14.30 25.31
C LEU A 477 9.88 -15.55 26.09
N LEU A 478 10.68 -15.36 27.12
CA LEU A 478 10.86 -16.36 28.18
C LEU A 478 10.82 -15.75 29.56
N SER A 479 9.75 -16.01 30.30
CA SER A 479 9.64 -15.65 31.70
C SER A 479 10.72 -16.36 32.49
N GLU A 480 10.89 -15.95 33.74
CA GLU A 480 11.79 -16.65 34.65
C GLU A 480 11.33 -18.13 34.79
N GLU A 481 10.04 -18.34 34.95
CA GLU A 481 9.50 -19.69 35.09
C GLU A 481 9.83 -20.49 33.84
N THR A 482 9.51 -20.01 32.66
CA THR A 482 9.86 -20.80 31.50
C THR A 482 11.37 -21.04 31.32
N SER A 483 12.16 -20.02 31.66
CA SER A 483 13.58 -20.13 31.63
C SER A 483 14.06 -21.26 32.57
N ARG A 484 13.48 -21.35 33.77
CA ARG A 484 13.83 -22.41 34.70
C ARG A 484 13.46 -23.79 34.12
N ARG A 485 12.35 -23.87 33.39
CA ARG A 485 11.96 -25.16 32.77
C ARG A 485 13.00 -25.57 31.72
N VAL A 486 13.56 -24.60 31.01
CA VAL A 486 14.51 -24.83 29.98
C VAL A 486 15.78 -25.40 30.60
N ARG A 487 16.23 -24.73 31.65
CA ARG A 487 17.41 -25.11 32.33
C ARG A 487 17.30 -26.55 32.92
N GLU A 488 16.19 -26.84 33.57
CA GLU A 488 16.01 -28.18 34.17
C GLU A 488 15.87 -29.25 33.10
N PHE A 489 15.10 -28.95 32.05
CA PHE A 489 14.89 -29.87 30.94
C PHE A 489 16.23 -30.33 30.45
N VAL A 490 17.11 -29.39 30.15
CA VAL A 490 18.41 -29.74 29.61
C VAL A 490 19.32 -30.41 30.69
N ALA A 491 19.42 -29.82 31.87
CA ALA A 491 20.31 -30.32 32.88
C ALA A 491 20.01 -31.78 33.21
N ASN A 492 18.75 -32.17 33.10
CA ASN A 492 18.29 -33.52 33.42
C ASN A 492 18.36 -34.55 32.24
N GLY A 493 18.94 -34.13 31.13
CA GLY A 493 19.21 -34.99 30.02
C GLY A 493 18.47 -34.66 28.75
N GLY A 494 17.60 -33.66 28.78
CA GLY A 494 16.93 -33.26 27.56
C GLY A 494 17.87 -32.84 26.45
N LYS A 495 17.40 -32.98 25.22
CA LYS A 495 18.08 -32.45 24.08
C LYS A 495 17.26 -31.26 23.46
N LEU A 496 17.92 -30.10 23.32
CA LEU A 496 17.23 -28.88 22.99
C LEU A 496 17.85 -28.09 21.90
N PHE A 497 17.04 -27.81 20.86
CA PHE A 497 17.36 -26.79 19.87
C PHE A 497 16.83 -25.39 20.27
N VAL A 498 17.64 -24.36 20.07
CA VAL A 498 17.24 -22.98 20.37
C VAL A 498 17.65 -22.17 19.19
N THR A 499 16.80 -21.23 18.75
CA THR A 499 17.12 -20.38 17.63
C THR A 499 17.29 -18.94 18.02
N TYR A 500 17.81 -18.18 17.06
CA TYR A 500 17.74 -16.71 17.05
C TYR A 500 16.33 -16.25 17.41
N TYR A 501 16.23 -15.03 17.93
CA TYR A 501 14.96 -14.46 18.41
C TYR A 501 14.26 -15.28 19.52
N THR A 502 15.05 -15.93 20.35
CA THR A 502 14.54 -16.72 21.42
C THR A 502 15.03 -16.13 22.69
N GLY A 503 14.13 -15.85 23.64
CA GLY A 503 14.57 -15.46 24.99
C GLY A 503 15.11 -14.04 25.15
N LEU A 504 14.59 -13.16 24.33
CA LEU A 504 15.11 -11.81 24.27
C LEU A 504 14.59 -11.01 25.44
N SER A 505 13.36 -11.32 25.84
CA SER A 505 12.63 -10.61 26.84
C SER A 505 11.91 -11.54 27.79
N ASP A 506 11.46 -10.95 28.91
CA ASP A 506 10.52 -11.61 29.77
C ASP A 506 9.08 -11.37 29.31
N GLU A 507 8.14 -11.79 30.13
CA GLU A 507 6.72 -11.79 29.69
C GLU A 507 6.10 -10.41 29.48
N ASN A 508 6.76 -9.40 30.01
CA ASN A 508 6.36 -7.99 29.82
C ASN A 508 7.20 -7.27 28.80
N ASP A 509 7.96 -8.05 28.04
CA ASP A 509 8.91 -7.50 27.07
C ASP A 509 9.97 -6.54 27.68
N HIS A 510 10.49 -6.88 28.86
CA HIS A 510 11.70 -6.26 29.35
C HIS A 510 12.84 -7.14 28.90
N ILE A 511 13.84 -6.56 28.28
CA ILE A 511 15.03 -7.30 27.79
C ILE A 511 15.82 -7.93 28.92
N TRP A 512 16.16 -9.21 28.78
CA TRP A 512 17.16 -9.81 29.67
C TRP A 512 18.56 -9.25 29.30
N LEU A 513 19.17 -8.47 30.21
CA LEU A 513 20.44 -7.82 29.92
C LEU A 513 21.69 -8.74 30.07
N GLY A 514 22.82 -8.23 29.57
CA GLY A 514 24.12 -8.87 29.70
C GLY A 514 24.61 -9.74 28.54
N GLY A 515 23.81 -9.87 27.48
CA GLY A 515 24.11 -10.72 26.30
C GLY A 515 22.94 -11.64 26.06
N TYR A 516 22.45 -11.74 24.81
CA TYR A 516 21.26 -12.53 24.49
C TYR A 516 21.73 -13.97 24.23
N PRO A 517 20.90 -14.99 24.43
CA PRO A 517 19.63 -14.90 25.15
C PRO A 517 19.89 -14.77 26.67
N GLY A 518 19.45 -13.66 27.24
CA GLY A 518 19.86 -13.28 28.59
C GLY A 518 19.42 -14.07 29.77
N SER A 519 18.42 -14.92 29.64
CA SER A 519 18.03 -15.81 30.75
C SER A 519 18.58 -17.24 30.59
N ILE A 520 19.03 -17.64 29.41
CA ILE A 520 19.47 -19.03 29.25
C ILE A 520 20.81 -19.15 28.52
N ARG A 521 21.61 -18.08 28.44
CA ARG A 521 22.87 -18.15 27.68
C ARG A 521 23.86 -19.13 28.31
N ASP A 522 23.72 -19.38 29.59
CA ASP A 522 24.53 -20.39 30.31
C ASP A 522 24.18 -21.84 29.88
N VAL A 523 22.94 -22.06 29.45
CA VAL A 523 22.44 -23.39 28.99
C VAL A 523 22.88 -23.66 27.56
N VAL A 524 22.72 -22.69 26.68
CA VAL A 524 23.10 -22.89 25.29
C VAL A 524 24.60 -22.64 24.97
N GLY A 525 25.30 -22.02 25.90
CA GLY A 525 26.71 -21.80 25.76
C GLY A 525 27.08 -20.81 24.70
N VAL A 526 26.24 -19.79 24.46
CA VAL A 526 26.62 -18.73 23.55
C VAL A 526 26.31 -17.39 24.15
N ARG A 527 26.98 -16.37 23.64
CA ARG A 527 26.68 -14.99 23.98
C ARG A 527 26.58 -14.11 22.73
N VAL A 528 25.42 -13.50 22.52
CA VAL A 528 25.16 -12.60 21.39
C VAL A 528 25.18 -11.15 21.87
N GLU A 529 26.00 -10.31 21.24
CA GLU A 529 26.07 -8.88 21.62
C GLU A 529 25.22 -7.92 20.81
N GLU A 530 24.94 -8.32 19.58
CA GLU A 530 24.10 -7.53 18.67
C GLU A 530 23.60 -8.44 17.60
N PHE A 531 22.65 -7.96 16.83
CA PHE A 531 22.08 -8.66 15.73
C PHE A 531 22.54 -8.08 14.42
N ALA A 532 22.55 -8.94 13.41
CA ALA A 532 22.82 -8.57 12.01
C ALA A 532 21.61 -8.87 11.12
N PRO A 533 20.57 -8.00 11.15
CA PRO A 533 19.46 -8.32 10.24
C PRO A 533 19.89 -8.11 8.79
N MET A 534 19.18 -8.78 7.87
CA MET A 534 19.49 -8.78 6.45
C MET A 534 18.23 -8.67 5.60
N GLY A 535 18.40 -8.19 4.38
CA GLY A 535 17.26 -8.11 3.49
C GLY A 535 17.61 -7.34 2.26
N ASN A 536 16.63 -6.97 1.46
CA ASN A 536 16.87 -6.50 0.10
C ASN A 536 16.40 -5.13 -0.16
N ASP A 537 16.01 -4.40 0.89
CA ASP A 537 15.39 -3.13 0.72
C ASP A 537 16.37 -1.95 0.80
N MET A 538 17.64 -2.22 1.04
CA MET A 538 18.67 -1.19 1.14
C MET A 538 19.86 -1.62 0.27
N PRO A 539 20.04 -0.95 -0.87
CA PRO A 539 21.17 -1.33 -1.77
C PRO A 539 22.53 -1.32 -1.07
N GLY A 540 23.24 -2.44 -1.21
CA GLY A 540 24.54 -2.61 -0.61
C GLY A 540 24.55 -3.14 0.81
N ALA A 541 23.38 -3.25 1.45
CA ALA A 541 23.31 -3.82 2.81
C ALA A 541 23.28 -5.32 2.65
N LEU A 542 23.61 -6.01 3.72
CA LEU A 542 23.73 -7.44 3.62
C LEU A 542 22.38 -8.11 3.32
N ASP A 543 22.34 -8.99 2.34
CA ASP A 543 21.10 -9.69 1.98
C ASP A 543 21.17 -11.21 2.29
N HIS A 544 22.35 -11.74 2.57
CA HIS A 544 22.48 -13.15 2.96
C HIS A 544 23.85 -13.36 3.61
N LEU A 545 24.02 -14.49 4.24
CA LEU A 545 25.31 -14.92 4.79
C LEU A 545 25.45 -16.37 4.47
N ASP A 546 26.45 -16.72 3.67
CA ASP A 546 26.78 -18.16 3.54
C ASP A 546 27.29 -18.75 4.83
N LEU A 547 26.90 -19.97 5.13
CA LEU A 547 27.55 -20.73 6.17
C LEU A 547 28.56 -21.73 5.58
N ASP A 548 29.58 -22.03 6.37
CA ASP A 548 30.62 -22.99 5.92
C ASP A 548 30.20 -24.46 5.96
N ASN A 549 28.93 -24.73 6.14
CA ASN A 549 28.40 -26.07 5.97
C ASN A 549 27.52 -26.11 4.70
N GLY A 550 27.68 -25.14 3.80
CA GLY A 550 26.91 -25.10 2.52
C GLY A 550 25.40 -24.92 2.65
N THR A 551 24.98 -24.06 3.59
CA THR A 551 23.61 -23.56 3.65
C THR A 551 23.85 -22.06 3.61
N VAL A 552 22.75 -21.30 3.50
CA VAL A 552 22.78 -19.84 3.41
C VAL A 552 21.70 -19.27 4.37
N ALA A 553 22.10 -18.28 5.14
CA ALA A 553 21.19 -17.60 6.02
C ALA A 553 20.57 -16.36 5.35
N HIS A 554 19.30 -16.11 5.68
CA HIS A 554 18.62 -14.91 5.25
C HIS A 554 17.92 -14.22 6.41
N ASP A 555 17.67 -12.91 6.26
CA ASP A 555 16.80 -12.12 7.11
C ASP A 555 17.40 -11.76 8.47
N PHE A 556 18.11 -12.68 9.11
CA PHE A 556 18.55 -12.44 10.44
C PHE A 556 19.72 -13.35 10.82
N ALA A 557 20.75 -12.72 11.36
CA ALA A 557 21.82 -13.39 12.07
C ALA A 557 22.26 -12.78 13.38
N ASP A 558 22.50 -13.65 14.36
CA ASP A 558 23.10 -13.32 15.64
C ASP A 558 24.60 -13.01 15.56
N VAL A 559 25.09 -11.94 16.18
CA VAL A 559 26.52 -11.72 16.31
C VAL A 559 27.02 -12.37 17.58
N ILE A 560 27.30 -13.65 17.46
CA ILE A 560 27.88 -14.43 18.55
C ILE A 560 29.34 -14.05 18.74
N THR A 561 29.70 -13.48 19.90
CA THR A 561 31.07 -13.05 20.20
C THR A 561 31.76 -13.94 21.22
N SER A 562 31.06 -14.88 21.85
CA SER A 562 31.78 -15.91 22.57
C SER A 562 30.96 -17.14 22.69
N THR A 563 31.63 -18.24 23.03
CA THR A 563 30.98 -19.53 23.25
C THR A 563 31.62 -20.26 24.45
N ALA A 564 30.89 -21.14 25.09
CA ALA A 564 31.36 -21.76 26.31
C ALA A 564 32.50 -22.74 26.04
N ASP A 565 33.27 -23.04 27.08
CA ASP A 565 34.34 -24.06 27.05
C ASP A 565 33.75 -25.39 26.69
N THR A 566 32.52 -25.63 27.15
CA THR A 566 31.82 -26.88 26.86
C THR A 566 31.20 -26.93 25.47
N SER A 567 31.36 -25.88 24.66
CA SER A 567 30.70 -25.83 23.35
C SER A 567 31.57 -26.23 22.16
N THR A 568 30.89 -26.47 21.05
CA THR A 568 31.50 -26.82 19.76
C THR A 568 30.79 -25.97 18.70
N VAL A 569 31.53 -25.15 17.96
CA VAL A 569 30.95 -24.50 16.80
C VAL A 569 30.80 -25.57 15.70
N LEU A 570 29.58 -25.77 15.22
CA LEU A 570 29.32 -26.65 14.11
C LEU A 570 29.35 -25.95 12.75
N ALA A 571 29.17 -24.61 12.70
CA ALA A 571 29.21 -23.87 11.45
C ALA A 571 29.34 -22.41 11.70
N SER A 572 30.00 -21.74 10.78
CA SER A 572 30.22 -20.32 10.94
C SER A 572 29.94 -19.67 9.65
N TYR A 573 29.83 -18.35 9.67
CA TYR A 573 29.57 -17.60 8.47
C TYR A 573 30.84 -17.37 7.68
N LYS A 574 30.66 -17.20 6.38
CA LYS A 574 31.72 -16.70 5.50
C LYS A 574 31.24 -15.45 4.81
N ALA A 575 32.05 -14.41 4.86
CA ALA A 575 31.65 -13.11 4.40
C ALA A 575 32.86 -12.27 4.20
N GLU A 576 32.65 -11.17 3.50
CA GLU A 576 33.71 -10.22 3.27
C GLU A 576 34.10 -9.57 4.57
N ARG A 577 35.37 -9.23 4.69
CA ARG A 577 35.96 -8.81 5.96
C ARG A 577 35.21 -7.62 6.58
N TRP A 578 34.91 -6.62 5.74
CA TRP A 578 34.34 -5.36 6.14
C TRP A 578 32.96 -5.45 6.86
N THR A 579 32.17 -6.51 6.55
CA THR A 579 30.90 -6.78 7.17
C THR A 579 31.03 -7.17 8.64
N GLY A 580 32.16 -7.79 8.98
CA GLY A 580 32.47 -8.16 10.32
C GLY A 580 31.85 -9.46 10.71
N MET A 581 31.16 -10.09 9.76
CA MET A 581 30.51 -11.37 10.04
C MET A 581 31.37 -12.57 9.72
N ASN A 582 32.53 -12.32 9.11
CA ASN A 582 33.28 -13.49 8.67
C ASN A 582 33.75 -14.35 9.83
N GLU A 583 33.55 -15.66 9.70
CA GLU A 583 33.88 -16.60 10.73
C GLU A 583 33.17 -16.42 12.05
N VAL A 584 32.11 -15.60 12.08
CA VAL A 584 31.24 -15.55 13.25
C VAL A 584 30.52 -16.87 13.39
N PRO A 585 30.48 -17.46 14.61
CA PRO A 585 29.79 -18.71 14.73
C PRO A 585 28.28 -18.60 14.38
N ALA A 586 27.75 -19.65 13.77
CA ALA A 586 26.41 -19.69 13.24
C ALA A 586 25.57 -20.73 13.87
N ILE A 587 26.14 -21.91 14.07
CA ILE A 587 25.49 -23.00 14.77
C ILE A 587 26.48 -23.52 15.84
N VAL A 588 26.04 -23.53 17.09
CA VAL A 588 26.87 -23.86 18.22
C VAL A 588 26.22 -24.98 19.02
N ALA A 589 26.93 -26.09 19.20
CA ALA A 589 26.45 -27.15 20.11
C ALA A 589 27.01 -27.01 21.50
N ASN A 590 26.32 -27.56 22.50
CA ASN A 590 26.76 -27.42 23.90
C ASN A 590 26.33 -28.59 24.75
N GLY A 591 27.10 -28.82 25.81
CA GLY A 591 26.74 -29.76 26.86
C GLY A 591 26.37 -28.97 28.11
N TYR A 592 25.30 -29.35 28.78
CA TYR A 592 24.90 -28.65 29.98
C TYR A 592 24.24 -29.70 30.86
N GLY A 593 24.82 -29.95 32.04
CA GLY A 593 24.34 -31.06 32.93
C GLY A 593 24.48 -32.33 32.15
N ASP A 594 23.47 -33.18 32.20
CA ASP A 594 23.37 -34.39 31.42
C ASP A 594 22.77 -34.24 30.02
N GLY A 595 22.42 -33.03 29.62
CA GLY A 595 21.73 -32.83 28.37
C GLY A 595 22.58 -32.16 27.33
N ARG A 596 21.98 -31.89 26.17
CA ARG A 596 22.67 -31.33 24.99
C ARG A 596 21.85 -30.19 24.37
N THR A 597 22.53 -29.15 23.92
CA THR A 597 21.84 -28.16 23.16
C THR A 597 22.47 -27.92 21.81
N VAL A 598 21.67 -27.38 20.92
CA VAL A 598 22.17 -26.76 19.74
C VAL A 598 21.51 -25.36 19.49
N TYR A 599 22.32 -24.35 19.30
CA TYR A 599 21.88 -23.00 19.09
C TYR A 599 22.08 -22.63 17.61
N VAL A 600 20.99 -22.32 16.90
CA VAL A 600 21.02 -21.82 15.52
C VAL A 600 20.84 -20.27 15.49
N GLY A 601 21.92 -19.58 15.21
CA GLY A 601 21.94 -18.11 15.25
C GLY A 601 21.45 -17.39 14.04
N CYS A 602 20.71 -18.08 13.17
CA CYS A 602 20.24 -17.50 11.97
C CYS A 602 19.08 -18.23 11.42
N ARG A 603 18.40 -17.58 10.47
CA ARG A 603 17.28 -18.19 9.77
C ARG A 603 17.80 -18.98 8.59
N LEU A 604 17.58 -20.29 8.61
CA LEU A 604 18.05 -21.18 7.59
C LEU A 604 16.95 -21.72 6.68
N GLY A 605 15.69 -21.46 7.02
CA GLY A 605 14.59 -21.99 6.27
C GLY A 605 14.49 -23.49 6.42
N ARG A 606 13.41 -24.03 5.91
CA ARG A 606 13.27 -25.48 5.78
C ARG A 606 14.50 -26.13 5.09
N GLN A 607 14.94 -25.55 3.98
CA GLN A 607 16.06 -26.11 3.18
CA GLN A 607 16.05 -26.03 3.16
C GLN A 607 17.34 -26.16 3.98
N GLY A 608 17.77 -25.04 4.52
CA GLY A 608 19.00 -25.01 5.33
C GLY A 608 18.93 -25.85 6.60
N LEU A 609 17.77 -25.91 7.24
CA LEU A 609 17.67 -26.69 8.48
C LEU A 609 17.72 -28.16 8.13
N ALA A 610 17.09 -28.50 7.02
CA ALA A 610 16.92 -29.90 6.67
C ALA A 610 18.34 -30.48 6.39
N LYS A 611 19.14 -29.67 5.73
CA LYS A 611 20.49 -30.04 5.36
C LYS A 611 21.36 -30.09 6.60
N SER A 612 21.12 -29.20 7.55
CA SER A 612 21.98 -29.11 8.74
C SER A 612 21.61 -30.13 9.81
N LEU A 613 20.44 -30.73 9.68
CA LEU A 613 19.94 -31.58 10.77
C LEU A 613 20.80 -32.80 11.19
N PRO A 614 21.37 -33.57 10.23
CA PRO A 614 22.24 -34.69 10.61
C PRO A 614 23.43 -34.27 11.47
N ALA A 615 24.13 -33.21 11.11
CA ALA A 615 25.25 -32.72 11.94
C ALA A 615 24.77 -32.26 13.35
N MET A 616 23.64 -31.55 13.38
CA MET A 616 23.15 -31.01 14.65
C MET A 616 22.73 -32.14 15.56
N LEU A 617 21.91 -33.05 15.02
CA LEU A 617 21.45 -34.25 15.73
C LEU A 617 22.59 -35.08 16.19
N GLY A 618 23.59 -35.18 15.31
CA GLY A 618 24.79 -35.97 15.59
C GLY A 618 25.44 -35.45 16.85
N SER A 619 25.56 -34.12 16.97
CA SER A 619 26.22 -33.50 18.13
C SER A 619 25.45 -33.75 19.42
N MET A 620 24.16 -34.08 19.30
CA MET A 620 23.33 -34.41 20.46
C MET A 620 23.40 -35.89 20.79
N GLY A 621 24.32 -36.59 20.12
CA GLY A 621 24.47 -38.03 20.27
C GLY A 621 23.44 -38.85 19.52
N LEU A 622 22.80 -38.27 18.51
CA LEU A 622 21.88 -39.02 17.65
C LEU A 622 22.50 -39.06 16.24
N GLY A 627 15.64 -40.98 8.54
CA GLY A 627 14.58 -41.62 7.79
C GLY A 627 14.30 -40.99 6.45
N ASP A 628 13.21 -41.44 5.83
CA ASP A 628 12.85 -41.06 4.49
C ASP A 628 11.86 -39.89 4.53
N GLY A 629 12.33 -38.73 4.07
CA GLY A 629 11.54 -37.50 4.07
C GLY A 629 10.53 -37.36 2.94
N ARG A 630 10.58 -38.26 1.96
CA ARG A 630 9.66 -38.27 0.79
C ARG A 630 8.21 -38.46 1.21
N VAL A 631 7.99 -39.09 2.35
CA VAL A 631 6.67 -39.27 2.91
C VAL A 631 6.62 -38.75 4.32
N LEU A 632 5.44 -38.35 4.78
CA LEU A 632 5.17 -38.22 6.22
C LEU A 632 4.45 -39.44 6.75
N ARG A 633 5.01 -39.99 7.80
CA ARG A 633 4.38 -41.11 8.52
C ARG A 633 3.82 -40.66 9.85
N VAL A 634 2.53 -40.89 10.04
CA VAL A 634 1.83 -40.45 11.23
C VAL A 634 1.06 -41.58 11.79
N GLU A 635 1.14 -41.77 13.10
CA GLU A 635 0.55 -42.92 13.80
C GLU A 635 -0.44 -42.61 14.93
N ARG A 636 -1.52 -43.38 15.00
CA ARG A 636 -2.44 -43.33 16.15
C ARG A 636 -2.53 -44.72 16.77
N ALA A 637 -2.95 -44.79 18.03
CA ALA A 637 -2.88 -46.01 18.80
C ALA A 637 -3.72 -45.91 20.01
N ASP A 638 -4.27 -47.07 20.40
CA ASP A 638 -4.87 -47.30 21.71
C ASP A 638 -4.40 -48.65 22.25
N ALA A 639 -3.72 -48.67 23.40
CA ALA A 639 -3.14 -49.90 23.97
C ALA A 639 -4.23 -50.84 24.53
N ALA A 640 -5.22 -50.24 25.17
CA ALA A 640 -6.40 -50.95 25.70
C ALA A 640 -7.18 -51.77 24.66
N ALA A 641 -7.16 -51.30 23.40
CA ALA A 641 -7.77 -52.00 22.28
C ALA A 641 -6.71 -52.73 21.49
N ALA A 642 -5.46 -52.59 21.93
CA ALA A 642 -4.30 -53.13 21.25
C ALA A 642 -4.18 -52.76 19.75
N SER A 643 -4.68 -51.57 19.37
CA SER A 643 -4.66 -51.12 17.99
C SER A 643 -3.56 -50.12 17.66
N HIS A 644 -3.15 -50.14 16.40
CA HIS A 644 -2.14 -49.27 15.87
C HIS A 644 -2.44 -48.97 14.41
N PHE A 645 -2.39 -47.71 14.02
CA PHE A 645 -2.74 -47.31 12.67
C PHE A 645 -1.71 -46.40 12.14
N GLU A 646 -1.30 -46.61 10.90
CA GLU A 646 -0.29 -45.77 10.29
C GLU A 646 -0.85 -45.09 9.05
N PHE A 647 -0.64 -43.76 8.94
CA PHE A 647 -1.04 -42.98 7.78
C PHE A 647 0.20 -42.50 7.08
N VAL A 648 0.27 -42.78 5.77
CA VAL A 648 1.46 -42.46 5.02
C VAL A 648 1.12 -41.56 3.84
N PHE A 649 1.75 -40.38 3.80
CA PHE A 649 1.40 -39.33 2.82
C PHE A 649 2.61 -38.97 1.97
N ASN A 650 2.42 -38.94 0.66
CA ASN A 650 3.51 -38.52 -0.21
C ASN A 650 3.59 -37.01 -0.12
N ARG A 651 4.79 -36.50 0.11
CA ARG A 651 5.05 -35.08 0.26
C ARG A 651 5.54 -34.42 -1.03
N THR A 652 5.68 -35.19 -2.11
CA THR A 652 6.37 -34.77 -3.35
C THR A 652 5.43 -34.79 -4.57
N HIS A 653 5.93 -34.24 -5.67
CA HIS A 653 5.23 -34.25 -6.94
C HIS A 653 5.57 -35.44 -7.84
N GLU A 654 6.12 -36.51 -7.25
CA GLU A 654 6.50 -37.72 -7.98
C GLU A 654 5.95 -38.90 -7.23
N PRO A 655 5.52 -39.92 -7.97
CA PRO A 655 5.12 -41.15 -7.29
C PRO A 655 6.28 -41.67 -6.53
N VAL A 656 5.98 -42.46 -5.52
CA VAL A 656 6.96 -42.82 -4.53
C VAL A 656 6.56 -44.19 -4.08
N THR A 657 7.53 -45.07 -3.88
CA THR A 657 7.20 -46.40 -3.32
C THR A 657 8.05 -46.68 -2.11
N VAL A 658 7.38 -47.10 -1.05
CA VAL A 658 8.00 -47.22 0.23
C VAL A 658 7.46 -48.44 0.95
N ASP A 659 8.25 -48.91 1.90
CA ASP A 659 7.87 -50.08 2.66
C ASP A 659 6.83 -49.73 3.67
N VAL A 660 5.83 -50.59 3.83
CA VAL A 660 4.85 -50.41 4.88
C VAL A 660 4.47 -51.73 5.47
N GLU A 661 4.06 -51.67 6.72
CA GLU A 661 3.76 -52.78 7.51
C GLU A 661 2.27 -52.75 7.79
N GLY A 662 1.68 -53.94 7.87
CA GLY A 662 0.26 -54.08 8.24
C GLY A 662 -0.71 -54.23 7.06
N GLU A 663 -1.99 -54.18 7.37
CA GLU A 663 -3.07 -54.30 6.38
C GLU A 663 -3.52 -52.92 5.93
N ALA A 664 -3.65 -52.72 4.63
CA ALA A 664 -4.20 -51.48 4.09
C ALA A 664 -5.67 -51.40 4.41
N ILE A 665 -6.13 -50.30 4.98
CA ILE A 665 -7.57 -50.19 5.24
C ILE A 665 -8.19 -49.02 4.49
N ALA A 666 -7.37 -48.18 3.88
CA ALA A 666 -7.89 -47.14 3.02
C ALA A 666 -6.78 -46.55 2.23
N ALA A 667 -7.13 -45.97 1.08
CA ALA A 667 -6.13 -45.47 0.15
C ALA A 667 -6.74 -44.55 -0.89
N SER A 668 -5.99 -43.53 -1.29
CA SER A 668 -6.42 -42.68 -2.39
C SER A 668 -5.18 -42.27 -3.13
N LEU A 669 -5.28 -42.33 -4.44
CA LEU A 669 -4.15 -42.20 -5.33
C LEU A 669 -2.91 -42.92 -4.82
N ALA A 670 -3.16 -44.12 -4.28
CA ALA A 670 -2.13 -45.01 -3.81
C ALA A 670 -2.61 -46.46 -3.82
N HIS A 671 -1.68 -47.41 -3.97
CA HIS A 671 -2.00 -48.82 -3.78
C HIS A 671 -0.86 -49.53 -3.06
N VAL A 672 -1.20 -50.62 -2.40
CA VAL A 672 -0.23 -51.42 -1.66
C VAL A 672 -0.20 -52.82 -2.22
N ASP A 673 1.01 -53.28 -2.56
CA ASP A 673 1.34 -54.62 -3.09
C ASP A 673 2.46 -55.29 -2.27
N ASP A 674 2.22 -56.42 -1.64
CA ASP A 674 3.32 -57.18 -1.03
C ASP A 674 4.11 -56.25 -0.09
N GLY A 675 3.41 -55.58 0.84
CA GLY A 675 4.04 -54.59 1.74
C GLY A 675 4.86 -53.41 1.16
N ARG A 676 4.69 -53.09 -0.11
CA ARG A 676 5.27 -51.86 -0.70
C ARG A 676 4.12 -50.94 -1.16
N ALA A 677 4.13 -49.68 -0.72
CA ALA A 677 3.06 -48.75 -1.05
C ALA A 677 3.51 -47.83 -2.13
N THR A 678 2.80 -47.85 -3.24
CA THR A 678 3.06 -46.90 -4.29
C THR A 678 1.99 -45.78 -4.17
N ILE A 679 2.50 -44.56 -3.95
CA ILE A 679 1.71 -43.40 -3.55
C ILE A 679 2.01 -42.34 -4.53
N ASP A 680 1.00 -41.92 -5.28
CA ASP A 680 1.16 -40.87 -6.26
C ASP A 680 1.14 -39.51 -5.59
N PRO A 681 1.47 -38.44 -6.34
CA PRO A 681 1.35 -37.15 -5.72
C PRO A 681 -0.05 -36.98 -5.18
N THR A 682 -0.11 -36.36 -4.01
CA THR A 682 -1.36 -36.01 -3.32
C THR A 682 -2.06 -37.29 -2.82
N GLY A 683 -1.31 -38.39 -2.78
CA GLY A 683 -1.85 -39.65 -2.28
C GLY A 683 -1.53 -40.00 -0.84
N VAL A 684 -2.19 -41.06 -0.38
CA VAL A 684 -2.18 -41.44 1.00
C VAL A 684 -2.68 -42.88 1.15
N VAL A 685 -2.03 -43.61 2.04
CA VAL A 685 -2.54 -44.89 2.55
C VAL A 685 -2.61 -44.96 4.07
N VAL A 686 -3.60 -45.71 4.54
CA VAL A 686 -3.79 -45.96 5.94
C VAL A 686 -3.69 -47.48 6.17
N LEU A 687 -2.86 -47.88 7.13
CA LEU A 687 -2.62 -49.26 7.48
C LEU A 687 -3.00 -49.54 8.92
N ARG A 688 -3.54 -50.72 9.15
CA ARG A 688 -3.72 -51.35 10.49
C ARG A 688 -2.58 -52.37 10.74
N ARG A 689 -1.90 -52.29 11.89
CA ARG A 689 -0.73 -53.15 12.24
C ARG A 689 -1.03 -53.88 13.56
N ARG B 4 -35.24 7.87 -25.40
CA ARG B 4 -33.94 8.29 -25.99
C ARG B 4 -34.03 9.62 -26.73
N ARG B 5 -33.26 10.62 -26.34
CA ARG B 5 -33.38 11.90 -27.02
C ARG B 5 -33.01 11.88 -28.47
N LYS B 6 -33.68 12.73 -29.27
CA LYS B 6 -33.31 12.94 -30.66
C LYS B 6 -31.96 13.58 -30.67
N HIS B 7 -31.13 13.04 -31.56
CA HIS B 7 -29.81 13.54 -31.88
C HIS B 7 -29.90 14.93 -32.39
N SER B 8 -29.14 15.82 -31.78
CA SER B 8 -29.14 17.18 -32.22
C SER B 8 -27.70 17.71 -32.01
N TRP B 9 -27.11 18.22 -33.06
CA TRP B 9 -25.68 18.52 -33.08
C TRP B 9 -25.50 20.03 -33.02
N PRO B 10 -24.46 20.55 -32.36
CA PRO B 10 -24.28 22.03 -32.30
C PRO B 10 -24.09 22.60 -33.69
N GLN B 11 -24.84 23.63 -34.02
CA GLN B 11 -24.89 24.13 -35.41
C GLN B 11 -23.96 25.32 -35.65
N PRO B 12 -23.63 25.61 -36.92
CA PRO B 12 -22.73 26.70 -37.16
C PRO B 12 -23.23 28.03 -36.72
N LEU B 13 -22.31 28.99 -36.56
CA LEU B 13 -22.68 30.39 -36.35
C LEU B 13 -23.44 30.96 -37.60
N LYS B 14 -24.33 31.91 -37.36
CA LYS B 14 -24.99 32.73 -38.36
C LYS B 14 -23.91 33.21 -39.33
N GLY B 15 -24.01 32.80 -40.59
CA GLY B 15 -23.05 33.22 -41.64
C GLY B 15 -21.88 32.25 -41.81
N ALA B 16 -22.17 30.97 -41.55
CA ALA B 16 -21.15 29.92 -41.56
C ALA B 16 -21.71 28.59 -42.07
N GLU B 17 -20.79 27.76 -42.56
CA GLU B 17 -21.05 26.47 -43.17
C GLU B 17 -20.77 25.41 -42.09
N SER B 18 -21.28 24.21 -42.30
CA SER B 18 -21.02 23.07 -41.43
C SER B 18 -19.55 22.63 -41.57
N ARG B 19 -18.85 22.54 -40.42
CA ARG B 19 -17.44 22.18 -40.38
C ARG B 19 -17.24 21.22 -39.20
N LEU B 20 -16.26 20.34 -39.31
CA LEU B 20 -15.72 19.64 -38.13
C LEU B 20 -15.33 20.68 -37.09
N TRP B 21 -15.82 20.48 -35.87
CA TRP B 21 -15.54 21.40 -34.83
C TRP B 21 -14.13 21.14 -34.28
N TYR B 22 -13.42 22.21 -33.94
CA TYR B 22 -12.04 22.08 -33.46
C TYR B 22 -11.75 23.09 -32.42
N GLY B 23 -11.34 22.62 -31.24
CA GLY B 23 -10.99 23.58 -30.19
C GLY B 23 -10.62 22.95 -28.84
N GLY B 24 -11.04 23.61 -27.77
CA GLY B 24 -10.90 23.05 -26.45
C GLY B 24 -11.41 23.92 -25.37
N ASP B 25 -11.28 23.45 -24.13
CA ASP B 25 -11.61 24.25 -22.95
C ASP B 25 -10.85 25.61 -22.93
N TYR B 26 -11.53 26.68 -22.59
CA TYR B 26 -10.95 27.97 -22.64
C TYR B 26 -11.31 28.62 -21.32
N ASN B 27 -10.30 29.16 -20.63
CA ASN B 27 -10.46 29.66 -19.30
C ASN B 27 -9.87 31.06 -19.17
N PRO B 28 -10.51 32.04 -19.80
CA PRO B 28 -10.03 33.40 -19.78
C PRO B 28 -10.02 34.00 -18.41
N ASP B 29 -10.82 33.44 -17.49
CA ASP B 29 -10.87 33.95 -16.13
C ASP B 29 -9.56 33.74 -15.40
N GLN B 30 -8.68 32.92 -15.98
CA GLN B 30 -7.34 32.70 -15.45
C GLN B 30 -6.22 33.62 -15.92
N TRP B 31 -6.54 34.51 -16.86
CA TRP B 31 -5.53 35.27 -17.54
C TRP B 31 -6.04 36.68 -17.62
N PRO B 32 -5.14 37.65 -17.51
CA PRO B 32 -5.63 39.02 -17.65
C PRO B 32 -6.24 39.28 -19.06
N GLU B 33 -7.21 40.20 -19.12
CA GLU B 33 -8.02 40.45 -20.32
C GLU B 33 -7.15 40.64 -21.54
N GLU B 34 -5.93 41.19 -21.35
CA GLU B 34 -4.99 41.41 -22.44
C GLU B 34 -4.70 40.17 -23.19
N VAL B 35 -4.54 39.07 -22.49
CA VAL B 35 -4.08 37.91 -23.22
C VAL B 35 -5.17 37.34 -24.12
N TRP B 36 -6.41 37.80 -23.93
CA TRP B 36 -7.50 37.20 -24.69
C TRP B 36 -7.36 37.57 -26.14
N ASP B 37 -6.85 38.78 -26.42
CA ASP B 37 -6.52 39.16 -27.81
C ASP B 37 -5.50 38.23 -28.46
N ASP B 38 -4.45 37.87 -27.70
CA ASP B 38 -3.44 36.93 -28.19
C ASP B 38 -4.06 35.55 -28.40
N ASP B 39 -4.95 35.17 -27.49
CA ASP B 39 -5.65 33.87 -27.65
C ASP B 39 -6.41 33.82 -28.99
N ILE B 40 -7.17 34.87 -29.25
CA ILE B 40 -7.94 34.95 -30.49
C ILE B 40 -7.02 34.83 -31.70
N ARG B 41 -5.91 35.59 -31.70
CA ARG B 41 -4.95 35.51 -32.81
C ARG B 41 -4.46 34.12 -33.10
N LEU B 42 -4.08 33.41 -32.05
CA LEU B 42 -3.55 32.08 -32.19
C LEU B 42 -4.63 31.03 -32.48
N MET B 43 -5.82 31.21 -31.92
CA MET B 43 -6.94 30.35 -32.27
C MET B 43 -7.17 30.39 -33.78
N LYS B 44 -7.21 31.61 -34.35
CA LYS B 44 -7.34 31.76 -35.82
C LYS B 44 -6.22 31.04 -36.59
N LYS B 45 -5.02 31.15 -36.12
CA LYS B 45 -3.90 30.46 -36.75
C LYS B 45 -4.00 28.93 -36.67
N ALA B 46 -4.63 28.42 -35.62
CA ALA B 46 -4.70 26.98 -35.41
C ALA B 46 -5.89 26.36 -36.12
N GLY B 47 -6.77 27.20 -36.63
CA GLY B 47 -8.00 26.69 -37.25
C GLY B 47 -9.05 26.29 -36.22
N VAL B 48 -9.02 26.96 -35.05
CA VAL B 48 -9.96 26.73 -33.98
C VAL B 48 -11.30 27.41 -34.26
N ASN B 49 -12.42 26.69 -34.11
CA ASN B 49 -13.75 27.33 -34.35
C ASN B 49 -14.79 27.15 -33.23
N LEU B 50 -14.36 26.49 -32.16
CA LEU B 50 -15.22 26.19 -31.04
C LEU B 50 -14.40 25.99 -29.77
N VAL B 51 -14.82 26.62 -28.67
CA VAL B 51 -14.16 26.41 -27.39
C VAL B 51 -15.24 26.31 -26.31
N SER B 52 -14.90 25.79 -25.13
CA SER B 52 -15.87 25.58 -24.08
C SER B 52 -15.47 26.43 -22.91
N VAL B 53 -16.39 27.22 -22.43
CA VAL B 53 -15.99 28.26 -21.49
C VAL B 53 -16.91 28.20 -20.30
N GLY B 54 -16.43 28.69 -19.16
CA GLY B 54 -17.23 28.84 -17.94
C GLY B 54 -17.34 27.53 -17.13
N ILE B 55 -16.60 26.50 -17.49
CA ILE B 55 -16.85 25.21 -16.87
C ILE B 55 -16.73 25.23 -15.34
N PHE B 56 -15.67 25.90 -14.87
CA PHE B 56 -15.49 26.10 -13.43
C PHE B 56 -15.58 27.51 -12.97
N SER B 57 -16.47 28.28 -13.60
CA SER B 57 -16.59 29.73 -13.33
C SER B 57 -17.66 30.13 -12.31
N TRP B 58 -18.21 29.18 -11.53
CA TRP B 58 -19.22 29.55 -10.54
C TRP B 58 -18.78 30.67 -9.64
N ALA B 59 -17.58 30.60 -9.09
CA ALA B 59 -17.16 31.65 -8.17
C ALA B 59 -16.91 33.00 -8.87
N LYS B 60 -16.65 33.01 -10.18
CA LYS B 60 -16.52 34.30 -10.91
C LYS B 60 -17.91 34.88 -11.30
N ILE B 61 -18.84 33.98 -11.60
CA ILE B 61 -20.18 34.37 -12.02
C ILE B 61 -21.05 34.75 -10.83
N GLU B 62 -20.91 34.02 -9.72
CA GLU B 62 -21.69 34.30 -8.51
C GLU B 62 -20.68 34.46 -7.42
N PRO B 63 -20.01 35.63 -7.36
CA PRO B 63 -18.83 35.71 -6.43
C PRO B 63 -19.17 35.89 -4.97
N GLU B 64 -20.37 36.33 -4.68
CA GLU B 64 -20.92 36.11 -3.37
C GLU B 64 -22.38 35.68 -3.51
N GLU B 65 -22.95 35.13 -2.47
CA GLU B 65 -24.26 34.59 -2.60
C GLU B 65 -25.27 35.66 -3.10
N GLY B 66 -26.00 35.30 -4.14
CA GLY B 66 -27.02 36.15 -4.74
C GLY B 66 -26.54 37.36 -5.50
N LYS B 67 -25.24 37.46 -5.80
CA LYS B 67 -24.75 38.54 -6.59
C LYS B 67 -24.12 37.86 -7.80
N TYR B 68 -24.31 38.41 -9.01
CA TYR B 68 -23.93 37.83 -10.31
C TYR B 68 -23.09 38.82 -11.14
N ASP B 69 -22.06 38.31 -11.79
CA ASP B 69 -21.10 39.09 -12.52
C ASP B 69 -20.85 38.40 -13.85
N PHE B 70 -21.58 38.87 -14.87
CA PHE B 70 -21.52 38.34 -16.21
C PHE B 70 -20.63 39.15 -17.17
N ASP B 71 -20.32 40.42 -16.87
CA ASP B 71 -19.74 41.30 -17.91
C ASP B 71 -18.49 40.69 -18.49
N TRP B 72 -17.65 40.10 -17.64
CA TRP B 72 -16.37 39.52 -18.12
C TRP B 72 -16.55 38.41 -19.14
N LEU B 73 -17.56 37.56 -18.89
CA LEU B 73 -17.80 36.45 -19.80
C LEU B 73 -18.51 36.94 -21.07
N ASP B 74 -19.44 37.85 -20.91
CA ASP B 74 -20.05 38.55 -22.08
C ASP B 74 -18.99 39.11 -23.00
N ARG B 75 -17.95 39.76 -22.45
CA ARG B 75 -16.91 40.29 -23.29
C ARG B 75 -16.04 39.20 -23.94
N ALA B 76 -15.69 38.17 -23.17
CA ALA B 76 -14.97 37.02 -23.78
C ALA B 76 -15.75 36.40 -24.96
N ILE B 77 -17.01 36.10 -24.74
CA ILE B 77 -17.80 35.45 -25.77
C ILE B 77 -17.91 36.33 -27.05
N ASP B 78 -18.06 37.63 -26.85
CA ASP B 78 -18.11 38.55 -27.97
C ASP B 78 -16.86 38.42 -28.81
N LYS B 79 -15.73 38.42 -28.11
CA LYS B 79 -14.44 38.43 -28.78
C LYS B 79 -14.30 37.24 -29.62
N LEU B 80 -14.62 36.10 -29.02
CA LEU B 80 -14.57 34.86 -29.73
C LEU B 80 -15.53 34.87 -30.95
N GLY B 81 -16.77 35.24 -30.70
CA GLY B 81 -17.78 35.17 -31.73
C GLY B 81 -17.48 36.10 -32.91
N LYS B 82 -17.01 37.31 -32.62
CA LYS B 82 -16.67 38.23 -33.70
C LYS B 82 -15.54 37.65 -34.52
N ALA B 83 -14.69 36.80 -33.92
CA ALA B 83 -13.62 36.15 -34.66
C ALA B 83 -14.07 34.88 -35.36
N GLY B 84 -15.37 34.60 -35.32
CA GLY B 84 -15.85 33.41 -35.99
C GLY B 84 -15.81 32.20 -35.07
N ILE B 85 -15.58 32.38 -33.77
CA ILE B 85 -15.39 31.18 -32.91
C ILE B 85 -16.61 30.96 -32.02
N ALA B 86 -17.15 29.75 -32.14
CA ALA B 86 -18.42 29.37 -31.58
C ALA B 86 -18.17 28.96 -30.14
N VAL B 87 -19.14 29.15 -29.29
CA VAL B 87 -18.97 28.88 -27.87
C VAL B 87 -19.93 27.78 -27.35
N ASP B 88 -19.36 26.86 -26.60
CA ASP B 88 -20.06 25.78 -25.89
C ASP B 88 -20.02 26.24 -24.45
N LEU B 89 -21.18 26.73 -24.01
CA LEU B 89 -21.30 27.40 -22.73
C LEU B 89 -21.60 26.38 -21.65
N ALA B 90 -20.88 26.51 -20.53
CA ALA B 90 -21.09 25.59 -19.41
C ALA B 90 -22.18 26.13 -18.57
N SER B 91 -22.78 25.27 -17.77
CA SER B 91 -23.71 25.68 -16.74
C SER B 91 -23.00 26.33 -15.57
N ALA B 92 -21.71 26.04 -15.46
CA ALA B 92 -20.79 26.54 -14.41
C ALA B 92 -20.99 25.85 -13.07
N THR B 93 -21.80 24.80 -13.07
CA THR B 93 -22.20 24.15 -11.87
C THR B 93 -21.35 22.96 -11.49
N ALA B 94 -20.21 22.80 -12.15
CA ALA B 94 -19.31 21.72 -11.83
C ALA B 94 -18.74 21.74 -10.40
N SER B 95 -18.34 22.89 -9.89
CA SER B 95 -17.78 22.99 -8.51
C SER B 95 -18.22 24.29 -7.86
N PRO B 96 -18.68 24.24 -6.60
CA PRO B 96 -19.22 25.41 -5.96
C PRO B 96 -18.16 26.29 -5.32
N PRO B 97 -18.50 27.57 -5.13
CA PRO B 97 -17.58 28.46 -4.49
C PRO B 97 -17.42 28.22 -2.98
N MET B 98 -16.39 28.81 -2.40
CA MET B 98 -16.15 28.65 -1.00
C MET B 98 -17.28 29.27 -0.16
N TRP B 99 -17.83 30.43 -0.54
CA TRP B 99 -18.91 31.01 0.29
C TRP B 99 -20.05 30.01 0.44
N LEU B 100 -20.30 29.25 -0.61
CA LEU B 100 -21.40 28.29 -0.64
C LEU B 100 -21.16 27.15 0.37
N THR B 101 -20.03 26.47 0.26
CA THR B 101 -19.69 25.38 1.17
C THR B 101 -19.46 25.87 2.59
N GLN B 102 -18.95 27.10 2.80
CA GLN B 102 -18.85 27.68 4.13
C GLN B 102 -20.23 27.88 4.76
N ALA B 103 -21.18 28.36 3.95
CA ALA B 103 -22.53 28.62 4.42
C ALA B 103 -23.28 27.32 4.66
N HIS B 104 -22.91 26.32 3.88
CA HIS B 104 -23.58 25.01 3.85
C HIS B 104 -22.64 23.83 3.76
N PRO B 105 -21.98 23.52 4.86
CA PRO B 105 -21.11 22.36 4.87
C PRO B 105 -21.86 21.04 4.60
N GLU B 106 -23.19 21.04 4.73
CA GLU B 106 -23.97 19.82 4.45
C GLU B 106 -23.94 19.44 2.98
N VAL B 107 -23.47 20.35 2.10
CA VAL B 107 -23.24 19.94 0.69
C VAL B 107 -22.09 18.95 0.44
N LEU B 108 -21.13 18.90 1.36
CA LEU B 108 -19.90 18.12 1.20
C LEU B 108 -20.20 16.62 1.34
N TRP B 109 -19.68 15.83 0.39
CA TRP B 109 -19.84 14.38 0.47
C TRP B 109 -18.98 13.77 1.58
N LYS B 110 -19.41 12.58 1.97
CA LYS B 110 -18.80 11.80 3.04
C LYS B 110 -18.32 10.49 2.49
N ASP B 111 -17.14 10.06 2.92
CA ASP B 111 -16.58 8.85 2.42
C ASP B 111 -17.14 7.67 3.24
N GLU B 112 -16.64 6.49 3.00
CA GLU B 112 -17.14 5.26 3.61
CA GLU B 112 -17.24 5.31 3.60
C GLU B 112 -17.10 5.27 5.13
N ARG B 113 -16.15 6.04 5.67
CA ARG B 113 -15.94 6.07 7.09
C ARG B 113 -16.74 7.21 7.72
N GLY B 114 -17.55 7.86 6.92
CA GLY B 114 -18.25 9.07 7.30
C GLY B 114 -17.35 10.30 7.36
N ASP B 115 -16.16 10.29 6.79
CA ASP B 115 -15.33 11.50 6.83
C ASP B 115 -15.70 12.49 5.76
N THR B 116 -15.73 13.74 6.17
CA THR B 116 -16.04 14.81 5.27
C THR B 116 -14.93 15.04 4.24
N VAL B 117 -15.32 15.14 2.98
CA VAL B 117 -14.48 15.60 1.90
C VAL B 117 -14.64 17.09 1.71
N TRP B 118 -13.56 17.79 2.03
CA TRP B 118 -13.51 19.25 2.01
C TRP B 118 -13.25 19.89 0.66
N PRO B 119 -13.51 21.20 0.59
CA PRO B 119 -12.98 21.90 -0.55
C PRO B 119 -11.46 21.84 -0.54
N GLY B 120 -10.87 22.28 -1.64
CA GLY B 120 -9.43 22.31 -1.80
C GLY B 120 -9.05 21.81 -3.15
N ALA B 121 -9.92 21.00 -3.77
CA ALA B 121 -9.82 20.57 -5.11
C ALA B 121 -11.15 20.85 -5.86
N ARG B 122 -11.88 19.84 -6.31
CA ARG B 122 -13.16 20.11 -6.95
C ARG B 122 -14.22 19.05 -6.82
N GLU B 123 -15.46 19.44 -7.16
CA GLU B 123 -16.60 18.48 -7.29
C GLU B 123 -16.93 17.86 -5.92
N HIS B 124 -16.73 18.67 -4.88
CA HIS B 124 -16.83 18.18 -3.49
C HIS B 124 -18.25 18.40 -3.05
N TRP B 125 -19.20 17.71 -3.68
CA TRP B 125 -20.61 17.85 -3.30
C TRP B 125 -21.35 16.51 -3.43
N ARG B 126 -22.35 16.33 -2.58
CA ARG B 126 -23.17 15.15 -2.51
C ARG B 126 -24.12 15.12 -3.72
N PRO B 127 -24.03 14.09 -4.53
CA PRO B 127 -24.96 14.01 -5.66
C PRO B 127 -26.44 14.10 -5.31
N THR B 128 -26.82 13.62 -4.14
CA THR B 128 -28.22 13.67 -3.71
C THR B 128 -28.52 14.77 -2.69
N SER B 129 -27.60 15.71 -2.49
CA SER B 129 -27.94 16.86 -1.62
C SER B 129 -29.08 17.74 -2.19
N PRO B 130 -30.16 17.96 -1.40
CA PRO B 130 -31.17 18.89 -1.95
C PRO B 130 -30.73 20.35 -1.94
N VAL B 131 -29.86 20.73 -1.01
CA VAL B 131 -29.30 22.09 -0.95
C VAL B 131 -28.43 22.35 -2.14
N PHE B 132 -27.58 21.39 -2.51
CA PHE B 132 -26.70 21.59 -3.63
C PHE B 132 -27.52 21.76 -4.87
N ARG B 133 -28.53 20.90 -5.00
CA ARG B 133 -29.39 20.96 -6.16
C ARG B 133 -30.07 22.32 -6.35
N GLU B 134 -30.69 22.83 -5.28
CA GLU B 134 -31.28 24.16 -5.31
C GLU B 134 -30.26 25.19 -5.83
N TYR B 135 -29.01 25.13 -5.37
CA TYR B 135 -27.99 26.11 -5.85
C TYR B 135 -27.60 25.91 -7.31
N ALA B 136 -27.46 24.64 -7.72
CA ALA B 136 -27.07 24.34 -9.07
C ALA B 136 -28.19 24.78 -10.03
N LEU B 137 -29.44 24.42 -9.72
CA LEU B 137 -30.56 24.83 -10.61
C LEU B 137 -30.72 26.36 -10.67
N ASN B 138 -30.47 27.08 -9.58
CA ASN B 138 -30.55 28.54 -9.57
C ASN B 138 -29.52 29.11 -10.52
N LEU B 139 -28.28 28.58 -10.46
CA LEU B 139 -27.26 29.02 -11.40
C LEU B 139 -27.63 28.64 -12.84
N CYS B 140 -28.12 27.42 -13.10
CA CYS B 140 -28.62 27.11 -14.42
C CYS B 140 -29.67 28.11 -14.91
N ARG B 141 -30.65 28.45 -14.07
CA ARG B 141 -31.72 29.45 -14.45
C ARG B 141 -31.10 30.79 -14.84
N ARG B 142 -30.17 31.28 -14.04
CA ARG B 142 -29.52 32.56 -14.27
C ARG B 142 -28.63 32.61 -15.53
N MET B 143 -27.87 31.54 -15.74
CA MET B 143 -27.04 31.43 -16.92
C MET B 143 -27.87 31.42 -18.17
N ALA B 144 -28.86 30.55 -18.21
CA ALA B 144 -29.73 30.45 -19.36
C ALA B 144 -30.49 31.79 -19.63
N GLU B 145 -31.00 32.41 -18.57
CA GLU B 145 -31.72 33.65 -18.73
C GLU B 145 -30.78 34.71 -19.28
N HIS B 146 -29.55 34.77 -18.78
CA HIS B 146 -28.63 35.78 -19.27
C HIS B 146 -28.15 35.50 -20.70
N TYR B 147 -27.98 34.25 -21.06
CA TYR B 147 -27.39 33.92 -22.38
C TYR B 147 -28.38 33.50 -23.45
N LYS B 148 -29.67 33.56 -23.10
CA LYS B 148 -30.72 33.19 -24.03
C LYS B 148 -30.57 34.10 -25.24
N GLY B 149 -30.56 33.53 -26.42
CA GLY B 149 -30.47 34.33 -27.64
C GLY B 149 -29.10 34.87 -27.98
N ASN B 150 -28.07 34.52 -27.19
CA ASN B 150 -26.72 35.02 -27.50
C ASN B 150 -26.35 34.37 -28.81
N PRO B 151 -25.89 35.17 -29.79
CA PRO B 151 -25.67 34.64 -31.12
C PRO B 151 -24.43 33.81 -31.28
N TYR B 152 -23.59 33.71 -30.26
CA TYR B 152 -22.36 32.88 -30.38
C TYR B 152 -22.37 31.60 -29.57
N VAL B 153 -23.42 31.40 -28.78
CA VAL B 153 -23.53 30.19 -27.99
C VAL B 153 -24.26 29.14 -28.78
N VAL B 154 -23.62 27.99 -29.04
CA VAL B 154 -24.17 26.89 -29.82
C VAL B 154 -24.46 25.56 -29.14
N ALA B 155 -24.12 25.47 -27.86
CA ALA B 155 -24.43 24.30 -27.09
C ALA B 155 -24.29 24.58 -25.58
N TRP B 156 -24.88 23.70 -24.78
CA TRP B 156 -24.63 23.67 -23.38
C TRP B 156 -23.75 22.48 -22.98
N HIS B 157 -22.78 22.79 -22.12
CA HIS B 157 -21.86 21.82 -21.49
C HIS B 157 -22.31 21.77 -20.04
N VAL B 158 -23.13 20.79 -19.73
CA VAL B 158 -23.77 20.74 -18.41
C VAL B 158 -22.79 20.14 -17.39
N SER B 159 -22.47 20.97 -16.41
CA SER B 159 -21.57 20.57 -15.30
C SER B 159 -20.22 20.17 -15.86
N ASN B 160 -19.61 19.16 -15.27
CA ASN B 160 -18.39 18.54 -15.82
C ASN B 160 -18.15 17.25 -15.17
N GLU B 161 -17.80 16.26 -15.98
CA GLU B 161 -17.63 14.86 -15.55
C GLU B 161 -18.31 14.49 -14.25
N TYR B 162 -19.65 14.50 -14.21
CA TYR B 162 -20.34 13.88 -13.09
C TYR B 162 -19.64 12.61 -12.58
N GLY B 163 -19.44 12.49 -11.28
CA GLY B 163 -18.85 11.29 -10.68
C GLY B 163 -17.34 11.08 -10.86
N CYS B 164 -16.63 12.09 -11.41
CA CYS B 164 -15.18 12.04 -11.46
C CYS B 164 -14.65 11.87 -10.07
N HIS B 165 -15.17 12.66 -9.11
CA HIS B 165 -14.67 12.61 -7.73
C HIS B 165 -15.75 12.25 -6.71
N ASN B 166 -17.02 12.45 -7.09
CA ASN B 166 -18.13 12.30 -6.15
C ASN B 166 -19.10 11.15 -6.55
N ARG B 167 -18.61 10.17 -7.28
CA ARG B 167 -19.43 9.00 -7.58
C ARG B 167 -20.09 8.37 -6.33
N PHE B 168 -19.31 8.18 -5.29
CA PHE B 168 -19.79 7.67 -4.02
C PHE B 168 -19.88 8.72 -2.94
N ASP B 169 -21.07 8.75 -2.32
CA ASP B 169 -21.36 9.47 -1.14
C ASP B 169 -21.98 8.50 -0.17
N TYR B 170 -21.65 8.64 1.12
CA TYR B 170 -22.19 7.75 2.16
C TYR B 170 -22.93 8.54 3.26
N SER B 171 -23.23 9.81 2.94
CA SER B 171 -23.98 10.72 3.85
C SER B 171 -25.37 10.19 4.01
N ASP B 172 -26.09 10.82 4.91
CA ASP B 172 -27.48 10.47 5.09
C ASP B 172 -28.34 10.89 3.97
N ASP B 173 -27.96 11.90 3.18
CA ASP B 173 -28.69 12.13 1.94
C ASP B 173 -28.63 10.94 1.01
N ALA B 174 -27.42 10.41 0.84
CA ALA B 174 -27.31 9.21 0.04
C ALA B 174 -28.07 8.06 0.65
N MET B 175 -28.07 7.92 1.97
CA MET B 175 -28.80 6.76 2.58
C MET B 175 -30.29 6.84 2.27
N ARG B 176 -30.85 8.04 2.39
CA ARG B 176 -32.27 8.23 2.10
C ARG B 176 -32.57 7.94 0.62
N ALA B 177 -31.71 8.45 -0.26
CA ALA B 177 -31.90 8.26 -1.69
C ALA B 177 -31.77 6.80 -2.07
N PHE B 178 -30.84 6.10 -1.46
CA PHE B 178 -30.63 4.71 -1.81
C PHE B 178 -31.83 3.86 -1.39
N GLN B 179 -32.43 4.17 -0.24
CA GLN B 179 -33.67 3.56 0.18
C GLN B 179 -34.81 3.72 -0.84
N LYS B 180 -35.03 4.93 -1.33
CA LYS B 180 -36.06 5.18 -2.30
C LYS B 180 -35.75 4.49 -3.63
N TRP B 181 -34.47 4.48 -4.01
CA TRP B 181 -34.04 3.76 -5.24
C TRP B 181 -34.32 2.27 -5.17
N CYS B 182 -34.01 1.65 -4.05
CA CYS B 182 -34.30 0.23 -3.86
C CYS B 182 -35.84 -0.08 -3.89
N LYS B 183 -36.62 0.79 -3.28
CA LYS B 183 -38.05 0.66 -3.31
C LYS B 183 -38.57 0.75 -4.74
N LYS B 184 -38.04 1.70 -5.50
CA LYS B 184 -38.42 1.84 -6.89
C LYS B 184 -38.02 0.62 -7.73
N ARG B 185 -36.82 0.10 -7.50
CA ARG B 185 -36.33 -1.04 -8.22
C ARG B 185 -37.03 -2.32 -7.82
N TYR B 186 -37.23 -2.54 -6.52
CA TYR B 186 -37.68 -3.85 -6.03
C TYR B 186 -39.11 -3.93 -5.46
N LYS B 187 -39.74 -2.78 -5.16
CA LYS B 187 -41.10 -2.70 -4.66
C LYS B 187 -41.29 -3.12 -3.21
N THR B 188 -40.80 -4.29 -2.87
CA THR B 188 -40.94 -4.77 -1.52
C THR B 188 -39.57 -5.08 -0.92
N ILE B 189 -39.48 -4.96 0.38
CA ILE B 189 -38.28 -5.39 1.14
C ILE B 189 -38.00 -6.87 1.00
N ASP B 190 -39.02 -7.67 0.78
CA ASP B 190 -38.81 -9.09 0.56
C ASP B 190 -38.00 -9.28 -0.71
N ALA B 191 -38.29 -8.51 -1.74
CA ALA B 191 -37.57 -8.72 -3.01
C ALA B 191 -36.13 -8.24 -2.91
N VAL B 192 -35.89 -7.19 -2.12
CA VAL B 192 -34.52 -6.77 -1.78
C VAL B 192 -33.82 -7.89 -1.05
N ASN B 193 -34.47 -8.47 -0.03
CA ASN B 193 -33.86 -9.57 0.73
C ASN B 193 -33.43 -10.76 -0.18
N GLU B 194 -34.30 -11.04 -1.15
CA GLU B 194 -34.09 -12.06 -2.18
C GLU B 194 -32.94 -11.72 -3.13
N ALA B 195 -32.97 -10.51 -3.68
CA ALA B 195 -31.89 -9.99 -4.52
C ALA B 195 -30.51 -10.14 -3.88
N TRP B 196 -30.38 -9.66 -2.66
CA TRP B 196 -29.09 -9.54 -1.99
C TRP B 196 -28.74 -10.78 -1.18
N GLY B 197 -29.58 -11.84 -1.25
CA GLY B 197 -29.27 -13.08 -0.58
C GLY B 197 -29.02 -12.89 0.91
N THR B 198 -29.90 -12.15 1.55
CA THR B 198 -29.65 -11.74 2.92
C THR B 198 -29.91 -12.82 4.01
N ALA B 199 -30.39 -13.98 3.62
CA ALA B 199 -30.44 -15.05 4.60
C ALA B 199 -29.05 -15.44 5.12
N PHE B 200 -28.04 -15.10 4.37
CA PHE B 200 -26.66 -15.33 4.75
C PHE B 200 -26.13 -14.25 5.72
N TRP B 201 -25.44 -14.67 6.77
CA TRP B 201 -24.86 -13.76 7.78
C TRP B 201 -25.87 -12.86 8.46
N ALA B 202 -27.10 -13.36 8.65
CA ALA B 202 -28.09 -12.63 9.46
C ALA B 202 -28.30 -11.16 9.01
N GLN B 203 -28.44 -10.98 7.70
CA GLN B 203 -28.61 -9.65 7.12
C GLN B 203 -30.08 -9.37 6.72
N HIS B 204 -31.02 -10.25 7.09
CA HIS B 204 -32.43 -10.03 6.76
C HIS B 204 -32.92 -8.67 7.28
N MET B 205 -33.58 -7.93 6.40
CA MET B 205 -34.14 -6.58 6.69
C MET B 205 -35.65 -6.65 6.73
N ASN B 206 -36.23 -6.02 7.76
CA ASN B 206 -37.67 -5.99 7.95
C ASN B 206 -38.38 -4.94 7.13
N ASP B 207 -37.65 -3.92 6.68
CA ASP B 207 -38.23 -2.82 5.95
C ASP B 207 -37.12 -1.98 5.29
N PHE B 208 -37.51 -1.02 4.48
CA PHE B 208 -36.51 -0.17 3.73
C PHE B 208 -35.65 0.74 4.62
N SER B 209 -36.08 1.01 5.85
CA SER B 209 -35.27 1.80 6.76
C SER B 209 -34.10 1.01 7.26
N GLU B 210 -34.07 -0.32 7.09
CA GLU B 210 -32.93 -1.09 7.48
C GLU B 210 -31.88 -1.22 6.40
N ILE B 211 -32.09 -0.61 5.24
CA ILE B 211 -31.10 -0.55 4.18
C ILE B 211 -30.18 0.65 4.43
N ILE B 212 -28.90 0.37 4.68
CA ILE B 212 -27.89 1.41 4.81
C ILE B 212 -26.91 1.27 3.64
N PRO B 213 -26.15 2.34 3.32
CA PRO B 213 -25.24 2.25 2.22
C PRO B 213 -24.11 1.37 2.63
N PRO B 214 -23.36 0.87 1.65
CA PRO B 214 -22.16 0.06 1.98
C PRO B 214 -20.97 0.91 2.61
N ARG B 215 -21.23 1.42 3.83
CA ARG B 215 -20.27 2.05 4.70
C ARG B 215 -19.15 1.11 5.17
N TYR B 216 -18.17 1.74 5.77
CA TYR B 216 -17.02 1.10 6.32
C TYR B 216 -17.42 -0.11 7.17
N ILE B 217 -16.88 -1.27 6.84
CA ILE B 217 -17.10 -2.49 7.62
C ILE B 217 -15.82 -3.13 8.10
N GLY B 218 -14.72 -2.37 8.14
CA GLY B 218 -13.45 -2.90 8.51
C GLY B 218 -12.65 -3.42 7.34
N ASP B 219 -11.36 -3.10 7.35
CA ASP B 219 -10.49 -3.44 6.24
C ASP B 219 -10.48 -4.97 6.11
N GLY B 220 -10.51 -5.45 4.87
CA GLY B 220 -10.39 -6.87 4.62
C GLY B 220 -11.66 -7.72 4.75
N ASN B 221 -12.75 -7.10 5.16
CA ASN B 221 -14.07 -7.76 5.32
C ASN B 221 -14.91 -7.65 4.08
N PHE B 222 -15.90 -8.53 3.94
CA PHE B 222 -16.60 -8.60 2.67
C PHE B 222 -18.00 -8.09 2.71
N MET B 223 -18.27 -7.12 1.85
CA MET B 223 -19.58 -6.48 1.80
C MET B 223 -20.57 -7.39 1.07
N ASN B 224 -21.85 -7.23 1.31
CA ASN B 224 -22.86 -7.97 0.53
C ASN B 224 -22.70 -7.61 -0.95
N PRO B 225 -22.41 -8.60 -1.80
CA PRO B 225 -22.04 -8.22 -3.16
C PRO B 225 -23.24 -7.70 -4.01
N GLY B 226 -24.41 -8.26 -3.80
CA GLY B 226 -25.60 -7.75 -4.48
C GLY B 226 -25.88 -6.32 -4.06
N LYS B 227 -25.70 -6.00 -2.79
CA LYS B 227 -25.88 -4.63 -2.35
C LYS B 227 -24.83 -3.67 -2.97
N LEU B 228 -23.58 -4.12 -3.04
CA LEU B 228 -22.50 -3.27 -3.57
C LEU B 228 -22.66 -2.96 -5.06
N LEU B 229 -23.06 -3.97 -5.84
CA LEU B 229 -23.40 -3.81 -7.23
C LEU B 229 -24.56 -2.82 -7.35
N ASP B 230 -25.63 -3.05 -6.60
CA ASP B 230 -26.74 -2.09 -6.66
C ASP B 230 -26.34 -0.66 -6.26
N TYR B 231 -25.44 -0.53 -5.31
CA TYR B 231 -24.94 0.81 -4.92
C TYR B 231 -24.25 1.52 -6.10
N LYS B 232 -23.59 0.77 -6.98
CA LYS B 232 -22.94 1.34 -8.16
C LYS B 232 -24.00 1.78 -9.20
N ARG B 233 -25.05 0.98 -9.34
CA ARG B 233 -26.18 1.29 -10.22
C ARG B 233 -26.88 2.55 -9.72
N PHE B 234 -27.14 2.57 -8.42
CA PHE B 234 -27.78 3.68 -7.78
C PHE B 234 -26.97 5.02 -7.89
N SER B 235 -25.69 4.95 -7.61
CA SER B 235 -24.77 6.10 -7.74
C SER B 235 -24.81 6.72 -9.11
N SER B 236 -24.79 5.88 -10.12
CA SER B 236 -24.88 6.31 -11.46
C SER B 236 -26.25 6.94 -11.73
N ASP B 237 -27.32 6.27 -11.30
CA ASP B 237 -28.67 6.86 -11.43
C ASP B 237 -28.78 8.15 -10.68
N ALA B 238 -28.19 8.24 -9.49
CA ALA B 238 -28.38 9.44 -8.69
C ALA B 238 -27.82 10.69 -9.37
N LEU B 239 -26.62 10.54 -9.91
CA LEU B 239 -25.99 11.59 -10.68
C LEU B 239 -26.74 11.86 -11.99
N LYS B 240 -27.23 10.79 -12.60
CA LYS B 240 -28.04 10.99 -13.81
C LYS B 240 -29.28 11.90 -13.55
N GLU B 241 -29.94 11.69 -12.42
CA GLU B 241 -31.11 12.44 -12.05
C GLU B 241 -30.80 13.92 -11.81
N LEU B 242 -29.66 14.23 -11.20
CA LEU B 242 -29.21 15.64 -11.08
C LEU B 242 -28.95 16.26 -12.42
N TYR B 243 -28.23 15.53 -13.28
CA TYR B 243 -27.95 15.99 -14.63
C TYR B 243 -29.28 16.33 -15.40
N ILE B 244 -30.21 15.43 -15.30
CA ILE B 244 -31.51 15.61 -15.90
C ILE B 244 -32.20 16.87 -15.40
N ALA B 245 -32.18 17.10 -14.10
CA ALA B 245 -32.76 18.29 -13.54
C ALA B 245 -32.09 19.58 -14.04
N GLU B 246 -30.76 19.57 -14.17
CA GLU B 246 -29.98 20.71 -14.69
C GLU B 246 -30.29 20.97 -16.17
N ARG B 247 -30.20 19.91 -16.97
CA ARG B 247 -30.56 19.87 -18.40
C ARG B 247 -31.96 20.46 -18.66
N ASP B 248 -32.94 20.02 -17.88
CA ASP B 248 -34.33 20.47 -18.11
C ASP B 248 -34.51 21.91 -17.76
N VAL B 249 -33.83 22.37 -16.74
CA VAL B 249 -33.86 23.81 -16.45
C VAL B 249 -33.27 24.64 -17.56
N LEU B 250 -32.10 24.26 -18.05
CA LEU B 250 -31.51 24.99 -19.18
C LEU B 250 -32.40 24.97 -20.44
N GLU B 251 -32.92 23.80 -20.72
CA GLU B 251 -33.73 23.59 -21.90
C GLU B 251 -35.06 24.35 -21.84
N SER B 252 -35.66 24.43 -20.66
CA SER B 252 -36.85 25.20 -20.48
C SER B 252 -36.65 26.67 -20.85
N ILE B 253 -35.45 27.20 -20.72
CA ILE B 253 -35.24 28.60 -20.99
C ILE B 253 -34.67 28.79 -22.36
N THR B 254 -33.91 27.84 -22.85
CA THR B 254 -33.27 27.98 -24.15
C THR B 254 -33.66 26.87 -25.10
N PRO B 255 -34.97 26.73 -25.42
CA PRO B 255 -35.36 25.52 -26.16
C PRO B 255 -34.63 25.37 -27.47
N GLY B 256 -34.26 24.16 -27.83
CA GLY B 256 -33.51 23.96 -29.06
C GLY B 256 -31.98 24.02 -29.02
N LEU B 257 -31.40 24.71 -28.04
CA LEU B 257 -29.94 24.74 -27.89
C LEU B 257 -29.52 23.37 -27.38
N PRO B 258 -28.72 22.66 -28.17
CA PRO B 258 -28.31 21.30 -27.83
C PRO B 258 -27.52 21.18 -26.51
N LEU B 259 -27.83 20.14 -25.73
CA LEU B 259 -27.20 19.92 -24.42
C LEU B 259 -26.41 18.61 -24.40
N THR B 260 -25.21 18.65 -23.83
CA THR B 260 -24.46 17.44 -23.55
C THR B 260 -23.88 17.59 -22.18
N THR B 261 -23.37 16.49 -21.70
CA THR B 261 -22.43 16.46 -20.58
C THR B 261 -21.29 15.48 -20.91
N ASN B 262 -20.10 15.75 -20.40
CA ASN B 262 -18.92 15.02 -20.88
C ASN B 262 -18.70 13.75 -20.11
N PHE B 263 -18.57 12.65 -20.84
CA PHE B 263 -18.34 11.35 -20.26
C PHE B 263 -16.81 11.04 -20.03
N MET B 264 -16.57 9.92 -19.37
CA MET B 264 -15.26 9.45 -19.07
C MET B 264 -15.10 8.01 -19.60
N VAL B 265 -15.21 7.88 -20.92
CA VAL B 265 -15.20 6.58 -21.55
C VAL B 265 -13.76 6.21 -21.98
N SER B 266 -13.26 5.11 -21.43
CA SER B 266 -11.94 4.61 -21.75
C SER B 266 -12.03 3.16 -21.45
N ALA B 267 -11.03 2.38 -21.84
CA ALA B 267 -11.13 0.94 -21.68
C ALA B 267 -11.36 0.56 -20.21
N GLY B 268 -10.65 1.28 -19.33
CA GLY B 268 -10.63 0.95 -17.91
C GLY B 268 -11.52 1.81 -17.07
N GLY B 269 -12.35 2.63 -17.69
CA GLY B 269 -13.20 3.57 -16.94
C GLY B 269 -14.61 3.01 -16.81
N SER B 270 -15.16 3.05 -15.60
CA SER B 270 -16.51 2.57 -15.35
C SER B 270 -17.21 3.27 -14.21
N MET B 271 -17.02 4.59 -14.10
CA MET B 271 -17.57 5.37 -13.03
C MET B 271 -19.10 5.43 -13.08
N LEU B 272 -19.66 5.54 -14.29
CA LEU B 272 -21.14 5.54 -14.53
C LEU B 272 -21.51 4.53 -15.64
N ASP B 273 -22.78 4.17 -15.72
CA ASP B 273 -23.24 3.40 -16.89
C ASP B 273 -23.45 4.34 -18.05
N TYR B 274 -22.39 4.51 -18.82
CA TYR B 274 -22.39 5.49 -19.85
C TYR B 274 -23.28 5.12 -20.99
N ASP B 275 -23.53 3.82 -21.21
CA ASP B 275 -24.55 3.50 -22.18
C ASP B 275 -25.96 3.98 -21.79
N ASP B 276 -26.31 3.82 -20.52
CA ASP B 276 -27.55 4.35 -19.97
C ASP B 276 -27.59 5.87 -20.14
N TRP B 277 -26.51 6.54 -19.77
CA TRP B 277 -26.45 8.02 -19.81
C TRP B 277 -26.54 8.55 -21.22
N GLY B 278 -26.04 7.83 -22.21
CA GLY B 278 -26.11 8.30 -23.59
C GLY B 278 -27.50 8.66 -24.15
N ALA B 279 -28.54 8.04 -23.62
CA ALA B 279 -29.93 8.36 -23.94
C ALA B 279 -30.40 9.75 -23.47
N GLU B 280 -29.62 10.43 -22.63
CA GLU B 280 -30.10 11.65 -22.00
C GLU B 280 -29.38 12.90 -22.45
N VAL B 281 -28.56 12.76 -23.48
CA VAL B 281 -27.87 13.87 -24.09
C VAL B 281 -28.29 13.97 -25.56
N ASP B 282 -28.24 15.18 -26.12
CA ASP B 282 -28.58 15.45 -27.51
C ASP B 282 -27.49 14.99 -28.45
N PHE B 283 -26.26 14.96 -27.91
CA PHE B 283 -25.07 14.46 -28.61
C PHE B 283 -24.09 14.01 -27.54
N VAL B 284 -23.42 12.91 -27.81
CA VAL B 284 -22.66 12.20 -26.83
C VAL B 284 -21.24 12.76 -26.91
N SER B 285 -20.65 13.05 -25.75
CA SER B 285 -19.33 13.65 -25.70
C SER B 285 -18.46 13.00 -24.65
N ASN B 286 -17.18 12.86 -25.03
CA ASN B 286 -16.21 12.14 -24.26
C ASN B 286 -14.96 12.93 -23.90
N ASP B 287 -14.46 12.59 -22.73
CA ASP B 287 -13.13 12.99 -22.30
C ASP B 287 -12.27 11.74 -22.32
N HIS B 288 -11.14 11.79 -23.01
CA HIS B 288 -10.24 10.59 -23.06
C HIS B 288 -8.76 10.91 -23.18
N TYR B 289 -7.93 10.13 -22.48
CA TYR B 289 -6.53 10.39 -22.31
C TYR B 289 -5.71 9.13 -22.58
N PHE B 290 -4.69 9.30 -23.42
CA PHE B 290 -3.91 8.17 -23.93
C PHE B 290 -3.22 7.47 -22.77
N THR B 291 -3.16 6.16 -22.87
CA THR B 291 -2.35 5.35 -22.01
C THR B 291 -0.92 5.33 -22.60
N PRO B 292 0.10 5.79 -21.84
CA PRO B 292 1.49 5.73 -22.34
C PRO B 292 1.96 4.36 -22.65
N GLY B 293 2.85 4.23 -23.63
CA GLY B 293 3.43 2.94 -23.93
C GLY B 293 2.72 2.19 -25.01
N GLU B 294 2.78 0.87 -24.93
CA GLU B 294 2.45 0.06 -26.05
C GLU B 294 1.00 0.08 -26.40
N ALA B 295 0.14 0.30 -25.43
CA ALA B 295 -1.30 0.31 -25.71
C ALA B 295 -1.87 1.65 -26.26
N HIS B 296 -1.02 2.66 -26.45
CA HIS B 296 -1.42 4.06 -26.68
C HIS B 296 -2.44 4.19 -27.82
N PHE B 297 -2.00 3.78 -29.01
CA PHE B 297 -2.87 3.94 -30.18
C PHE B 297 -4.10 3.07 -30.12
N ASP B 298 -3.89 1.77 -29.92
CA ASP B 298 -5.00 0.85 -29.99
C ASP B 298 -6.09 1.14 -28.96
N GLU B 299 -5.74 1.70 -27.79
CA GLU B 299 -6.77 1.98 -26.78
C GLU B 299 -7.50 3.30 -27.04
N VAL B 300 -6.79 4.28 -27.59
CA VAL B 300 -7.37 5.43 -28.17
C VAL B 300 -8.49 5.04 -29.19
N ALA B 301 -8.13 4.15 -30.09
CA ALA B 301 -9.06 3.64 -31.08
C ALA B 301 -10.22 2.92 -30.42
N TYR B 302 -9.93 2.05 -29.44
CA TYR B 302 -10.94 1.27 -28.74
C TYR B 302 -11.95 2.21 -28.05
N ALA B 303 -11.43 3.18 -27.31
CA ALA B 303 -12.31 4.02 -26.56
C ALA B 303 -13.25 4.75 -27.55
N ALA B 304 -12.68 5.22 -28.68
CA ALA B 304 -13.44 6.03 -29.59
C ALA B 304 -14.47 5.10 -30.25
N SER B 305 -14.12 3.84 -30.48
CA SER B 305 -15.09 2.91 -31.01
C SER B 305 -16.24 2.68 -30.03
N LEU B 306 -15.92 2.56 -28.74
CA LEU B 306 -16.95 2.39 -27.72
C LEU B 306 -17.88 3.61 -27.67
N MET B 307 -17.29 4.78 -27.81
CA MET B 307 -18.03 5.98 -27.95
C MET B 307 -19.01 5.92 -29.14
N ASP B 308 -18.57 5.40 -30.28
CA ASP B 308 -19.43 5.29 -31.46
C ASP B 308 -20.55 4.27 -31.24
N GLY B 309 -20.31 3.25 -30.40
CA GLY B 309 -21.34 2.31 -29.99
C GLY B 309 -22.42 2.93 -29.05
N ILE B 310 -21.96 3.73 -28.11
CA ILE B 310 -22.78 4.43 -27.18
C ILE B 310 -23.64 5.44 -27.94
N SER B 311 -23.05 6.07 -28.97
CA SER B 311 -23.78 7.03 -29.80
C SER B 311 -24.68 6.41 -30.84
N ARG B 312 -24.69 5.09 -30.91
CA ARG B 312 -25.52 4.31 -31.83
C ARG B 312 -25.14 4.70 -33.28
N LYS B 313 -23.83 4.90 -33.46
CA LYS B 313 -23.19 5.42 -34.73
C LYS B 313 -23.55 6.84 -35.16
N GLU B 314 -24.28 7.58 -34.34
CA GLU B 314 -24.45 8.99 -34.61
C GLU B 314 -23.10 9.66 -34.38
N PRO B 315 -22.85 10.76 -35.13
CA PRO B 315 -21.66 11.50 -34.86
C PRO B 315 -21.60 11.91 -33.40
N TRP B 316 -20.41 11.90 -32.86
CA TRP B 316 -20.20 12.26 -31.44
C TRP B 316 -19.04 13.24 -31.30
N PHE B 317 -18.81 13.69 -30.07
CA PHE B 317 -18.00 14.88 -29.79
C PHE B 317 -16.86 14.50 -28.85
N GLN B 318 -15.63 14.69 -29.34
CA GLN B 318 -14.44 14.52 -28.47
C GLN B 318 -14.24 15.79 -27.73
N MET B 319 -14.76 15.82 -26.51
CA MET B 319 -14.78 17.07 -25.73
C MET B 319 -13.40 17.45 -25.20
N GLU B 320 -12.68 16.44 -24.77
CA GLU B 320 -11.36 16.56 -24.21
C GLU B 320 -10.47 15.41 -24.54
N HIS B 321 -9.21 15.77 -24.74
CA HIS B 321 -8.07 14.87 -24.71
C HIS B 321 -6.81 15.71 -24.52
N SER B 322 -5.62 15.10 -24.59
CA SER B 322 -4.37 15.86 -24.32
C SER B 322 -3.44 15.84 -25.52
N THR B 323 -2.78 16.98 -25.75
CA THR B 323 -1.77 17.08 -26.80
C THR B 323 -0.56 16.23 -26.46
N SER B 324 -0.26 16.17 -25.16
CA SER B 324 0.88 15.41 -24.68
C SER B 324 0.62 14.90 -23.25
N ALA B 325 1.59 15.07 -22.35
CA ALA B 325 1.48 14.59 -20.98
C ALA B 325 0.28 15.18 -20.24
N VAL B 326 -0.26 14.33 -19.38
CA VAL B 326 -1.22 14.84 -18.33
C VAL B 326 -0.50 15.24 -17.03
N ASN B 327 -1.28 15.73 -16.02
CA ASN B 327 -0.77 16.00 -14.67
C ASN B 327 -0.98 14.86 -13.64
N TRP B 328 -1.88 13.91 -13.91
CA TRP B 328 -2.47 13.08 -12.84
C TRP B 328 -1.97 11.64 -12.78
N ARG B 329 -0.95 11.30 -13.53
CA ARG B 329 -0.35 9.99 -13.44
C ARG B 329 0.85 10.06 -12.45
N PRO B 330 1.26 8.93 -11.90
CA PRO B 330 2.50 8.90 -11.11
C PRO B 330 3.76 9.29 -11.90
N ILE B 331 3.81 8.89 -13.18
CA ILE B 331 4.80 9.34 -14.15
C ILE B 331 4.06 9.79 -15.43
N ASN B 332 4.14 11.07 -15.73
CA ASN B 332 3.38 11.70 -16.81
C ASN B 332 4.23 11.84 -18.05
N TYR B 333 4.45 10.67 -18.60
CA TYR B 333 5.09 10.47 -19.87
C TYR B 333 4.49 11.37 -20.95
N ARG B 334 5.37 11.84 -21.83
CA ARG B 334 4.95 12.64 -22.97
C ARG B 334 4.43 11.72 -24.06
N ALA B 335 3.60 12.29 -24.95
CA ALA B 335 3.15 11.56 -26.11
C ALA B 335 4.29 11.55 -27.12
N GLU B 336 4.40 10.45 -27.86
CA GLU B 336 5.33 10.40 -29.00
C GLU B 336 5.00 11.54 -29.98
N PRO B 337 6.02 12.04 -30.67
CA PRO B 337 5.73 13.04 -31.69
C PRO B 337 4.82 12.44 -32.81
N GLY B 338 3.88 13.26 -33.29
CA GLY B 338 2.82 12.85 -34.21
C GLY B 338 1.45 12.54 -33.58
N SER B 339 1.40 12.43 -32.24
CA SER B 339 0.19 12.03 -31.50
C SER B 339 -0.93 13.06 -31.64
N VAL B 340 -0.58 14.33 -31.78
CA VAL B 340 -1.57 15.40 -31.84
C VAL B 340 -2.50 15.19 -33.03
N VAL B 341 -1.90 15.00 -34.21
CA VAL B 341 -2.67 14.71 -35.36
C VAL B 341 -3.20 13.30 -35.31
N ARG B 342 -2.35 12.32 -35.02
CA ARG B 342 -2.75 10.93 -35.19
C ARG B 342 -3.92 10.53 -34.30
N ASP B 343 -3.81 10.79 -33.00
CA ASP B 343 -4.86 10.43 -32.05
C ASP B 343 -6.20 11.10 -32.41
N SER B 344 -6.16 12.37 -32.70
CA SER B 344 -7.31 13.09 -33.10
C SER B 344 -8.00 12.52 -34.31
N LEU B 345 -7.22 12.08 -35.30
CA LEU B 345 -7.77 11.55 -36.55
C LEU B 345 -8.24 10.14 -36.33
N ALA B 346 -7.74 9.48 -35.29
CA ALA B 346 -8.35 8.20 -34.90
C ALA B 346 -9.77 8.36 -34.29
N GLN B 347 -9.96 9.42 -33.51
CA GLN B 347 -11.25 9.77 -32.93
C GLN B 347 -12.21 10.20 -34.04
N VAL B 348 -11.76 11.09 -34.90
CA VAL B 348 -12.49 11.34 -36.18
C VAL B 348 -12.83 10.03 -36.94
N ALA B 349 -11.89 9.13 -37.12
CA ALA B 349 -12.20 7.95 -37.91
C ALA B 349 -13.33 7.15 -37.30
N MET B 350 -13.36 7.09 -35.97
CA MET B 350 -14.35 6.29 -35.24
C MET B 350 -15.68 7.06 -34.99
N GLY B 351 -15.79 8.26 -35.59
CA GLY B 351 -17.09 8.91 -35.81
C GLY B 351 -17.22 10.29 -35.22
N ALA B 352 -16.17 10.80 -34.61
CA ALA B 352 -16.25 12.11 -34.02
C ALA B 352 -16.30 13.13 -35.13
N ASP B 353 -17.17 14.12 -34.95
CA ASP B 353 -17.29 15.31 -35.79
C ASP B 353 -16.90 16.58 -35.04
N ALA B 354 -16.28 16.42 -33.87
CA ALA B 354 -15.67 17.49 -33.13
C ALA B 354 -14.45 16.93 -32.44
N ILE B 355 -13.39 17.72 -32.43
CA ILE B 355 -12.12 17.42 -31.77
C ILE B 355 -11.65 18.56 -30.87
N CYS B 356 -11.70 18.31 -29.56
CA CYS B 356 -11.31 19.27 -28.58
C CYS B 356 -10.36 18.73 -27.51
N TYR B 357 -9.54 19.65 -27.02
CA TYR B 357 -8.49 19.36 -26.03
C TYR B 357 -8.76 19.99 -24.67
N PHE B 358 -8.34 19.35 -23.57
CA PHE B 358 -8.16 20.08 -22.36
C PHE B 358 -6.68 20.41 -22.38
N GLN B 359 -6.28 21.68 -22.42
CA GLN B 359 -7.09 22.84 -22.58
C GLN B 359 -6.39 23.77 -23.62
N TRP B 360 -7.04 24.88 -23.98
CA TRP B 360 -6.46 25.85 -24.96
C TRP B 360 -5.04 26.31 -24.53
N ARG B 361 -4.95 26.99 -23.39
CA ARG B 361 -3.68 27.51 -22.90
C ARG B 361 -3.24 26.92 -21.54
N GLN B 362 -2.02 26.37 -21.54
CA GLN B 362 -1.46 25.67 -20.37
C GLN B 362 -1.44 26.60 -19.22
N SER B 363 -2.07 26.15 -18.11
CA SER B 363 -2.19 27.01 -16.92
C SER B 363 -0.81 27.28 -16.38
N LYS B 364 -0.62 28.44 -15.77
CA LYS B 364 0.68 28.78 -15.13
C LYS B 364 0.59 28.73 -13.57
N ALA B 365 -0.63 28.55 -13.04
CA ALA B 365 -0.85 28.30 -11.63
C ALA B 365 -2.00 27.29 -11.42
N GLY B 366 -2.05 26.72 -10.23
CA GLY B 366 -2.98 25.63 -9.91
C GLY B 366 -2.59 24.18 -10.22
N ALA B 367 -3.50 23.30 -9.79
CA ALA B 367 -3.28 21.86 -9.81
C ALA B 367 -3.00 21.23 -11.15
N GLU B 368 -3.43 21.88 -12.20
CA GLU B 368 -3.24 21.35 -13.50
C GLU B 368 -2.24 22.11 -14.38
N LYS B 369 -1.42 22.98 -13.76
CA LYS B 369 -0.43 23.66 -14.55
C LYS B 369 0.50 22.76 -15.33
N TRP B 370 0.66 21.52 -14.89
CA TRP B 370 1.59 20.60 -15.57
C TRP B 370 0.94 19.73 -16.61
N HIS B 371 -0.36 19.90 -16.77
CA HIS B 371 -1.10 19.22 -17.82
C HIS B 371 -0.82 19.98 -19.15
N SER B 372 -0.42 19.25 -20.16
CA SER B 372 -0.23 19.81 -21.49
C SER B 372 -1.46 20.48 -22.07
N SER B 373 -1.23 21.39 -23.03
CA SER B 373 -2.30 22.13 -23.65
C SER B 373 -1.99 22.40 -25.16
N MET B 374 -2.84 23.20 -25.77
CA MET B 374 -2.67 23.47 -27.18
C MET B 374 -1.62 24.56 -27.33
N VAL B 375 -1.67 25.55 -26.44
CA VAL B 375 -0.59 26.57 -26.28
C VAL B 375 0.24 26.24 -25.00
N PRO B 376 1.36 25.57 -25.18
CA PRO B 376 2.14 25.20 -24.00
C PRO B 376 2.78 26.38 -23.31
N HIS B 377 3.36 26.12 -22.14
CA HIS B 377 4.03 27.22 -21.43
C HIS B 377 5.04 27.89 -22.37
N ALA B 378 5.67 27.06 -23.18
CA ALA B 378 6.69 27.51 -24.12
C ALA B 378 6.17 28.57 -25.13
N GLY B 379 4.87 28.46 -25.48
CA GLY B 379 4.14 29.49 -26.25
C GLY B 379 4.04 29.01 -27.71
N GLU B 380 3.76 29.92 -28.65
CA GLU B 380 3.50 29.49 -30.05
C GLU B 380 4.71 28.95 -30.73
N ASP B 381 5.89 29.38 -30.29
CA ASP B 381 7.09 28.69 -30.79
C ASP B 381 7.37 27.33 -30.08
N SER B 382 6.60 26.32 -30.51
CA SER B 382 6.69 24.97 -29.98
C SER B 382 6.17 23.98 -30.97
N GLN B 383 6.76 22.81 -30.98
CA GLN B 383 6.30 21.73 -31.78
C GLN B 383 4.80 21.37 -31.55
N ILE B 384 4.35 21.38 -30.32
CA ILE B 384 2.95 21.07 -30.02
C ILE B 384 2.05 22.09 -30.67
N PHE B 385 2.34 23.38 -30.52
CA PHE B 385 1.52 24.38 -31.22
C PHE B 385 1.49 24.28 -32.74
N ARG B 386 2.61 23.92 -33.35
CA ARG B 386 2.67 23.70 -34.81
C ARG B 386 1.82 22.50 -35.20
N ASP B 387 1.97 21.43 -34.41
CA ASP B 387 1.10 20.26 -34.50
C ASP B 387 -0.39 20.60 -34.29
N VAL B 388 -0.72 21.45 -33.34
CA VAL B 388 -2.12 21.91 -33.25
C VAL B 388 -2.58 22.68 -34.49
N CYS B 389 -1.72 23.52 -35.06
CA CYS B 389 -2.03 24.19 -36.31
C CYS B 389 -2.16 23.25 -37.48
N GLU B 390 -1.28 22.27 -37.55
CA GLU B 390 -1.38 21.28 -38.59
C GLU B 390 -2.74 20.52 -38.59
N LEU B 391 -3.17 20.13 -37.38
CA LEU B 391 -4.42 19.37 -37.19
C LEU B 391 -5.55 20.25 -37.56
N GLY B 392 -5.44 21.50 -37.24
CA GLY B 392 -6.54 22.40 -37.52
C GLY B 392 -6.78 22.49 -39.02
N ALA B 393 -5.69 22.56 -39.76
CA ALA B 393 -5.74 22.61 -41.23
C ALA B 393 -6.27 21.30 -41.82
N ASP B 394 -5.79 20.19 -41.29
CA ASP B 394 -6.30 18.88 -41.62
C ASP B 394 -7.82 18.73 -41.44
N LEU B 395 -8.37 19.28 -40.35
CA LEU B 395 -9.77 19.15 -40.07
C LEU B 395 -10.52 20.08 -41.04
N GLY B 396 -9.96 21.24 -41.34
CA GLY B 396 -10.58 22.13 -42.33
C GLY B 396 -10.71 21.42 -43.67
N ARG B 397 -9.69 20.65 -44.01
CA ARG B 397 -9.62 19.96 -45.30
C ARG B 397 -10.59 18.80 -45.29
N LEU B 398 -10.66 18.02 -44.21
CA LEU B 398 -11.71 17.00 -44.15
C LEU B 398 -13.10 17.66 -44.18
N SER B 399 -13.27 18.86 -43.62
CA SER B 399 -14.59 19.52 -43.66
C SER B 399 -14.92 19.85 -45.15
N ASP B 400 -13.92 20.39 -45.84
CA ASP B 400 -13.96 20.69 -47.29
C ASP B 400 -14.42 19.53 -48.09
N GLU B 401 -13.90 18.33 -47.82
CA GLU B 401 -14.35 17.11 -48.49
C GLU B 401 -15.69 16.47 -48.00
N GLY B 402 -16.40 17.12 -47.09
CA GLY B 402 -17.74 16.67 -46.68
C GLY B 402 -17.80 15.49 -45.72
N LEU B 403 -16.79 15.39 -44.85
CA LEU B 403 -16.79 14.37 -43.84
C LEU B 403 -17.98 14.48 -42.89
N MET B 404 -18.41 15.68 -42.55
CA MET B 404 -19.44 15.81 -41.51
C MET B 404 -20.68 14.93 -41.80
N GLY B 405 -21.07 14.08 -40.85
CA GLY B 405 -22.31 13.33 -40.91
C GLY B 405 -22.17 11.93 -41.52
N THR B 406 -21.02 11.63 -42.08
CA THR B 406 -20.70 10.23 -42.39
C THR B 406 -20.64 9.50 -41.08
N LYS B 407 -20.85 8.21 -41.15
CA LYS B 407 -20.81 7.36 -40.02
C LYS B 407 -19.85 6.24 -40.27
N THR B 408 -19.26 5.79 -39.17
CA THR B 408 -18.30 4.72 -39.16
C THR B 408 -19.05 3.50 -39.57
N VAL B 409 -18.47 2.71 -40.50
CA VAL B 409 -19.21 1.63 -41.06
C VAL B 409 -19.42 0.51 -40.04
N LYS B 410 -20.45 -0.28 -40.30
CA LYS B 410 -20.70 -1.41 -39.45
C LYS B 410 -19.66 -2.49 -39.70
N SER B 411 -18.99 -2.94 -38.65
CA SER B 411 -18.01 -4.01 -38.74
C SER B 411 -18.69 -5.34 -38.86
N LYS B 412 -17.94 -6.35 -39.28
CA LYS B 412 -18.44 -7.71 -39.20
C LYS B 412 -18.46 -8.24 -37.75
N VAL B 413 -17.66 -7.64 -36.87
CA VAL B 413 -17.53 -8.20 -35.53
C VAL B 413 -17.91 -7.16 -34.48
N ALA B 414 -18.81 -7.53 -33.56
CA ALA B 414 -19.15 -6.71 -32.39
C ALA B 414 -18.43 -7.30 -31.19
N VAL B 415 -17.62 -6.47 -30.55
CA VAL B 415 -17.06 -6.80 -29.22
C VAL B 415 -17.92 -6.16 -28.13
N VAL B 416 -18.55 -7.00 -27.34
CA VAL B 416 -19.45 -6.51 -26.29
C VAL B 416 -18.78 -5.95 -25.03
N PHE B 417 -19.22 -4.77 -24.63
CA PHE B 417 -18.86 -4.19 -23.38
C PHE B 417 -20.13 -3.96 -22.53
N ASP B 418 -19.99 -4.20 -21.24
CA ASP B 418 -21.06 -4.14 -20.25
C ASP B 418 -20.54 -3.55 -18.94
N TYR B 419 -20.92 -2.29 -18.67
CA TYR B 419 -20.55 -1.55 -17.46
C TYR B 419 -20.89 -2.33 -16.22
N GLU B 420 -22.08 -2.94 -16.17
CA GLU B 420 -22.57 -3.68 -14.96
C GLU B 420 -21.81 -4.96 -14.70
N SER B 421 -21.41 -5.64 -15.76
CA SER B 421 -20.48 -6.74 -15.61
C SER B 421 -19.12 -6.31 -15.04
N GLN B 422 -18.58 -5.19 -15.52
CA GLN B 422 -17.38 -4.68 -14.97
C GLN B 422 -17.62 -4.46 -13.49
N TRP B 423 -18.71 -3.80 -13.12
CA TRP B 423 -18.98 -3.58 -11.68
C TRP B 423 -18.96 -4.87 -10.89
N ALA B 424 -19.61 -5.89 -11.46
CA ALA B 424 -19.70 -7.20 -10.75
C ALA B 424 -18.33 -7.86 -10.56
N THR B 425 -17.45 -7.69 -11.55
CA THR B 425 -16.09 -8.25 -11.43
C THR B 425 -15.23 -7.46 -10.39
N GLU B 426 -15.67 -6.29 -9.89
CA GLU B 426 -14.90 -5.51 -8.94
C GLU B 426 -15.09 -6.05 -7.52
N TYR B 427 -16.06 -6.95 -7.31
CA TYR B 427 -16.26 -7.55 -6.00
C TYR B 427 -14.98 -8.25 -5.49
N THR B 428 -14.70 -8.10 -4.21
CA THR B 428 -13.42 -8.51 -3.63
C THR B 428 -13.33 -9.99 -3.28
N ALA B 429 -14.41 -10.74 -3.44
CA ALA B 429 -14.43 -12.15 -3.04
C ALA B 429 -14.94 -12.95 -4.22
N ASN B 430 -14.50 -12.54 -5.40
CA ASN B 430 -14.64 -13.32 -6.60
C ASN B 430 -13.53 -14.42 -6.67
N PRO B 431 -13.62 -15.30 -7.70
CA PRO B 431 -12.57 -16.28 -7.86
C PRO B 431 -11.18 -15.72 -7.87
N THR B 432 -10.94 -14.60 -8.52
CA THR B 432 -9.66 -13.92 -8.38
C THR B 432 -9.86 -12.43 -8.50
N GLN B 433 -9.11 -11.69 -7.72
CA GLN B 433 -9.18 -10.26 -7.84
C GLN B 433 -8.40 -9.77 -9.03
N GLN B 434 -7.71 -10.63 -9.76
CA GLN B 434 -7.02 -10.18 -10.95
C GLN B 434 -7.87 -10.07 -12.21
N VAL B 435 -9.11 -10.51 -12.20
CA VAL B 435 -9.93 -10.47 -13.39
C VAL B 435 -11.02 -9.41 -13.30
N ASP B 436 -10.92 -8.40 -14.14
CA ASP B 436 -12.01 -7.48 -14.39
C ASP B 436 -12.54 -7.77 -15.78
N HIS B 437 -13.81 -7.45 -16.01
CA HIS B 437 -14.35 -7.56 -17.35
C HIS B 437 -13.57 -6.72 -18.31
N TRP B 438 -13.24 -5.48 -17.95
CA TRP B 438 -12.86 -4.52 -18.98
C TRP B 438 -11.63 -4.88 -19.86
N THR B 439 -10.70 -5.68 -19.33
CA THR B 439 -9.48 -5.97 -20.09
C THR B 439 -9.74 -6.89 -21.24
N GLU B 440 -10.71 -7.79 -21.09
CA GLU B 440 -10.97 -8.81 -22.09
C GLU B 440 -11.45 -8.21 -23.45
N PRO B 441 -12.46 -7.31 -23.45
CA PRO B 441 -12.82 -6.69 -24.74
C PRO B 441 -11.68 -5.91 -25.42
N LEU B 442 -10.80 -5.27 -24.65
CA LEU B 442 -9.69 -4.51 -25.25
C LEU B 442 -8.77 -5.55 -25.90
N ASP B 443 -8.44 -6.62 -25.18
CA ASP B 443 -7.57 -7.66 -25.73
C ASP B 443 -8.08 -8.20 -27.06
N TRP B 444 -9.38 -8.53 -27.12
CA TRP B 444 -10.01 -9.02 -28.35
C TRP B 444 -9.98 -7.97 -29.46
N PHE B 445 -10.31 -6.75 -29.17
CA PHE B 445 -10.24 -5.68 -30.17
C PHE B 445 -8.85 -5.64 -30.85
N ARG B 446 -7.83 -5.72 -29.99
CA ARG B 446 -6.46 -5.69 -30.41
C ARG B 446 -6.06 -6.94 -31.14
N ALA B 447 -6.47 -8.09 -30.66
CA ALA B 447 -6.09 -9.30 -31.36
C ALA B 447 -6.74 -9.35 -32.75
N LEU B 448 -8.02 -8.92 -32.81
CA LEU B 448 -8.71 -8.77 -34.11
C LEU B 448 -7.94 -7.83 -35.02
N ALA B 449 -7.54 -6.66 -34.51
CA ALA B 449 -6.72 -5.76 -35.30
C ALA B 449 -5.45 -6.40 -35.80
N ASP B 450 -4.81 -7.22 -34.95
CA ASP B 450 -3.62 -8.02 -35.38
C ASP B 450 -3.93 -8.94 -36.56
N ASN B 451 -5.19 -9.37 -36.70
CA ASN B 451 -5.65 -10.16 -37.84
C ASN B 451 -6.27 -9.31 -38.98
N GLY B 452 -6.00 -8.03 -38.98
CA GLY B 452 -6.54 -7.16 -40.00
C GLY B 452 -8.02 -6.84 -39.92
N ILE B 453 -8.65 -6.97 -38.74
CA ILE B 453 -10.06 -6.72 -38.62
C ILE B 453 -10.36 -5.59 -37.64
N THR B 454 -11.03 -4.56 -38.10
CA THR B 454 -11.49 -3.52 -37.22
C THR B 454 -12.87 -3.86 -36.68
N ALA B 455 -12.93 -4.16 -35.40
CA ALA B 455 -14.23 -4.44 -34.74
C ALA B 455 -14.95 -3.18 -34.28
N ASP B 456 -16.24 -3.34 -33.97
CA ASP B 456 -17.04 -2.28 -33.34
C ASP B 456 -17.13 -2.67 -31.91
N VAL B 457 -16.92 -1.72 -31.03
CA VAL B 457 -17.11 -2.02 -29.61
C VAL B 457 -18.56 -1.66 -29.28
N VAL B 458 -19.33 -2.68 -28.89
CA VAL B 458 -20.79 -2.50 -28.79
C VAL B 458 -21.35 -2.74 -27.38
N PRO B 459 -22.04 -1.74 -26.82
CA PRO B 459 -22.62 -1.95 -25.48
C PRO B 459 -23.59 -3.12 -25.44
N VAL B 460 -23.66 -3.82 -24.32
CA VAL B 460 -24.47 -5.05 -24.21
C VAL B 460 -25.95 -4.83 -24.52
N ARG B 461 -26.53 -3.67 -24.15
CA ARG B 461 -27.95 -3.41 -24.42
C ARG B 461 -28.22 -2.99 -25.86
N SER B 462 -27.17 -2.64 -26.59
CA SER B 462 -27.25 -2.36 -28.02
C SER B 462 -27.20 -3.59 -28.95
N ASP B 463 -27.06 -3.36 -30.27
CA ASP B 463 -27.44 -4.40 -31.26
C ASP B 463 -26.29 -5.27 -31.71
N TRP B 464 -25.54 -5.78 -30.75
CA TRP B 464 -24.42 -6.70 -31.07
C TRP B 464 -24.99 -7.95 -31.73
N ASP B 465 -26.23 -8.26 -31.43
CA ASP B 465 -26.86 -9.47 -31.97
C ASP B 465 -27.39 -9.26 -33.39
N SER B 466 -27.05 -8.14 -34.02
CA SER B 466 -27.34 -7.87 -35.39
C SER B 466 -26.10 -8.07 -36.26
N TYR B 467 -24.98 -8.53 -35.67
CA TYR B 467 -23.68 -8.57 -36.35
C TYR B 467 -23.47 -10.00 -36.84
N GLU B 468 -22.66 -10.18 -37.90
CA GLU B 468 -22.22 -11.50 -38.35
C GLU B 468 -21.55 -12.27 -37.23
N ILE B 469 -20.67 -11.56 -36.51
CA ILE B 469 -19.84 -12.13 -35.47
C ILE B 469 -19.91 -11.28 -34.24
N ALA B 470 -19.97 -11.96 -33.12
CA ALA B 470 -19.94 -11.26 -31.84
C ALA B 470 -19.05 -11.92 -30.80
N VAL B 471 -18.51 -11.08 -29.92
CA VAL B 471 -17.72 -11.54 -28.76
C VAL B 471 -18.35 -11.14 -27.43
N LEU B 472 -18.56 -12.14 -26.57
CA LEU B 472 -18.75 -12.01 -25.11
C LEU B 472 -17.45 -12.18 -24.32
N PRO B 473 -16.76 -11.08 -24.03
CA PRO B 473 -15.51 -11.17 -23.35
C PRO B 473 -15.68 -10.89 -21.86
N CYS B 474 -15.61 -11.92 -21.04
CA CYS B 474 -15.78 -11.84 -19.61
C CYS B 474 -17.06 -11.06 -19.23
N VAL B 475 -18.18 -11.45 -19.82
CA VAL B 475 -19.49 -10.77 -19.54
C VAL B 475 -20.12 -11.53 -18.41
N TYR B 476 -19.67 -11.19 -17.21
CA TYR B 476 -19.92 -11.97 -16.05
C TYR B 476 -21.38 -12.09 -15.72
N LEU B 477 -22.12 -11.02 -15.93
CA LEU B 477 -23.58 -11.05 -15.73
C LEU B 477 -24.28 -11.40 -17.04
N LEU B 478 -25.21 -12.36 -16.99
CA LEU B 478 -26.18 -12.56 -18.08
C LEU B 478 -27.55 -12.81 -17.50
N SER B 479 -28.46 -11.87 -17.74
CA SER B 479 -29.81 -12.02 -17.27
C SER B 479 -30.47 -13.14 -18.06
N GLU B 480 -31.65 -13.57 -17.66
CA GLU B 480 -32.45 -14.52 -18.53
C GLU B 480 -32.65 -13.90 -19.89
N GLU B 481 -32.96 -12.62 -19.92
CA GLU B 481 -33.18 -11.93 -21.22
C GLU B 481 -31.94 -11.92 -22.15
N THR B 482 -30.77 -11.61 -21.62
CA THR B 482 -29.56 -11.52 -22.45
C THR B 482 -29.17 -12.94 -22.89
N SER B 483 -29.43 -13.88 -22.02
CA SER B 483 -29.27 -15.29 -22.31
C SER B 483 -30.13 -15.75 -23.50
N ARG B 484 -31.37 -15.33 -23.52
CA ARG B 484 -32.26 -15.62 -24.64
C ARG B 484 -31.66 -15.00 -25.90
N ARG B 485 -31.15 -13.77 -25.79
CA ARG B 485 -30.61 -13.08 -26.96
C ARG B 485 -29.41 -13.87 -27.46
N VAL B 486 -28.67 -14.47 -26.55
CA VAL B 486 -27.48 -15.26 -26.95
C VAL B 486 -27.90 -16.53 -27.74
N ARG B 487 -28.90 -17.25 -27.23
CA ARG B 487 -29.38 -18.50 -27.88
C ARG B 487 -29.96 -18.19 -29.23
N GLU B 488 -30.79 -17.15 -29.31
CA GLU B 488 -31.37 -16.80 -30.58
C GLU B 488 -30.35 -16.36 -31.60
N PHE B 489 -29.30 -15.68 -31.15
CA PHE B 489 -28.33 -15.12 -32.05
C PHE B 489 -27.59 -16.23 -32.77
N VAL B 490 -27.18 -17.19 -31.96
CA VAL B 490 -26.48 -18.37 -32.49
C VAL B 490 -27.43 -19.29 -33.31
N ALA B 491 -28.60 -19.59 -32.78
CA ALA B 491 -29.49 -20.51 -33.48
C ALA B 491 -29.86 -20.00 -34.87
N ASN B 492 -29.96 -18.70 -35.04
CA ASN B 492 -30.28 -18.12 -36.35
C ASN B 492 -29.12 -17.91 -37.28
N GLY B 493 -27.96 -18.47 -36.97
CA GLY B 493 -26.78 -18.39 -37.84
C GLY B 493 -25.70 -17.44 -37.35
N GLY B 494 -25.85 -16.87 -36.16
CA GLY B 494 -24.78 -16.07 -35.62
C GLY B 494 -23.51 -16.82 -35.28
N LYS B 495 -22.39 -16.11 -35.36
CA LYS B 495 -21.10 -16.66 -34.95
C LYS B 495 -20.63 -15.94 -33.66
N LEU B 496 -20.48 -16.71 -32.59
CA LEU B 496 -20.28 -16.15 -31.23
C LEU B 496 -19.03 -16.62 -30.54
N PHE B 497 -18.14 -15.72 -30.15
CA PHE B 497 -17.07 -16.10 -29.22
C PHE B 497 -17.57 -15.85 -27.79
N VAL B 498 -17.31 -16.76 -26.85
CA VAL B 498 -17.63 -16.61 -25.44
C VAL B 498 -16.36 -16.96 -24.66
N THR B 499 -16.02 -16.20 -23.60
CA THR B 499 -14.86 -16.50 -22.79
C THR B 499 -15.21 -16.92 -21.37
N TYR B 500 -14.17 -17.41 -20.68
CA TYR B 500 -14.11 -17.48 -19.23
C TYR B 500 -14.72 -16.22 -18.55
N TYR B 501 -15.32 -16.44 -17.38
CA TYR B 501 -15.93 -15.33 -16.60
C TYR B 501 -17.11 -14.71 -17.34
N THR B 502 -17.81 -15.50 -18.16
CA THR B 502 -19.00 -15.05 -18.85
C THR B 502 -20.17 -15.82 -18.33
N GLY B 503 -21.23 -15.11 -17.98
CA GLY B 503 -22.45 -15.73 -17.62
C GLY B 503 -22.47 -16.60 -16.39
N LEU B 504 -21.63 -16.23 -15.43
CA LEU B 504 -21.55 -16.91 -14.14
C LEU B 504 -22.81 -16.66 -13.33
N SER B 505 -23.34 -15.46 -13.42
CA SER B 505 -24.52 -15.02 -12.62
C SER B 505 -25.61 -14.33 -13.43
N ASP B 506 -26.82 -14.23 -12.85
CA ASP B 506 -27.87 -13.34 -13.39
C ASP B 506 -27.59 -11.88 -12.95
N GLU B 507 -28.47 -10.96 -13.29
CA GLU B 507 -28.24 -9.54 -13.05
C GLU B 507 -28.24 -9.15 -11.56
N ASN B 508 -28.67 -10.07 -10.69
CA ASN B 508 -28.58 -9.85 -9.25
C ASN B 508 -27.35 -10.52 -8.61
N ASP B 509 -26.41 -11.00 -9.43
CA ASP B 509 -25.33 -11.80 -8.91
C ASP B 509 -25.79 -13.10 -8.17
N HIS B 510 -26.89 -13.68 -8.66
CA HIS B 510 -27.23 -15.06 -8.31
C HIS B 510 -26.62 -15.99 -9.37
N ILE B 511 -25.90 -16.97 -8.89
CA ILE B 511 -25.14 -17.91 -9.72
C ILE B 511 -26.12 -18.81 -10.46
N TRP B 512 -25.89 -19.01 -11.76
CA TRP B 512 -26.64 -19.95 -12.52
C TRP B 512 -26.03 -21.33 -12.22
N LEU B 513 -26.85 -22.21 -11.68
CA LEU B 513 -26.35 -23.49 -11.17
C LEU B 513 -26.28 -24.58 -12.23
N GLY B 514 -25.61 -25.67 -11.89
CA GLY B 514 -25.59 -26.89 -12.73
C GLY B 514 -24.35 -27.11 -13.55
N GLY B 515 -23.40 -26.16 -13.48
CA GLY B 515 -22.21 -26.11 -14.36
C GLY B 515 -22.14 -24.78 -15.06
N TYR B 516 -20.97 -24.16 -15.02
CA TYR B 516 -20.79 -22.88 -15.68
C TYR B 516 -20.56 -23.05 -17.19
N PRO B 517 -20.99 -22.11 -18.02
CA PRO B 517 -21.83 -20.95 -17.72
C PRO B 517 -23.26 -21.40 -17.74
N GLY B 518 -23.89 -21.22 -16.58
CA GLY B 518 -25.12 -21.93 -16.23
C GLY B 518 -26.32 -21.63 -17.09
N SER B 519 -26.35 -20.50 -17.79
CA SER B 519 -27.55 -20.15 -18.54
C SER B 519 -27.41 -20.39 -20.05
N ILE B 520 -26.19 -20.57 -20.55
CA ILE B 520 -25.96 -20.79 -21.98
C ILE B 520 -25.04 -21.98 -22.29
N ARG B 521 -24.81 -22.87 -21.33
CA ARG B 521 -23.80 -23.95 -21.54
C ARG B 521 -24.19 -24.89 -22.68
N ASP B 522 -25.49 -24.97 -22.92
CA ASP B 522 -26.03 -25.77 -24.04
C ASP B 522 -25.81 -25.17 -25.40
N VAL B 523 -25.61 -23.86 -25.48
CA VAL B 523 -25.28 -23.20 -26.72
C VAL B 523 -23.80 -23.32 -27.04
N VAL B 524 -22.96 -23.16 -26.02
CA VAL B 524 -21.48 -23.19 -26.25
C VAL B 524 -20.95 -24.61 -26.19
N GLY B 525 -21.75 -25.55 -25.74
CA GLY B 525 -21.33 -26.95 -25.72
C GLY B 525 -20.21 -27.33 -24.78
N VAL B 526 -20.11 -26.63 -23.64
CA VAL B 526 -19.12 -26.97 -22.59
C VAL B 526 -19.76 -26.95 -21.22
N ARG B 527 -19.12 -27.63 -20.28
CA ARG B 527 -19.51 -27.56 -18.86
C ARG B 527 -18.26 -27.42 -17.97
N VAL B 528 -18.27 -26.37 -17.15
CA VAL B 528 -17.23 -26.06 -16.22
C VAL B 528 -17.70 -26.37 -14.85
N GLU B 529 -16.96 -27.23 -14.18
CA GLU B 529 -17.27 -27.62 -12.80
C GLU B 529 -16.62 -26.75 -11.76
N GLU B 530 -15.41 -26.28 -12.05
CA GLU B 530 -14.66 -25.36 -11.20
C GLU B 530 -13.67 -24.48 -11.91
N PHE B 531 -13.01 -23.61 -11.18
CA PHE B 531 -12.02 -22.74 -11.79
C PHE B 531 -10.63 -23.07 -11.29
N ALA B 532 -9.63 -22.74 -12.11
CA ALA B 532 -8.24 -22.78 -11.70
C ALA B 532 -7.58 -21.40 -11.88
N PRO B 533 -7.78 -20.48 -10.93
CA PRO B 533 -7.07 -19.23 -11.02
C PRO B 533 -5.57 -19.48 -10.86
N MET B 534 -4.78 -18.54 -11.34
CA MET B 534 -3.33 -18.70 -11.41
C MET B 534 -2.69 -17.39 -11.10
N GLY B 535 -1.43 -17.45 -10.73
CA GLY B 535 -0.66 -16.26 -10.46
C GLY B 535 0.63 -16.61 -9.74
N ASN B 536 1.28 -15.58 -9.21
CA ASN B 536 2.53 -15.81 -8.54
C ASN B 536 2.68 -15.21 -7.14
N ASP B 537 1.58 -15.07 -6.44
CA ASP B 537 1.66 -14.61 -5.08
C ASP B 537 1.82 -15.75 -4.10
N MET B 538 1.84 -17.01 -4.58
CA MET B 538 1.95 -18.19 -3.70
C MET B 538 3.00 -19.10 -4.30
N PRO B 539 4.16 -19.25 -3.63
CA PRO B 539 5.22 -20.16 -4.14
C PRO B 539 4.68 -21.56 -4.38
N GLY B 540 4.97 -22.14 -5.53
CA GLY B 540 4.46 -23.45 -5.89
C GLY B 540 3.07 -23.50 -6.49
N ALA B 541 2.31 -22.41 -6.42
CA ALA B 541 0.97 -22.44 -7.00
C ALA B 541 1.07 -22.26 -8.52
N LEU B 542 0.09 -22.72 -9.31
CA LEU B 542 0.21 -22.58 -10.78
C LEU B 542 0.28 -21.12 -11.22
N ASP B 543 1.24 -20.77 -12.06
CA ASP B 543 1.37 -19.40 -12.55
C ASP B 543 1.03 -19.23 -14.03
N HIS B 544 0.83 -20.34 -14.72
CA HIS B 544 0.58 -20.34 -16.16
C HIS B 544 0.18 -21.71 -16.53
N LEU B 545 -0.45 -21.81 -17.69
CA LEU B 545 -0.76 -23.08 -18.32
C LEU B 545 -0.52 -22.97 -19.82
N ASP B 546 0.49 -23.68 -20.30
CA ASP B 546 0.72 -23.85 -21.73
C ASP B 546 -0.48 -24.52 -22.41
N LEU B 547 -0.86 -24.05 -23.61
CA LEU B 547 -1.85 -24.74 -24.44
C LEU B 547 -1.14 -25.49 -25.59
N ASP B 548 -1.79 -26.51 -26.17
CA ASP B 548 -1.15 -27.27 -27.24
C ASP B 548 -1.19 -26.63 -28.62
N ASN B 549 -1.52 -25.34 -28.72
CA ASN B 549 -1.51 -24.63 -29.98
C ASN B 549 -0.46 -23.56 -29.92
N GLY B 550 0.40 -23.65 -28.92
CA GLY B 550 1.51 -22.71 -28.84
C GLY B 550 1.17 -21.40 -28.21
N THR B 551 0.13 -21.37 -27.42
CA THR B 551 -0.14 -20.17 -26.58
C THR B 551 -0.06 -20.56 -25.11
N VAL B 552 -0.08 -19.54 -24.27
CA VAL B 552 0.05 -19.75 -22.85
C VAL B 552 -1.02 -18.92 -22.13
N ALA B 553 -1.77 -19.59 -21.30
CA ALA B 553 -2.80 -18.96 -20.48
C ALA B 553 -2.12 -18.40 -19.22
N HIS B 554 -2.66 -17.28 -18.72
CA HIS B 554 -2.33 -16.76 -17.41
C HIS B 554 -3.58 -16.39 -16.69
N ASP B 555 -3.45 -16.20 -15.37
CA ASP B 555 -4.47 -15.64 -14.43
C ASP B 555 -5.69 -16.48 -14.14
N PHE B 556 -6.21 -17.14 -15.15
CA PHE B 556 -7.45 -17.89 -14.99
C PHE B 556 -7.62 -18.94 -16.06
N ALA B 557 -8.14 -20.10 -15.65
CA ALA B 557 -8.55 -21.12 -16.59
C ALA B 557 -9.75 -21.85 -16.08
N ASP B 558 -10.74 -22.07 -16.95
CA ASP B 558 -11.88 -22.90 -16.65
C ASP B 558 -11.48 -24.40 -16.58
N VAL B 559 -12.03 -25.16 -15.64
CA VAL B 559 -11.81 -26.61 -15.60
C VAL B 559 -13.03 -27.20 -16.28
N ILE B 560 -12.97 -27.27 -17.62
CA ILE B 560 -14.01 -27.87 -18.45
C ILE B 560 -13.97 -29.38 -18.28
N THR B 561 -15.03 -30.02 -17.85
CA THR B 561 -15.00 -31.46 -17.65
C THR B 561 -15.93 -32.27 -18.58
N SER B 562 -16.66 -31.61 -19.47
CA SER B 562 -17.31 -32.28 -20.58
C SER B 562 -17.61 -31.27 -21.67
N THR B 563 -17.77 -31.79 -22.90
CA THR B 563 -18.10 -31.02 -24.12
C THR B 563 -19.20 -31.75 -24.86
N ALA B 564 -20.02 -31.02 -25.65
CA ALA B 564 -21.18 -31.62 -26.30
C ALA B 564 -20.72 -32.50 -27.50
N ASP B 565 -21.61 -33.38 -27.95
CA ASP B 565 -21.42 -34.23 -29.15
C ASP B 565 -21.19 -33.45 -30.41
N THR B 566 -21.61 -32.20 -30.39
CA THR B 566 -21.52 -31.33 -31.53
C THR B 566 -20.27 -30.48 -31.50
N SER B 567 -19.45 -30.63 -30.44
CA SER B 567 -18.33 -29.70 -30.22
C SER B 567 -17.03 -30.26 -30.73
N THR B 568 -16.04 -29.40 -30.95
CA THR B 568 -14.68 -29.79 -31.34
C THR B 568 -13.69 -29.06 -30.47
N VAL B 569 -12.81 -29.83 -29.82
CA VAL B 569 -11.78 -29.22 -29.03
C VAL B 569 -10.73 -28.71 -29.98
N LEU B 570 -10.47 -27.41 -29.99
CA LEU B 570 -9.40 -26.85 -30.80
C LEU B 570 -8.10 -26.70 -30.07
N ALA B 571 -8.12 -26.60 -28.74
CA ALA B 571 -6.87 -26.61 -27.97
C ALA B 571 -7.13 -27.08 -26.53
N SER B 572 -6.10 -27.73 -25.97
CA SER B 572 -6.05 -28.23 -24.60
C SER B 572 -4.79 -27.77 -23.87
N TYR B 573 -4.87 -27.83 -22.54
CA TYR B 573 -3.76 -27.41 -21.72
C TYR B 573 -2.77 -28.55 -21.68
N LYS B 574 -1.53 -28.16 -21.61
CA LYS B 574 -0.42 -29.03 -21.21
C LYS B 574 0.08 -28.66 -19.82
N ALA B 575 0.16 -29.65 -18.95
CA ALA B 575 0.46 -29.40 -17.57
C ALA B 575 0.90 -30.68 -16.91
N GLU B 576 1.64 -30.59 -15.82
CA GLU B 576 2.09 -31.77 -15.09
C GLU B 576 0.86 -32.47 -14.57
N ARG B 577 0.96 -33.78 -14.40
CA ARG B 577 -0.18 -34.60 -14.02
C ARG B 577 -0.81 -34.10 -12.72
N TRP B 578 -0.01 -33.86 -11.70
CA TRP B 578 -0.56 -33.60 -10.35
C TRP B 578 -1.54 -32.40 -10.27
N THR B 579 -1.43 -31.49 -11.24
CA THR B 579 -2.28 -30.32 -11.31
C THR B 579 -3.72 -30.63 -11.65
N GLY B 580 -3.98 -31.74 -12.31
CA GLY B 580 -5.29 -32.02 -12.86
C GLY B 580 -5.66 -31.30 -14.17
N MET B 581 -4.83 -30.41 -14.67
CA MET B 581 -5.19 -29.61 -15.84
C MET B 581 -4.68 -30.17 -17.20
N ASN B 582 -3.84 -31.20 -17.17
CA ASN B 582 -3.28 -31.71 -18.39
C ASN B 582 -4.35 -32.27 -19.33
N GLU B 583 -4.36 -31.75 -20.55
CA GLU B 583 -5.35 -32.10 -21.57
C GLU B 583 -6.78 -31.76 -21.24
N VAL B 584 -6.98 -30.75 -20.39
CA VAL B 584 -8.32 -30.26 -20.12
C VAL B 584 -8.63 -29.30 -21.24
N PRO B 585 -9.85 -29.32 -21.78
CA PRO B 585 -10.05 -28.44 -22.90
C PRO B 585 -9.91 -26.95 -22.54
N ALA B 586 -9.28 -26.22 -23.46
CA ALA B 586 -8.96 -24.81 -23.33
C ALA B 586 -9.76 -23.96 -24.31
N ILE B 587 -9.86 -24.39 -25.58
CA ILE B 587 -10.61 -23.70 -26.62
C ILE B 587 -11.51 -24.70 -27.28
N VAL B 588 -12.83 -24.44 -27.28
CA VAL B 588 -13.83 -25.37 -27.80
C VAL B 588 -14.86 -24.73 -28.74
N ALA B 589 -14.85 -25.20 -30.01
CA ALA B 589 -15.88 -24.92 -31.01
C ALA B 589 -17.15 -25.72 -30.83
N ASN B 590 -18.26 -25.16 -31.28
CA ASN B 590 -19.53 -25.87 -31.28
C ASN B 590 -20.46 -25.36 -32.35
N GLY B 591 -21.44 -26.20 -32.62
CA GLY B 591 -22.52 -25.86 -33.57
C GLY B 591 -23.83 -25.92 -32.82
N TYR B 592 -24.66 -24.91 -33.01
CA TYR B 592 -25.91 -24.85 -32.32
C TYR B 592 -26.88 -24.17 -33.28
N GLY B 593 -27.98 -24.85 -33.61
CA GLY B 593 -28.89 -24.38 -34.70
C GLY B 593 -28.13 -24.04 -35.97
N ASP B 594 -28.35 -22.88 -36.57
CA ASP B 594 -27.60 -22.56 -37.80
C ASP B 594 -26.28 -21.88 -37.54
N GLY B 595 -25.91 -21.67 -36.29
CA GLY B 595 -24.71 -20.92 -35.99
C GLY B 595 -23.61 -21.72 -35.37
N ARG B 596 -22.57 -20.97 -34.99
CA ARG B 596 -21.32 -21.52 -34.49
C ARG B 596 -20.79 -20.72 -33.29
N THR B 597 -20.17 -21.44 -32.36
CA THR B 597 -19.53 -20.80 -31.23
C THR B 597 -18.10 -21.24 -31.08
N VAL B 598 -17.30 -20.40 -30.41
CA VAL B 598 -16.03 -20.84 -29.87
C VAL B 598 -15.95 -20.34 -28.45
N TYR B 599 -15.71 -21.29 -27.54
CA TYR B 599 -15.52 -20.97 -26.12
C TYR B 599 -14.05 -20.96 -25.72
N VAL B 600 -13.60 -19.84 -25.17
CA VAL B 600 -12.21 -19.66 -24.76
C VAL B 600 -12.11 -19.65 -23.20
N GLY B 601 -11.67 -20.76 -22.62
CA GLY B 601 -11.70 -21.03 -21.18
C GLY B 601 -10.60 -20.43 -20.36
N CYS B 602 -9.85 -19.47 -20.90
CA CYS B 602 -8.73 -18.92 -20.23
C CYS B 602 -8.34 -17.60 -20.81
N ARG B 603 -7.58 -16.85 -20.05
CA ARG B 603 -7.01 -15.59 -20.54
C ARG B 603 -5.73 -15.81 -21.35
N LEU B 604 -5.79 -15.53 -22.66
CA LEU B 604 -4.66 -15.72 -23.54
C LEU B 604 -4.01 -14.42 -23.88
N GLY B 605 -4.64 -13.32 -23.50
CA GLY B 605 -4.06 -11.99 -23.81
C GLY B 605 -4.17 -11.62 -25.29
N ARG B 606 -3.73 -10.44 -25.63
CA ARG B 606 -3.73 -9.99 -27.01
C ARG B 606 -2.93 -10.96 -27.90
N GLN B 607 -1.73 -11.35 -27.44
CA GLN B 607 -0.84 -12.17 -28.28
C GLN B 607 -1.35 -13.59 -28.42
N GLY B 608 -1.85 -14.21 -27.37
CA GLY B 608 -2.43 -15.55 -27.54
C GLY B 608 -3.76 -15.59 -28.34
N LEU B 609 -4.60 -14.56 -28.21
CA LEU B 609 -5.81 -14.51 -28.99
C LEU B 609 -5.45 -14.29 -30.47
N ALA B 610 -4.54 -13.36 -30.75
CA ALA B 610 -4.17 -13.04 -32.14
C ALA B 610 -3.70 -14.32 -32.85
N LYS B 611 -2.86 -15.08 -32.16
CA LYS B 611 -2.35 -16.35 -32.66
C LYS B 611 -3.40 -17.42 -32.81
N SER B 612 -4.37 -17.45 -31.90
CA SER B 612 -5.38 -18.49 -31.97
C SER B 612 -6.52 -18.12 -32.95
N LEU B 613 -6.62 -16.83 -33.33
CA LEU B 613 -7.81 -16.39 -34.03
C LEU B 613 -8.05 -17.10 -35.37
N PRO B 614 -6.97 -17.29 -36.21
CA PRO B 614 -7.20 -18.02 -37.49
C PRO B 614 -7.88 -19.38 -37.36
N ALA B 615 -7.45 -20.21 -36.41
CA ALA B 615 -8.08 -21.51 -36.18
C ALA B 615 -9.51 -21.40 -35.60
N MET B 616 -9.73 -20.43 -34.71
CA MET B 616 -11.06 -20.25 -34.13
C MET B 616 -12.00 -19.82 -35.26
N LEU B 617 -11.57 -18.80 -36.02
CA LEU B 617 -12.36 -18.34 -37.15
C LEU B 617 -12.61 -19.44 -38.17
N GLY B 618 -11.63 -20.29 -38.38
CA GLY B 618 -11.79 -21.40 -39.30
C GLY B 618 -12.83 -22.39 -38.87
N SER B 619 -12.92 -22.67 -37.57
CA SER B 619 -13.97 -23.56 -37.06
C SER B 619 -15.42 -22.99 -37.23
N MET B 620 -15.51 -21.69 -37.37
CA MET B 620 -16.79 -21.05 -37.63
C MET B 620 -17.08 -20.88 -39.13
N GLY B 621 -16.15 -21.28 -40.00
CA GLY B 621 -16.33 -21.21 -41.46
C GLY B 621 -15.88 -19.89 -42.03
N LEU B 622 -14.93 -19.23 -41.36
CA LEU B 622 -14.46 -17.90 -41.79
C LEU B 622 -12.92 -17.73 -42.01
N SER B 623 -12.24 -18.70 -42.64
CA SER B 623 -10.78 -18.51 -42.95
C SER B 623 -10.34 -17.24 -43.78
N ASP B 624 -11.26 -16.66 -44.54
CA ASP B 624 -10.93 -15.55 -45.46
C ASP B 624 -11.15 -14.15 -44.85
N LEU B 625 -11.18 -14.07 -43.53
CA LEU B 625 -11.06 -12.77 -42.81
C LEU B 625 -9.60 -12.32 -42.54
N ALA B 626 -8.64 -13.21 -42.83
CA ALA B 626 -7.18 -12.96 -42.90
C ALA B 626 -6.87 -11.61 -43.55
N GLY B 627 -5.97 -10.82 -42.92
CA GLY B 627 -5.63 -9.46 -43.37
C GLY B 627 -4.39 -8.92 -42.67
N ASP B 628 -3.98 -7.72 -43.06
CA ASP B 628 -2.73 -7.12 -42.63
C ASP B 628 -2.89 -6.31 -41.32
N GLY B 629 -2.38 -6.82 -40.19
CA GLY B 629 -2.51 -6.21 -38.89
C GLY B 629 -1.51 -5.16 -38.54
N ARG B 630 -0.61 -4.83 -39.46
CA ARG B 630 0.38 -3.79 -39.19
C ARG B 630 -0.25 -2.43 -39.21
N VAL B 631 -1.39 -2.34 -39.90
CA VAL B 631 -2.22 -1.14 -39.88
C VAL B 631 -3.65 -1.33 -39.36
N LEU B 632 -4.25 -0.25 -38.87
CA LEU B 632 -5.68 -0.22 -38.61
C LEU B 632 -6.35 0.54 -39.74
N ARG B 633 -7.32 -0.12 -40.37
CA ARG B 633 -8.12 0.54 -41.38
C ARG B 633 -9.53 0.83 -40.89
N VAL B 634 -9.89 2.10 -40.87
CA VAL B 634 -11.21 2.55 -40.35
C VAL B 634 -11.94 3.32 -41.43
N GLU B 635 -13.21 2.96 -41.65
CA GLU B 635 -13.99 3.58 -42.74
C GLU B 635 -15.21 4.33 -42.23
N ARG B 636 -15.41 5.51 -42.79
CA ARG B 636 -16.64 6.27 -42.56
C ARG B 636 -17.31 6.45 -43.93
N ALA B 637 -18.66 6.43 -43.96
CA ALA B 637 -19.40 6.59 -45.21
C ALA B 637 -20.74 7.22 -44.99
N ASP B 638 -21.26 7.89 -46.01
CA ASP B 638 -22.72 8.12 -46.11
C ASP B 638 -23.17 7.38 -47.36
N ALA B 639 -23.73 6.19 -47.15
CA ALA B 639 -24.10 5.28 -48.24
C ALA B 639 -25.05 5.91 -49.27
N ALA B 640 -26.00 6.69 -48.78
CA ALA B 640 -26.96 7.40 -49.62
C ALA B 640 -26.31 8.43 -50.55
N ALA B 641 -25.34 9.20 -50.01
CA ALA B 641 -24.57 10.22 -50.77
C ALA B 641 -23.44 9.60 -51.64
N ALA B 642 -23.17 8.31 -51.45
CA ALA B 642 -22.08 7.53 -52.08
C ALA B 642 -20.71 8.15 -51.75
N SER B 643 -20.50 8.49 -50.48
CA SER B 643 -19.22 9.04 -50.03
C SER B 643 -18.59 8.01 -49.18
N HIS B 644 -17.27 7.92 -49.31
CA HIS B 644 -16.50 6.89 -48.62
C HIS B 644 -15.11 7.40 -48.27
N PHE B 645 -14.81 7.30 -46.99
CA PHE B 645 -13.51 7.73 -46.44
C PHE B 645 -12.82 6.61 -45.72
N GLU B 646 -11.50 6.55 -45.89
CA GLU B 646 -10.64 5.56 -45.23
C GLU B 646 -9.51 6.25 -44.48
N PHE B 647 -9.28 5.75 -43.27
CA PHE B 647 -8.32 6.26 -42.29
C PHE B 647 -7.42 5.06 -42.06
N VAL B 648 -6.12 5.23 -42.35
CA VAL B 648 -5.17 4.13 -42.24
C VAL B 648 -4.03 4.58 -41.28
N PHE B 649 -3.84 3.76 -40.26
CA PHE B 649 -2.96 4.02 -39.10
C PHE B 649 -1.90 2.94 -38.97
N ASN B 650 -0.65 3.38 -38.93
CA ASN B 650 0.46 2.44 -38.61
C ASN B 650 0.33 2.09 -37.12
N ARG B 651 0.21 0.81 -36.81
CA ARG B 651 0.19 0.33 -35.44
C ARG B 651 1.55 -0.09 -34.90
N THR B 652 2.62 0.06 -35.67
CA THR B 652 3.94 -0.55 -35.32
C THR B 652 4.97 0.54 -35.15
N HIS B 653 6.17 0.15 -34.73
CA HIS B 653 7.29 1.10 -34.52
C HIS B 653 8.26 1.26 -35.73
N GLU B 654 7.96 0.62 -36.87
CA GLU B 654 8.74 0.71 -38.13
C GLU B 654 7.86 1.32 -39.27
N PRO B 655 8.48 2.03 -40.22
CA PRO B 655 7.64 2.43 -41.34
C PRO B 655 7.06 1.22 -42.05
N VAL B 656 5.84 1.37 -42.56
CA VAL B 656 5.18 0.35 -43.39
C VAL B 656 4.62 1.04 -44.66
N THR B 657 4.54 0.25 -45.71
CA THR B 657 3.98 0.71 -46.98
C THR B 657 2.90 -0.28 -47.34
N VAL B 658 1.68 0.24 -47.54
CA VAL B 658 0.52 -0.62 -47.86
C VAL B 658 -0.26 -0.03 -49.05
N ASP B 659 -1.06 -0.86 -49.67
CA ASP B 659 -1.92 -0.44 -50.81
C ASP B 659 -3.15 0.29 -50.29
N VAL B 660 -3.32 1.52 -50.77
CA VAL B 660 -4.49 2.33 -50.50
C VAL B 660 -5.26 2.70 -51.79
N GLU B 661 -6.59 2.63 -51.75
CA GLU B 661 -7.45 3.13 -52.85
C GLU B 661 -7.90 4.55 -52.65
N GLY B 662 -8.08 5.26 -53.75
CA GLY B 662 -8.61 6.63 -53.65
C GLY B 662 -7.59 7.69 -53.58
N GLU B 663 -8.03 8.89 -53.27
CA GLU B 663 -7.20 10.10 -53.27
C GLU B 663 -6.87 10.49 -51.81
N ALA B 664 -5.61 10.74 -51.52
CA ALA B 664 -5.20 11.09 -50.21
C ALA B 664 -5.63 12.49 -50.00
N ILE B 665 -6.41 12.70 -48.96
CA ILE B 665 -6.83 14.05 -48.59
C ILE B 665 -6.17 14.56 -47.31
N ALA B 666 -5.60 13.67 -46.52
CA ALA B 666 -4.73 14.16 -45.46
C ALA B 666 -3.65 13.15 -45.14
N ALA B 667 -2.57 13.67 -44.56
CA ALA B 667 -1.43 12.82 -44.18
C ALA B 667 -0.58 13.46 -43.11
N SER B 668 -0.16 12.62 -42.17
CA SER B 668 0.78 12.99 -41.14
C SER B 668 1.78 11.85 -41.00
N LEU B 669 3.07 12.21 -41.07
CA LEU B 669 4.20 11.25 -40.98
C LEU B 669 3.95 10.11 -41.90
N ALA B 670 3.57 10.46 -43.14
CA ALA B 670 3.12 9.50 -44.15
C ALA B 670 3.04 10.14 -45.52
N HIS B 671 3.06 9.32 -46.55
CA HIS B 671 2.95 9.88 -47.90
C HIS B 671 2.47 8.82 -48.83
N VAL B 672 1.70 9.24 -49.83
CA VAL B 672 1.08 8.33 -50.78
C VAL B 672 1.70 8.59 -52.16
N ASP B 673 2.35 7.60 -52.76
CA ASP B 673 2.83 7.69 -54.15
C ASP B 673 2.17 6.53 -54.93
N ASP B 674 1.38 6.92 -55.93
CA ASP B 674 0.30 6.10 -56.49
C ASP B 674 0.63 4.63 -56.53
N GLY B 675 -0.16 3.76 -55.91
CA GLY B 675 -1.20 4.10 -54.88
C GLY B 675 -0.80 3.34 -53.64
N ARG B 676 0.39 3.68 -53.14
CA ARG B 676 1.00 2.95 -52.02
C ARG B 676 1.30 3.98 -50.95
N ALA B 677 0.83 3.72 -49.73
CA ALA B 677 0.97 4.67 -48.63
C ALA B 677 2.17 4.22 -47.82
N THR B 678 3.15 5.10 -47.66
CA THR B 678 4.30 4.81 -46.82
C THR B 678 4.00 5.54 -45.57
N ILE B 679 3.78 4.81 -44.49
CA ILE B 679 3.30 5.44 -43.26
C ILE B 679 4.33 5.24 -42.16
N ASP B 680 4.83 6.33 -41.62
CA ASP B 680 5.80 6.15 -40.57
C ASP B 680 5.12 5.79 -39.26
N PRO B 681 5.94 5.47 -38.26
CA PRO B 681 5.36 5.21 -36.95
C PRO B 681 4.63 6.44 -36.44
N THR B 682 3.48 6.21 -35.79
CA THR B 682 2.63 7.30 -35.28
C THR B 682 1.97 8.07 -36.46
N GLY B 683 2.00 7.46 -37.63
CA GLY B 683 1.55 8.11 -38.85
C GLY B 683 0.15 7.69 -39.31
N VAL B 684 -0.41 8.56 -40.12
CA VAL B 684 -1.76 8.36 -40.63
C VAL B 684 -1.96 9.01 -42.00
N VAL B 685 -2.69 8.27 -42.82
CA VAL B 685 -3.27 8.81 -44.08
C VAL B 685 -4.80 8.70 -44.14
N VAL B 686 -5.42 9.67 -44.78
CA VAL B 686 -6.86 9.61 -44.98
C VAL B 686 -7.15 9.72 -46.48
N LEU B 687 -7.97 8.81 -46.97
CA LEU B 687 -8.33 8.71 -48.37
C LEU B 687 -9.85 8.90 -48.60
N ARG B 688 -10.17 9.55 -49.72
CA ARG B 688 -11.54 9.63 -50.25
C ARG B 688 -11.64 8.78 -51.53
N ARG B 689 -12.61 7.85 -51.58
CA ARG B 689 -12.77 6.91 -52.70
C ARG B 689 -13.65 7.42 -53.84
N LYS C 3 19.04 39.53 12.25
CA LYS C 3 18.84 38.36 11.34
C LYS C 3 19.37 37.01 11.90
N ARG C 4 20.35 37.03 12.82
CA ARG C 4 20.93 35.80 13.38
C ARG C 4 21.32 36.07 14.79
N ARG C 5 21.05 35.12 15.68
CA ARG C 5 21.64 35.13 16.97
C ARG C 5 23.20 35.02 16.91
N LYS C 6 23.84 35.74 17.83
CA LYS C 6 25.27 35.64 18.05
C LYS C 6 25.53 34.21 18.40
N HIS C 7 26.46 33.60 17.69
CA HIS C 7 27.00 32.34 18.07
C HIS C 7 27.52 32.27 19.50
N SER C 8 27.12 31.24 20.25
CA SER C 8 27.51 31.11 21.66
C SER C 8 27.55 29.64 22.01
N TRP C 9 28.74 29.11 22.24
CA TRP C 9 28.95 27.69 22.38
C TRP C 9 28.91 27.33 23.88
N PRO C 10 28.46 26.08 24.18
CA PRO C 10 28.47 25.71 25.56
C PRO C 10 29.88 25.64 26.11
N GLN C 11 30.08 26.25 27.27
CA GLN C 11 31.45 26.48 27.79
C GLN C 11 31.77 25.46 28.86
N PRO C 12 33.08 25.17 29.09
CA PRO C 12 33.48 24.23 30.15
C PRO C 12 32.90 24.53 31.53
N LEU C 13 32.86 23.49 32.34
CA LEU C 13 32.58 23.61 33.76
C LEU C 13 33.56 24.57 34.37
N LYS C 14 33.16 25.20 35.51
CA LYS C 14 33.92 26.27 36.19
C LYS C 14 35.39 25.95 36.07
N GLY C 15 36.07 26.80 35.27
CA GLY C 15 37.50 26.76 34.91
C GLY C 15 38.15 25.44 34.52
N ALA C 16 37.39 24.54 33.93
CA ALA C 16 38.01 23.43 33.23
C ALA C 16 38.37 23.94 31.84
N GLU C 17 39.06 23.10 31.07
CA GLU C 17 39.65 23.50 29.79
C GLU C 17 38.63 23.33 28.65
N SER C 18 38.81 24.08 27.57
CA SER C 18 38.01 23.85 26.37
C SER C 18 38.34 22.48 25.81
N ARG C 19 37.28 21.70 25.61
CA ARG C 19 37.45 20.35 25.01
C ARG C 19 36.28 20.04 24.01
N LEU C 20 36.53 19.16 23.06
CA LEU C 20 35.45 18.61 22.28
C LEU C 20 34.44 17.90 23.22
N TRP C 21 33.17 18.20 23.06
CA TRP C 21 32.12 17.61 23.91
C TRP C 21 31.86 16.20 23.38
N TYR C 22 31.80 15.25 24.28
CA TYR C 22 31.45 13.89 23.98
C TYR C 22 30.42 13.30 25.00
N GLY C 23 29.39 12.65 24.49
CA GLY C 23 28.46 11.92 25.33
C GLY C 23 27.17 11.60 24.65
N GLY C 24 26.06 11.97 25.25
CA GLY C 24 24.81 11.38 24.80
C GLY C 24 23.59 11.72 25.66
N ASP C 25 22.41 11.41 25.11
CA ASP C 25 21.16 11.49 25.85
C ASP C 25 21.28 10.55 27.05
N TYR C 26 20.98 11.06 28.24
CA TYR C 26 21.04 10.31 29.46
C TYR C 26 19.69 10.39 30.18
N ASN C 27 19.19 9.23 30.57
CA ASN C 27 17.84 9.06 31.10
C ASN C 27 17.81 8.23 32.39
N PRO C 28 18.36 8.81 33.46
CA PRO C 28 18.43 8.16 34.75
C PRO C 28 17.05 7.89 35.32
N ASP C 29 16.05 8.70 34.97
CA ASP C 29 14.66 8.37 35.30
C ASP C 29 14.20 6.99 34.86
N GLN C 30 14.92 6.32 33.95
CA GLN C 30 14.51 5.01 33.51
C GLN C 30 15.14 3.90 34.27
N TRP C 31 16.01 4.21 35.22
CA TRP C 31 16.79 3.20 35.89
C TRP C 31 16.81 3.39 37.42
N PRO C 32 17.00 2.29 38.16
CA PRO C 32 17.15 2.39 39.60
C PRO C 32 18.33 3.24 39.92
N GLU C 33 18.20 4.06 40.95
CA GLU C 33 19.25 4.98 41.30
C GLU C 33 20.58 4.31 41.55
N GLU C 34 20.62 3.04 41.92
CA GLU C 34 21.93 2.30 41.96
C GLU C 34 22.65 2.28 40.65
N VAL C 35 21.92 2.20 39.53
CA VAL C 35 22.55 2.15 38.22
C VAL C 35 23.32 3.42 37.93
N TRP C 36 22.95 4.53 38.53
CA TRP C 36 23.58 5.80 38.20
C TRP C 36 25.09 5.85 38.57
N ASP C 37 25.47 5.20 39.67
CA ASP C 37 26.87 5.02 39.99
C ASP C 37 27.62 4.27 38.88
N ASP C 38 27.02 3.24 38.36
CA ASP C 38 27.65 2.48 37.28
C ASP C 38 27.79 3.38 36.01
N ASP C 39 26.83 4.25 35.84
CA ASP C 39 26.79 5.16 34.70
C ASP C 39 27.98 6.10 34.83
N ILE C 40 28.20 6.66 36.02
CA ILE C 40 29.36 7.54 36.21
C ILE C 40 30.68 6.82 35.94
N ARG C 41 30.82 5.60 36.43
CA ARG C 41 32.03 4.81 36.21
C ARG C 41 32.31 4.65 34.71
N LEU C 42 31.30 4.16 33.99
CA LEU C 42 31.41 3.86 32.59
C LEU C 42 31.55 5.17 31.78
N MET C 43 30.86 6.25 32.15
CA MET C 43 31.09 7.53 31.40
C MET C 43 32.54 8.03 31.48
N LYS C 44 33.16 7.93 32.66
CA LYS C 44 34.53 8.44 32.83
C LYS C 44 35.50 7.63 32.06
N LYS C 45 35.27 6.35 32.07
CA LYS C 45 36.07 5.43 31.31
C LYS C 45 35.95 5.70 29.79
N ALA C 46 34.77 6.12 29.39
CA ALA C 46 34.51 6.37 28.00
C ALA C 46 34.98 7.72 27.51
N GLY C 47 35.40 8.60 28.42
CA GLY C 47 35.79 9.97 28.07
C GLY C 47 34.60 10.91 27.83
N VAL C 48 33.42 10.51 28.31
CA VAL C 48 32.22 11.36 28.31
C VAL C 48 32.40 12.60 29.19
N ASN C 49 32.13 13.76 28.61
CA ASN C 49 32.11 15.00 29.37
C ASN C 49 30.87 15.86 29.30
N LEU C 50 29.83 15.38 28.62
CA LEU C 50 28.58 16.12 28.49
C LEU C 50 27.44 15.12 28.27
N VAL C 51 26.34 15.31 29.00
CA VAL C 51 25.10 14.58 28.72
C VAL C 51 23.91 15.46 28.63
N SER C 52 22.95 14.99 27.88
CA SER C 52 21.72 15.73 27.71
C SER C 52 20.62 15.05 28.54
N VAL C 53 20.05 15.76 29.49
CA VAL C 53 19.24 15.15 30.51
C VAL C 53 17.85 15.77 30.53
N GLY C 54 16.85 14.95 30.81
CA GLY C 54 15.52 15.46 31.08
C GLY C 54 14.60 15.66 29.88
N ILE C 55 14.99 15.17 28.70
CA ILE C 55 14.35 15.61 27.47
C ILE C 55 12.85 15.20 27.44
N PHE C 56 12.52 13.99 27.90
CA PHE C 56 11.10 13.62 27.95
C PHE C 56 10.70 13.36 29.43
N SER C 57 11.21 14.20 30.32
CA SER C 57 11.00 14.04 31.78
C SER C 57 9.83 14.84 32.35
N TRP C 58 8.96 15.36 31.49
CA TRP C 58 7.86 16.22 31.94
C TRP C 58 7.01 15.52 33.01
N ALA C 59 6.65 14.25 32.78
CA ALA C 59 5.85 13.55 33.75
C ALA C 59 6.54 13.25 35.13
N LYS C 60 7.84 13.19 35.15
CA LYS C 60 8.61 13.01 36.36
C LYS C 60 8.83 14.38 37.11
N ILE C 61 9.02 15.48 36.36
CA ILE C 61 9.18 16.81 36.92
C ILE C 61 7.85 17.36 37.41
N GLU C 62 6.81 17.16 36.61
CA GLU C 62 5.44 17.61 36.94
C GLU C 62 4.52 16.40 36.96
N PRO C 63 4.65 15.56 38.02
CA PRO C 63 3.90 14.26 38.00
C PRO C 63 2.39 14.40 38.14
N GLU C 64 1.96 15.52 38.67
CA GLU C 64 0.59 15.89 38.62
C GLU C 64 0.55 17.39 38.45
N GLU C 65 -0.62 17.88 38.06
CA GLU C 65 -0.68 19.28 37.66
C GLU C 65 -0.32 20.22 38.78
N GLY C 66 0.66 21.05 38.49
CA GLY C 66 1.09 22.07 39.42
C GLY C 66 2.05 21.61 40.50
N LYS C 67 2.49 20.35 40.46
CA LYS C 67 3.38 19.86 41.45
C LYS C 67 4.72 19.66 40.75
N TYR C 68 5.81 20.23 41.30
CA TYR C 68 7.14 20.13 40.66
C TYR C 68 8.09 19.36 41.55
N ASP C 69 8.59 18.26 41.05
CA ASP C 69 9.50 17.44 41.76
C ASP C 69 10.90 17.42 41.11
N PHE C 70 11.83 18.14 41.72
CA PHE C 70 13.14 18.36 41.17
C PHE C 70 14.23 17.51 41.81
N ASP C 71 13.94 16.86 42.96
CA ASP C 71 15.01 16.24 43.73
C ASP C 71 15.83 15.24 42.99
N TRP C 72 15.13 14.34 42.32
CA TRP C 72 15.75 13.26 41.62
C TRP C 72 16.74 13.86 40.60
N LEU C 73 16.37 14.95 39.91
CA LEU C 73 17.17 15.55 38.82
C LEU C 73 18.31 16.33 39.39
N ASP C 74 18.03 17.07 40.48
CA ASP C 74 19.07 17.74 41.25
C ASP C 74 20.13 16.79 41.66
N ARG C 75 19.75 15.62 42.19
CA ARG C 75 20.71 14.58 42.56
C ARG C 75 21.49 14.04 41.35
N ALA C 76 20.77 13.77 40.26
CA ALA C 76 21.45 13.22 39.06
C ALA C 76 22.45 14.28 38.53
N ILE C 77 22.05 15.54 38.50
CA ILE C 77 22.93 16.60 37.94
C ILE C 77 24.15 16.77 38.80
N ASP C 78 23.96 16.68 40.11
CA ASP C 78 25.08 16.85 41.03
C ASP C 78 26.06 15.72 40.88
N LYS C 79 25.57 14.49 40.68
CA LYS C 79 26.45 13.35 40.51
C LYS C 79 27.32 13.43 39.26
N LEU C 80 26.70 13.80 38.16
CA LEU C 80 27.41 14.07 36.91
C LEU C 80 28.44 15.18 37.07
N GLY C 81 28.01 16.31 37.59
CA GLY C 81 28.88 17.48 37.74
C GLY C 81 30.12 17.21 38.59
N LYS C 82 29.92 16.54 39.72
CA LYS C 82 30.99 16.26 40.67
C LYS C 82 32.00 15.35 40.02
N ALA C 83 31.54 14.59 39.03
CA ALA C 83 32.45 13.72 38.26
C ALA C 83 33.07 14.37 37.04
N GLY C 84 32.88 15.69 36.90
CA GLY C 84 33.35 16.46 35.75
C GLY C 84 32.57 16.33 34.46
N ILE C 85 31.28 16.00 34.54
CA ILE C 85 30.44 15.79 33.35
C ILE C 85 29.36 16.84 33.34
N ALA C 86 29.34 17.67 32.27
CA ALA C 86 28.51 18.82 32.19
C ALA C 86 27.13 18.36 31.74
N VAL C 87 26.14 19.21 31.92
CA VAL C 87 24.81 18.83 31.59
C VAL C 87 24.20 19.81 30.60
N ASP C 88 23.75 19.26 29.48
CA ASP C 88 22.89 19.97 28.52
C ASP C 88 21.48 19.74 28.98
N LEU C 89 20.88 20.73 29.64
CA LEU C 89 19.57 20.53 30.35
C LEU C 89 18.39 20.78 29.40
N ALA C 90 17.45 19.85 29.34
CA ALA C 90 16.25 20.00 28.51
C ALA C 90 15.22 20.89 29.21
N SER C 91 14.39 21.56 28.42
CA SER C 91 13.20 22.17 28.98
C SER C 91 12.19 21.16 29.51
N ALA C 92 12.27 19.94 28.99
CA ALA C 92 11.34 18.83 29.34
C ALA C 92 9.99 18.96 28.70
N THR C 93 9.84 19.92 27.77
CA THR C 93 8.56 20.19 27.16
C THR C 93 8.27 19.42 25.88
N ALA C 94 9.11 18.45 25.54
CA ALA C 94 8.97 17.71 24.25
C ALA C 94 7.63 16.98 24.15
N SER C 95 7.18 16.43 25.29
CA SER C 95 5.99 15.61 25.32
C SER C 95 5.27 15.63 26.69
N PRO C 96 3.96 15.83 26.67
CA PRO C 96 3.24 16.16 27.92
C PRO C 96 2.78 14.91 28.66
N PRO C 97 2.44 15.04 29.94
CA PRO C 97 2.00 13.88 30.68
C PRO C 97 0.57 13.51 30.43
N MET C 98 0.21 12.25 30.74
CA MET C 98 -1.15 11.83 30.62
C MET C 98 -2.16 12.72 31.36
N TRP C 99 -1.83 13.15 32.56
CA TRP C 99 -2.77 14.01 33.32
C TRP C 99 -3.14 15.27 32.50
N LEU C 100 -2.19 15.75 31.73
CA LEU C 100 -2.36 16.98 30.93
C LEU C 100 -3.30 16.74 29.78
N THR C 101 -3.07 15.72 28.99
CA THR C 101 -3.93 15.44 27.89
C THR C 101 -5.33 14.96 28.31
N GLN C 102 -5.44 14.33 29.50
CA GLN C 102 -6.71 13.82 29.94
C GLN C 102 -7.54 15.03 30.32
N ALA C 103 -6.88 15.99 30.95
CA ALA C 103 -7.62 17.18 31.38
C ALA C 103 -7.91 18.11 30.20
N HIS C 104 -7.04 18.06 29.18
CA HIS C 104 -7.14 18.96 28.02
C HIS C 104 -6.94 18.25 26.72
N PRO C 105 -7.99 17.57 26.24
CA PRO C 105 -7.85 16.78 25.03
C PRO C 105 -7.65 17.66 23.83
N GLU C 106 -8.06 18.93 23.97
CA GLU C 106 -7.86 19.91 22.94
C GLU C 106 -6.40 20.26 22.63
N VAL C 107 -5.45 19.69 23.38
CA VAL C 107 -4.06 19.86 23.01
C VAL C 107 -3.67 18.90 21.89
N LEU C 108 -4.38 17.76 21.75
CA LEU C 108 -3.99 16.78 20.78
C LEU C 108 -4.20 17.25 19.34
N TRP C 109 -3.23 16.93 18.45
CA TRP C 109 -3.34 17.30 17.03
C TRP C 109 -4.26 16.37 16.29
N LYS C 110 -4.84 16.93 15.23
CA LYS C 110 -5.72 16.22 14.34
C LYS C 110 -5.15 16.12 12.96
N ASP C 111 -5.40 14.95 12.40
CA ASP C 111 -4.91 14.66 11.07
C ASP C 111 -5.84 15.25 10.02
N GLU C 112 -5.48 15.03 8.75
CA GLU C 112 -6.17 15.63 7.64
C GLU C 112 -7.64 15.22 7.54
N ARG C 113 -7.99 14.00 7.99
CA ARG C 113 -9.39 13.56 8.12
C ARG C 113 -10.09 14.10 9.36
N GLY C 114 -9.38 14.77 10.23
CA GLY C 114 -9.99 15.34 11.41
C GLY C 114 -9.88 14.41 12.61
N ASP C 115 -9.16 13.30 12.46
CA ASP C 115 -9.05 12.32 13.53
C ASP C 115 -8.02 12.72 14.56
N THR C 116 -8.37 12.49 15.82
CA THR C 116 -7.48 12.76 16.92
C THR C 116 -6.30 11.82 16.96
N VAL C 117 -5.13 12.41 17.16
CA VAL C 117 -3.92 11.67 17.47
C VAL C 117 -3.76 11.63 18.97
N TRP C 118 -3.87 10.42 19.53
CA TRP C 118 -3.80 10.16 20.94
C TRP C 118 -2.42 9.99 21.55
N PRO C 119 -2.35 10.06 22.87
CA PRO C 119 -1.15 9.64 23.53
C PRO C 119 -0.96 8.12 23.30
N GLY C 120 0.23 7.63 23.65
CA GLY C 120 0.67 6.23 23.51
C GLY C 120 2.09 6.16 22.90
N ALA C 121 2.53 7.28 22.26
CA ALA C 121 3.90 7.46 21.82
C ALA C 121 4.36 8.84 22.32
N ARG C 122 4.61 9.80 21.43
CA ARG C 122 5.16 11.10 21.86
C ARG C 122 4.80 12.25 20.94
N GLU C 123 4.94 13.47 21.47
CA GLU C 123 4.83 14.73 20.73
C GLU C 123 3.42 14.98 20.14
N HIS C 124 2.41 14.43 20.84
CA HIS C 124 1.03 14.42 20.38
C HIS C 124 0.36 15.74 20.83
N TRP C 125 0.85 16.87 20.29
CA TRP C 125 0.28 18.16 20.61
C TRP C 125 0.28 19.08 19.37
N ARG C 126 -0.72 19.96 19.32
CA ARG C 126 -0.89 20.95 18.26
C ARG C 126 0.15 22.06 18.39
N PRO C 127 0.97 22.29 17.34
CA PRO C 127 1.93 23.40 17.47
C PRO C 127 1.33 24.78 17.76
N THR C 128 0.05 24.99 17.45
CA THR C 128 -0.56 26.27 17.65
C THR C 128 -1.58 26.26 18.77
N SER C 129 -1.66 25.21 19.58
CA SER C 129 -2.62 25.23 20.68
C SER C 129 -2.14 26.24 21.76
N PRO C 130 -2.96 27.28 22.03
CA PRO C 130 -2.67 28.21 23.11
C PRO C 130 -2.57 27.56 24.49
N VAL C 131 -3.36 26.52 24.73
CA VAL C 131 -3.31 25.86 26.04
C VAL C 131 -2.02 25.06 26.16
N PHE C 132 -1.58 24.39 25.10
CA PHE C 132 -0.35 23.68 25.17
C PHE C 132 0.77 24.70 25.43
N ARG C 133 0.79 25.83 24.70
CA ARG C 133 1.79 26.79 24.96
C ARG C 133 1.82 27.30 26.43
N GLU C 134 0.69 27.64 27.03
CA GLU C 134 0.72 28.01 28.44
C GLU C 134 1.39 27.02 29.33
N TYR C 135 1.10 25.73 29.11
CA TYR C 135 1.72 24.65 29.84
C TYR C 135 3.22 24.53 29.58
N ALA C 136 3.64 24.63 28.31
CA ALA C 136 5.05 24.49 27.97
C ALA C 136 5.82 25.68 28.58
N LEU C 137 5.25 26.88 28.48
CA LEU C 137 5.96 28.06 29.03
C LEU C 137 6.02 28.09 30.55
N ASN C 138 4.99 27.57 31.20
CA ASN C 138 5.02 27.39 32.65
C ASN C 138 6.15 26.47 33.08
N LEU C 139 6.30 25.37 32.40
CA LEU C 139 7.35 24.44 32.76
C LEU C 139 8.73 25.01 32.47
N CYS C 140 8.93 25.62 31.31
CA CYS C 140 10.14 26.39 31.06
C CYS C 140 10.53 27.32 32.20
N ARG C 141 9.59 28.13 32.64
CA ARG C 141 9.76 29.09 33.72
C ARG C 141 10.17 28.41 35.03
N ARG C 142 9.49 27.28 35.38
CA ARG C 142 9.84 26.53 36.60
C ARG C 142 11.25 25.93 36.50
N MET C 143 11.54 25.29 35.37
CA MET C 143 12.84 24.74 35.09
C MET C 143 13.92 25.79 35.22
N ALA C 144 13.79 26.92 34.54
CA ALA C 144 14.82 27.96 34.60
C ALA C 144 14.98 28.54 35.97
N GLU C 145 13.87 28.87 36.61
CA GLU C 145 13.95 29.34 37.97
C GLU C 145 14.65 28.35 38.92
N HIS C 146 14.38 27.05 38.81
CA HIS C 146 15.08 26.12 39.64
C HIS C 146 16.55 25.88 39.37
N TYR C 147 16.97 25.80 38.10
CA TYR C 147 18.32 25.51 37.69
C TYR C 147 19.23 26.73 37.39
N LYS C 148 18.69 27.90 37.58
CA LYS C 148 19.46 29.12 37.38
C LYS C 148 20.69 29.13 38.29
N GLY C 149 21.85 29.33 37.71
CA GLY C 149 23.08 29.32 38.45
C GLY C 149 23.65 27.96 38.80
N ASN C 150 22.98 26.87 38.40
CA ASN C 150 23.52 25.59 38.72
C ASN C 150 24.89 25.49 38.05
N PRO C 151 25.91 25.06 38.83
CA PRO C 151 27.26 25.18 38.30
C PRO C 151 27.56 24.12 37.27
N TYR C 152 26.67 23.16 37.11
CA TYR C 152 26.96 22.05 36.15
C TYR C 152 26.16 22.10 34.84
N VAL C 153 25.21 23.04 34.75
CA VAL C 153 24.35 23.19 33.58
C VAL C 153 24.99 24.18 32.59
N VAL C 154 25.33 23.67 31.42
CA VAL C 154 26.05 24.48 30.44
C VAL C 154 25.29 24.87 29.16
N ALA C 155 24.14 24.24 28.92
CA ALA C 155 23.26 24.72 27.86
C ALA C 155 21.80 24.34 28.13
N TRP C 156 20.91 25.00 27.42
CA TRP C 156 19.52 24.50 27.24
C TRP C 156 19.27 23.70 25.94
N HIS C 157 18.61 22.55 26.09
CA HIS C 157 18.10 21.75 25.01
C HIS C 157 16.56 21.91 24.95
N VAL C 158 16.11 22.88 24.18
CA VAL C 158 14.70 23.26 24.10
C VAL C 158 13.90 22.17 23.35
N SER C 159 13.00 21.57 24.10
CA SER C 159 12.04 20.61 23.64
C SER C 159 12.82 19.43 23.04
N ASN C 160 12.31 18.90 21.96
CA ASN C 160 13.00 17.87 21.22
C ASN C 160 12.41 17.73 19.83
N GLU C 161 13.25 17.86 18.79
CA GLU C 161 12.85 17.69 17.41
C GLU C 161 11.40 18.14 17.13
N TYR C 162 11.18 19.43 17.19
CA TYR C 162 9.95 20.00 16.72
C TYR C 162 9.56 19.40 15.36
N GLY C 163 8.34 18.90 15.23
CA GLY C 163 7.79 18.46 13.97
C GLY C 163 8.16 17.06 13.58
N CYS C 164 8.84 16.34 14.46
CA CYS C 164 9.17 14.96 14.16
C CYS C 164 7.85 14.25 13.98
N HIS C 165 6.84 14.55 14.81
CA HIS C 165 5.54 13.88 14.69
C HIS C 165 4.39 14.84 14.40
N ASN C 166 4.48 16.07 14.86
CA ASN C 166 3.40 17.02 14.83
C ASN C 166 3.64 18.21 13.90
N ARG C 167 4.45 18.03 12.84
CA ARG C 167 4.65 19.02 11.79
C ARG C 167 3.31 19.53 11.25
N PHE C 168 2.42 18.60 10.94
CA PHE C 168 1.11 18.97 10.44
C PHE C 168 0.00 18.81 11.47
N ASP C 169 -0.81 19.84 11.61
CA ASP C 169 -2.04 19.77 12.43
C ASP C 169 -3.12 20.40 11.57
N TYR C 170 -4.33 19.82 11.60
CA TYR C 170 -5.46 20.29 10.83
C TYR C 170 -6.64 20.74 11.68
N SER C 171 -6.38 20.90 12.97
CA SER C 171 -7.34 21.37 13.93
C SER C 171 -7.73 22.80 13.64
N ASP C 172 -8.79 23.25 14.29
CA ASP C 172 -9.18 24.65 14.15
C ASP C 172 -8.16 25.63 14.73
N ASP C 173 -7.26 25.19 15.60
CA ASP C 173 -6.18 26.09 16.07
C ASP C 173 -5.28 26.36 14.86
N ALA C 174 -4.92 25.29 14.15
CA ALA C 174 -4.13 25.47 12.93
C ALA C 174 -4.89 26.29 11.88
N MET C 175 -6.17 26.04 11.68
CA MET C 175 -6.97 26.88 10.80
C MET C 175 -6.84 28.35 11.11
N ARG C 176 -7.10 28.73 12.34
CA ARG C 176 -7.00 30.13 12.74
C ARG C 176 -5.60 30.74 12.52
N ALA C 177 -4.59 29.99 12.93
CA ALA C 177 -3.19 30.38 12.76
C ALA C 177 -2.74 30.51 11.32
N PHE C 178 -3.15 29.58 10.45
CA PHE C 178 -2.83 29.66 9.02
C PHE C 178 -3.52 30.91 8.41
N GLN C 179 -4.76 31.24 8.82
CA GLN C 179 -5.41 32.48 8.37
C GLN C 179 -4.54 33.69 8.66
N LYS C 180 -4.08 33.80 9.91
CA LYS C 180 -3.26 34.94 10.33
C LYS C 180 -1.91 34.99 9.68
N TRP C 181 -1.33 33.83 9.52
CA TRP C 181 -0.13 33.68 8.76
C TRP C 181 -0.27 34.22 7.32
N CYS C 182 -1.36 33.85 6.64
CA CYS C 182 -1.55 34.24 5.24
C CYS C 182 -1.76 35.76 5.18
N LYS C 183 -2.48 36.29 6.14
CA LYS C 183 -2.66 37.71 6.24
C LYS C 183 -1.31 38.45 6.36
N LYS C 184 -0.43 37.89 7.17
CA LYS C 184 0.82 38.54 7.45
C LYS C 184 1.73 38.46 6.25
N ARG C 185 1.72 37.32 5.59
CA ARG C 185 2.50 37.13 4.38
C ARG C 185 1.98 37.98 3.22
N TYR C 186 0.67 37.93 2.98
CA TYR C 186 0.09 38.49 1.75
C TYR C 186 -0.61 39.86 1.89
N LYS C 187 -0.97 40.25 3.11
CA LYS C 187 -1.72 41.50 3.42
C LYS C 187 -3.17 41.52 2.98
N THR C 188 -3.51 41.19 1.75
CA THR C 188 -4.92 41.27 1.34
C THR C 188 -5.40 39.91 0.84
N ILE C 189 -6.71 39.68 0.83
CA ILE C 189 -7.18 38.39 0.32
C ILE C 189 -6.90 38.25 -1.19
N ASP C 190 -6.87 39.37 -1.92
CA ASP C 190 -6.49 39.33 -3.35
C ASP C 190 -5.14 38.77 -3.66
N ALA C 191 -4.16 39.13 -2.84
CA ALA C 191 -2.85 38.58 -3.08
C ALA C 191 -2.80 37.08 -2.78
N VAL C 192 -3.48 36.60 -1.78
CA VAL C 192 -3.53 35.14 -1.58
C VAL C 192 -4.13 34.42 -2.80
N ASN C 193 -5.28 34.93 -3.26
CA ASN C 193 -5.98 34.37 -4.44
C ASN C 193 -5.09 34.36 -5.63
N GLU C 194 -4.38 35.48 -5.86
CA GLU C 194 -3.40 35.54 -6.94
C GLU C 194 -2.24 34.56 -6.69
N ALA C 195 -1.64 34.56 -5.51
CA ALA C 195 -0.52 33.62 -5.27
C ALA C 195 -0.96 32.12 -5.50
N TRP C 196 -2.16 31.80 -4.99
CA TRP C 196 -2.63 30.36 -5.09
C TRP C 196 -3.30 29.98 -6.42
N GLY C 197 -3.52 31.00 -7.27
CA GLY C 197 -4.13 30.78 -8.56
C GLY C 197 -5.55 30.35 -8.41
N THR C 198 -6.33 31.01 -7.57
CA THR C 198 -7.64 30.42 -7.24
C THR C 198 -8.77 30.60 -8.28
N ALA C 199 -8.57 31.42 -9.32
CA ALA C 199 -9.47 31.40 -10.47
C ALA C 199 -9.76 29.98 -10.98
N PHE C 200 -8.80 29.09 -10.77
CA PHE C 200 -8.94 27.72 -11.21
C PHE C 200 -9.75 26.85 -10.22
N TRP C 201 -10.70 26.04 -10.73
CA TRP C 201 -11.60 25.15 -9.97
C TRP C 201 -12.48 25.90 -8.96
N ALA C 202 -12.81 27.14 -9.28
CA ALA C 202 -13.74 27.90 -8.46
C ALA C 202 -13.34 27.99 -6.99
N GLN C 203 -12.05 28.29 -6.77
CA GLN C 203 -11.47 28.35 -5.43
C GLN C 203 -11.28 29.77 -4.88
N HIS C 204 -11.84 30.76 -5.58
CA HIS C 204 -11.77 32.14 -5.13
C HIS C 204 -12.29 32.38 -3.71
N MET C 205 -11.56 33.21 -2.96
CA MET C 205 -11.91 33.51 -1.60
C MET C 205 -12.19 34.97 -1.45
N ASN C 206 -13.25 35.26 -0.72
CA ASN C 206 -13.67 36.63 -0.50
C ASN C 206 -13.01 37.33 0.70
N ASP C 207 -12.55 36.54 1.68
CA ASP C 207 -11.87 37.05 2.86
C ASP C 207 -11.07 35.96 3.51
N PHE C 208 -10.34 36.30 4.55
CA PHE C 208 -9.44 35.29 5.16
C PHE C 208 -10.11 34.11 5.84
N SER C 209 -11.33 34.33 6.33
CA SER C 209 -12.15 33.28 6.94
C SER C 209 -12.43 32.17 5.94
N GLU C 210 -12.27 32.44 4.65
CA GLU C 210 -12.43 31.41 3.64
C GLU C 210 -11.16 30.57 3.32
N ILE C 211 -10.11 30.82 4.09
CA ILE C 211 -8.90 30.02 4.09
C ILE C 211 -9.03 28.90 5.12
N ILE C 212 -9.06 27.68 4.60
CA ILE C 212 -9.07 26.44 5.39
C ILE C 212 -7.79 25.68 5.15
N PRO C 213 -7.33 24.91 6.16
CA PRO C 213 -6.16 24.14 5.89
C PRO C 213 -6.38 23.11 4.78
N PRO C 214 -5.30 22.57 4.24
CA PRO C 214 -5.38 21.53 3.28
C PRO C 214 -5.83 20.15 3.89
N ARG C 215 -7.04 20.15 4.41
CA ARG C 215 -7.71 18.94 4.88
C ARG C 215 -8.01 17.87 3.80
N TYR C 216 -8.47 16.74 4.28
CA TYR C 216 -8.75 15.62 3.45
C TYR C 216 -9.68 16.01 2.30
N ILE C 217 -9.29 15.64 1.10
CA ILE C 217 -10.08 15.98 -0.09
C ILE C 217 -10.46 14.76 -0.91
N GLY C 218 -10.28 13.59 -0.31
CA GLY C 218 -10.50 12.33 -0.95
C GLY C 218 -9.19 11.83 -1.54
N ASP C 219 -8.98 10.53 -1.44
CA ASP C 219 -7.74 9.93 -1.92
C ASP C 219 -7.58 10.10 -3.44
N GLY C 220 -6.39 10.48 -3.86
CA GLY C 220 -6.06 10.51 -5.28
C GLY C 220 -6.45 11.83 -5.92
N ASN C 221 -6.96 12.78 -5.11
CA ASN C 221 -7.39 14.05 -5.63
C ASN C 221 -6.28 15.08 -5.38
N PHE C 222 -6.35 16.21 -6.07
CA PHE C 222 -5.24 17.18 -6.12
C PHE C 222 -5.54 18.51 -5.43
N MET C 223 -4.82 18.72 -4.32
CA MET C 223 -4.90 19.86 -3.50
C MET C 223 -4.30 21.10 -4.26
N ASN C 224 -4.76 22.30 -3.95
CA ASN C 224 -4.15 23.55 -4.53
C ASN C 224 -2.64 23.62 -4.21
N PRO C 225 -1.76 23.49 -5.23
CA PRO C 225 -0.33 23.29 -4.95
C PRO C 225 0.31 24.44 -4.21
N GLY C 226 -0.11 25.66 -4.50
CA GLY C 226 0.42 26.82 -3.76
C GLY C 226 -0.03 26.87 -2.31
N LYS C 227 -1.26 26.45 -2.05
CA LYS C 227 -1.75 26.43 -0.69
C LYS C 227 -0.94 25.36 0.07
N LEU C 228 -0.75 24.19 -0.54
CA LEU C 228 -0.01 23.14 0.09
C LEU C 228 1.44 23.58 0.44
N LEU C 229 2.07 24.33 -0.44
CA LEU C 229 3.45 24.73 -0.24
C LEU C 229 3.49 25.70 0.89
N ASP C 230 2.55 26.65 0.83
CA ASP C 230 2.38 27.57 1.94
C ASP C 230 2.06 26.91 3.25
N TYR C 231 1.32 25.81 3.23
CA TYR C 231 1.01 25.12 4.49
C TYR C 231 2.25 24.51 5.08
N LYS C 232 3.16 24.07 4.24
CA LYS C 232 4.47 23.59 4.74
C LYS C 232 5.30 24.72 5.38
N ARG C 233 5.28 25.89 4.74
CA ARG C 233 6.04 27.01 5.24
C ARG C 233 5.42 27.43 6.56
N PHE C 234 4.09 27.50 6.57
CA PHE C 234 3.36 27.89 7.77
C PHE C 234 3.65 26.91 8.94
N SER C 235 3.70 25.62 8.63
CA SER C 235 3.87 24.61 9.65
C SER C 235 5.25 24.77 10.27
N SER C 236 6.24 25.09 9.44
CA SER C 236 7.60 25.34 9.92
C SER C 236 7.64 26.56 10.81
N ASP C 237 7.05 27.66 10.32
CA ASP C 237 6.95 28.87 11.09
C ASP C 237 6.18 28.73 12.40
N ALA C 238 5.10 27.96 12.43
CA ALA C 238 4.31 27.86 13.66
C ALA C 238 5.12 27.16 14.75
N LEU C 239 5.83 26.13 14.39
CA LEU C 239 6.68 25.46 15.35
C LEU C 239 7.83 26.40 15.78
N LYS C 240 8.33 27.18 14.84
CA LYS C 240 9.43 28.14 15.16
C LYS C 240 9.02 29.17 16.21
N GLU C 241 7.79 29.64 16.10
CA GLU C 241 7.28 30.63 16.99
C GLU C 241 7.16 30.12 18.41
N LEU C 242 6.74 28.86 18.51
CA LEU C 242 6.59 28.21 19.82
C LEU C 242 7.97 28.10 20.44
N TYR C 243 8.93 27.56 19.67
CA TYR C 243 10.31 27.44 20.04
C TYR C 243 10.87 28.78 20.46
N ILE C 244 10.54 29.84 19.73
CA ILE C 244 11.05 31.14 20.08
C ILE C 244 10.44 31.55 21.42
N ALA C 245 9.12 31.30 21.60
CA ALA C 245 8.49 31.61 22.90
C ALA C 245 9.16 30.90 24.08
N GLU C 246 9.45 29.61 23.92
CA GLU C 246 10.07 28.84 24.96
C GLU C 246 11.50 29.30 25.18
N ARG C 247 12.25 29.47 24.10
CA ARG C 247 13.60 30.00 24.20
C ARG C 247 13.63 31.30 24.98
N ASP C 248 12.72 32.18 24.66
CA ASP C 248 12.78 33.51 25.26
C ASP C 248 12.47 33.44 26.76
N VAL C 249 11.60 32.51 27.15
CA VAL C 249 11.23 32.37 28.55
C VAL C 249 12.45 31.92 29.33
N LEU C 250 13.06 30.84 28.85
CA LEU C 250 14.27 30.33 29.45
C LEU C 250 15.37 31.41 29.54
N GLU C 251 15.55 32.17 28.46
CA GLU C 251 16.60 33.15 28.39
C GLU C 251 16.37 34.32 29.32
N SER C 252 15.10 34.69 29.51
CA SER C 252 14.79 35.81 30.36
C SER C 252 15.22 35.51 31.80
N ILE C 253 15.29 34.21 32.15
CA ILE C 253 15.57 33.78 33.51
C ILE C 253 17.04 33.40 33.65
N THR C 254 17.66 32.85 32.61
CA THR C 254 19.02 32.44 32.64
C THR C 254 19.89 33.13 31.57
N PRO C 255 20.02 34.45 31.66
CA PRO C 255 20.74 35.13 30.59
C PRO C 255 22.13 34.65 30.43
N GLY C 256 22.54 34.50 29.17
CA GLY C 256 23.87 34.06 28.89
C GLY C 256 24.01 32.57 28.79
N LEU C 257 23.06 31.78 29.27
CA LEU C 257 23.20 30.33 29.08
C LEU C 257 22.73 29.96 27.66
N PRO C 258 23.58 29.31 26.87
CA PRO C 258 23.28 29.12 25.48
C PRO C 258 22.16 28.11 25.26
N LEU C 259 21.45 28.36 24.16
CA LEU C 259 20.22 27.64 23.85
C LEU C 259 20.28 27.09 22.45
N THR C 260 19.95 25.81 22.32
CA THR C 260 19.73 25.18 21.05
C THR C 260 18.42 24.40 21.04
N THR C 261 18.00 23.98 19.85
CA THR C 261 17.06 22.85 19.74
C THR C 261 17.55 21.88 18.67
N ASN C 262 17.28 20.58 18.80
CA ASN C 262 17.90 19.62 17.88
C ASN C 262 17.13 19.48 16.56
N PHE C 263 17.90 19.53 15.46
CA PHE C 263 17.32 19.52 14.09
C PHE C 263 17.28 18.10 13.62
N MET C 264 16.73 17.91 12.43
CA MET C 264 16.62 16.62 11.74
C MET C 264 17.10 16.77 10.29
N VAL C 265 18.36 17.17 10.19
CA VAL C 265 18.99 17.39 8.92
C VAL C 265 19.58 16.13 8.42
N SER C 266 19.08 15.68 7.27
CA SER C 266 19.68 14.57 6.53
C SER C 266 19.32 14.77 5.09
N ALA C 267 19.91 13.96 4.23
CA ALA C 267 19.70 14.17 2.83
C ALA C 267 18.21 14.24 2.46
N GLY C 268 17.49 13.18 2.85
CA GLY C 268 16.05 13.10 2.67
C GLY C 268 15.13 13.71 3.73
N GLY C 269 15.65 14.41 4.68
CA GLY C 269 14.82 15.12 5.67
C GLY C 269 14.44 16.53 5.29
N SER C 270 13.15 16.88 5.32
CA SER C 270 12.75 18.25 5.11
C SER C 270 11.54 18.67 5.94
N MET C 271 11.51 18.30 7.22
CA MET C 271 10.31 18.53 8.02
C MET C 271 10.12 20.01 8.22
N LEU C 272 11.24 20.70 8.35
CA LEU C 272 11.19 22.15 8.54
C LEU C 272 12.23 22.81 7.68
N ASP C 273 12.15 24.12 7.54
CA ASP C 273 13.19 24.86 6.84
C ASP C 273 14.30 25.11 7.85
N TYR C 274 15.19 24.14 7.99
CA TYR C 274 16.27 24.19 9.01
C TYR C 274 17.25 25.39 8.81
N ASP C 275 17.39 25.88 7.58
CA ASP C 275 18.27 27.05 7.35
C ASP C 275 17.63 28.29 7.96
N ASP C 276 16.29 28.39 7.91
CA ASP C 276 15.56 29.51 8.54
C ASP C 276 15.66 29.41 10.07
N TRP C 277 15.46 28.19 10.59
CA TRP C 277 15.60 27.88 12.05
C TRP C 277 17.00 28.12 12.61
N GLY C 278 18.04 27.92 11.79
CA GLY C 278 19.43 28.08 12.17
C GLY C 278 19.77 29.47 12.71
N ALA C 279 19.00 30.47 12.29
CA ALA C 279 19.13 31.83 12.80
C ALA C 279 18.59 32.01 14.20
N GLU C 280 17.89 31.02 14.77
CA GLU C 280 17.22 31.23 16.06
C GLU C 280 17.79 30.44 17.24
N VAL C 281 18.91 29.78 17.02
CA VAL C 281 19.61 29.05 18.06
C VAL C 281 20.97 29.73 18.29
N ASP C 282 21.56 29.54 19.46
CA ASP C 282 22.86 30.10 19.77
C ASP C 282 23.90 29.23 19.15
N PHE C 283 23.59 27.95 19.00
CA PHE C 283 24.44 27.02 18.25
C PHE C 283 23.55 25.98 17.60
N VAL C 284 23.97 25.48 16.43
CA VAL C 284 23.14 24.63 15.63
C VAL C 284 23.44 23.22 16.01
N SER C 285 22.38 22.43 16.18
CA SER C 285 22.60 21.00 16.56
C SER C 285 21.73 20.04 15.77
N ASN C 286 22.24 18.84 15.50
CA ASN C 286 21.59 17.89 14.65
C ASN C 286 21.50 16.51 15.22
N ASP C 287 20.44 15.84 14.79
CA ASP C 287 20.30 14.42 14.95
C ASP C 287 20.42 13.81 13.58
N HIS C 288 21.29 12.82 13.43
CA HIS C 288 21.42 12.14 12.19
C HIS C 288 21.72 10.68 12.38
N TYR C 289 21.07 9.85 11.57
CA TYR C 289 21.16 8.43 11.62
C TYR C 289 21.53 7.87 10.29
N PHE C 290 22.56 7.02 10.28
CA PHE C 290 23.11 6.49 9.01
C PHE C 290 22.07 5.68 8.20
N THR C 291 22.22 5.73 6.89
CA THR C 291 21.48 4.91 5.95
C THR C 291 22.29 3.70 5.74
N PRO C 292 21.75 2.51 6.10
CA PRO C 292 22.42 1.29 5.84
C PRO C 292 22.73 1.10 4.34
N GLY C 293 23.87 0.47 4.07
CA GLY C 293 24.23 0.07 2.75
C GLY C 293 25.24 1.00 2.11
N GLU C 294 25.22 1.01 0.76
CA GLU C 294 26.27 1.65 -0.03
C GLU C 294 26.36 3.14 0.21
N ALA C 295 25.27 3.75 0.67
CA ALA C 295 25.18 5.22 0.91
C ALA C 295 25.67 5.68 2.28
N HIS C 296 25.97 4.70 3.15
CA HIS C 296 26.23 4.97 4.56
C HIS C 296 27.22 6.14 4.75
N PHE C 297 28.48 5.99 4.29
CA PHE C 297 29.51 7.00 4.66
C PHE C 297 29.22 8.31 3.98
N ASP C 298 28.94 8.24 2.67
CA ASP C 298 28.83 9.48 1.92
C ASP C 298 27.68 10.31 2.42
N GLU C 299 26.59 9.63 2.75
CA GLU C 299 25.46 10.45 3.26
C GLU C 299 25.64 11.03 4.66
N VAL C 300 26.35 10.30 5.52
CA VAL C 300 26.82 10.88 6.80
C VAL C 300 27.63 12.19 6.56
N ALA C 301 28.60 12.10 5.65
CA ALA C 301 29.41 13.27 5.27
C ALA C 301 28.60 14.39 4.64
N TYR C 302 27.65 14.04 3.75
CA TYR C 302 26.76 15.04 3.15
C TYR C 302 25.93 15.80 4.18
N ALA C 303 25.25 15.09 5.04
CA ALA C 303 24.39 15.82 6.06
C ALA C 303 25.22 16.68 7.01
N ALA C 304 26.41 16.20 7.33
CA ALA C 304 27.30 16.94 8.19
C ALA C 304 27.78 18.25 7.50
N SER C 305 28.08 18.17 6.22
CA SER C 305 28.41 19.38 5.41
C SER C 305 27.24 20.34 5.34
N LEU C 306 26.05 19.79 5.11
CA LEU C 306 24.86 20.64 5.18
C LEU C 306 24.66 21.34 6.53
N MET C 307 24.89 20.60 7.62
CA MET C 307 24.88 21.26 8.93
C MET C 307 25.87 22.43 8.99
N ASP C 308 27.08 22.21 8.49
CA ASP C 308 28.10 23.23 8.49
C ASP C 308 27.62 24.43 7.63
N GLY C 309 26.84 24.19 6.58
CA GLY C 309 26.32 25.32 5.80
C GLY C 309 25.24 26.05 6.53
N ILE C 310 24.37 25.29 7.17
CA ILE C 310 23.36 25.91 7.98
C ILE C 310 23.97 26.71 9.11
N SER C 311 25.06 26.23 9.71
CA SER C 311 25.75 26.97 10.79
C SER C 311 26.66 28.10 10.26
N ARG C 312 26.62 28.39 8.95
CA ARG C 312 27.46 29.46 8.34
C ARG C 312 28.93 29.24 8.72
N LYS C 313 29.34 27.97 8.68
CA LYS C 313 30.64 27.52 9.14
C LYS C 313 31.06 27.70 10.61
N GLU C 314 30.21 28.28 11.45
CA GLU C 314 30.43 28.13 12.87
C GLU C 314 30.45 26.68 13.31
N PRO C 315 31.28 26.38 14.32
CA PRO C 315 31.23 25.05 14.92
C PRO C 315 29.78 24.69 15.35
N TRP C 316 29.43 23.43 15.13
CA TRP C 316 28.03 22.99 15.35
C TRP C 316 28.07 21.74 16.21
N PHE C 317 26.90 21.25 16.63
CA PHE C 317 26.77 20.21 17.69
C PHE C 317 26.04 18.97 17.15
N GLN C 318 26.69 17.81 17.14
CA GLN C 318 26.02 16.56 16.77
C GLN C 318 25.35 16.08 18.03
N MET C 319 24.09 16.40 18.13
CA MET C 319 23.27 16.06 19.31
C MET C 319 22.99 14.54 19.38
N GLU C 320 22.70 13.93 18.25
CA GLU C 320 22.42 12.51 18.24
C GLU C 320 22.86 11.85 16.98
N HIS C 321 23.21 10.60 17.18
CA HIS C 321 23.29 9.60 16.15
C HIS C 321 23.33 8.26 16.83
N SER C 322 23.60 7.20 16.07
CA SER C 322 23.59 5.88 16.59
C SER C 322 24.94 5.18 16.39
N THR C 323 25.30 4.39 17.41
CA THR C 323 26.43 3.55 17.37
C THR C 323 26.23 2.42 16.38
N SER C 324 25.00 1.93 16.29
CA SER C 324 24.71 0.89 15.35
C SER C 324 23.22 0.96 14.94
N ALA C 325 22.47 -0.13 15.07
CA ALA C 325 21.13 -0.17 14.51
C ALA C 325 20.21 0.79 15.25
N VAL C 326 19.21 1.32 14.57
CA VAL C 326 18.09 2.08 15.15
C VAL C 326 16.95 1.06 15.36
N ASN C 327 15.82 1.55 15.86
CA ASN C 327 14.62 0.74 16.04
C ASN C 327 13.54 0.88 14.98
N TRP C 328 13.59 2.00 14.27
CA TRP C 328 12.49 2.52 13.48
C TRP C 328 12.47 2.25 11.96
N ARG C 329 13.37 1.40 11.47
CA ARG C 329 13.34 0.98 10.10
C ARG C 329 12.59 -0.34 9.98
N PRO C 330 12.14 -0.68 8.78
CA PRO C 330 11.54 -1.98 8.58
C PRO C 330 12.57 -3.10 8.76
N ILE C 331 13.84 -2.84 8.44
CA ILE C 331 14.94 -3.82 8.71
C ILE C 331 16.05 -3.03 9.34
N ASN C 332 16.29 -3.25 10.62
CA ASN C 332 17.29 -2.46 11.36
C ASN C 332 18.73 -3.00 11.30
N TYR C 333 19.35 -2.75 10.15
CA TYR C 333 20.67 -3.30 9.84
C TYR C 333 21.64 -2.74 10.85
N ARG C 334 22.62 -3.53 11.23
CA ARG C 334 23.67 -3.03 12.09
C ARG C 334 24.65 -2.23 11.28
N ALA C 335 25.35 -1.33 11.96
CA ALA C 335 26.44 -0.59 11.34
C ALA C 335 27.67 -1.53 11.13
N GLU C 336 28.49 -1.22 10.14
CA GLU C 336 29.69 -2.05 9.91
C GLU C 336 30.64 -1.73 11.05
N PRO C 337 31.43 -2.71 11.50
CA PRO C 337 32.52 -2.42 12.46
C PRO C 337 33.40 -1.25 12.03
N GLY C 338 33.59 -0.32 12.94
CA GLY C 338 34.41 0.87 12.71
C GLY C 338 33.60 2.14 12.60
N SER C 339 32.28 1.95 12.45
CA SER C 339 31.36 3.03 12.20
C SER C 339 31.33 4.00 13.38
N VAL C 340 31.49 3.54 14.60
CA VAL C 340 31.41 4.40 15.76
C VAL C 340 32.44 5.48 15.63
N VAL C 341 33.69 5.09 15.48
CA VAL C 341 34.73 6.13 15.34
C VAL C 341 34.58 6.83 13.98
N ARG C 342 34.39 6.09 12.91
CA ARG C 342 34.43 6.72 11.54
C ARG C 342 33.35 7.81 11.35
N ASP C 343 32.08 7.45 11.62
CA ASP C 343 30.97 8.41 11.44
C ASP C 343 31.16 9.62 12.30
N SER C 344 31.58 9.39 13.56
CA SER C 344 31.75 10.52 14.45
C SER C 344 32.84 11.42 13.96
N LEU C 345 33.91 10.85 13.46
CA LEU C 345 35.02 11.72 12.99
C LEU C 345 34.71 12.48 11.65
N ALA C 346 33.84 11.89 10.83
CA ALA C 346 33.29 12.62 9.69
C ALA C 346 32.47 13.80 10.14
N GLN C 347 31.70 13.68 11.23
CA GLN C 347 30.97 14.84 11.70
C GLN C 347 31.93 15.90 12.21
N VAL C 348 32.95 15.48 12.93
CA VAL C 348 33.97 16.42 13.39
C VAL C 348 34.65 17.04 12.16
N ALA C 349 35.01 16.24 11.16
CA ALA C 349 35.70 16.81 9.98
C ALA C 349 34.91 17.94 9.38
N MET C 350 33.58 17.75 9.36
CA MET C 350 32.66 18.71 8.78
C MET C 350 32.25 19.79 9.69
N GLY C 351 32.91 19.89 10.85
CA GLY C 351 32.82 21.08 11.69
C GLY C 351 32.27 20.93 13.10
N ALA C 352 31.88 19.71 13.46
CA ALA C 352 31.26 19.45 14.75
C ALA C 352 32.30 19.55 15.86
N ASP C 353 32.00 20.29 16.91
CA ASP C 353 32.83 20.37 18.10
C ASP C 353 32.14 19.70 19.30
N ALA C 354 31.07 18.92 18.98
CA ALA C 354 30.40 18.06 19.94
C ALA C 354 29.90 16.85 19.21
N ILE C 355 30.14 15.68 19.80
CA ILE C 355 29.72 14.44 19.30
C ILE C 355 28.88 13.77 20.38
N CYS C 356 27.58 13.62 20.11
CA CYS C 356 26.71 12.95 21.03
C CYS C 356 25.83 11.91 20.35
N TYR C 357 25.50 10.90 21.12
CA TYR C 357 24.65 9.79 20.69
C TYR C 357 23.28 9.71 21.34
N PHE C 358 22.31 9.13 20.62
CA PHE C 358 21.10 8.60 21.25
C PHE C 358 21.34 7.12 21.39
N GLN C 359 21.47 6.59 22.61
CA GLN C 359 21.51 7.29 23.89
C GLN C 359 22.61 6.60 24.71
N TRP C 360 22.82 7.03 25.95
CA TRP C 360 23.91 6.53 26.77
C TRP C 360 23.72 5.03 27.06
N ARG C 361 22.60 4.67 27.66
CA ARG C 361 22.36 3.26 28.01
C ARG C 361 21.10 2.77 27.36
N GLN C 362 21.27 1.64 26.68
CA GLN C 362 20.20 1.02 25.95
C GLN C 362 19.04 0.62 26.85
N SER C 363 17.85 1.03 26.47
CA SER C 363 16.68 0.90 27.33
C SER C 363 16.31 -0.59 27.41
N LYS C 364 15.83 -1.03 28.56
CA LYS C 364 15.35 -2.40 28.73
C LYS C 364 13.83 -2.54 28.43
N ALA C 365 13.16 -1.39 28.35
CA ALA C 365 11.70 -1.35 28.17
C ALA C 365 11.29 -0.15 27.31
N GLY C 366 10.17 -0.29 26.63
CA GLY C 366 9.59 0.81 25.87
C GLY C 366 9.90 0.76 24.39
N ALA C 367 9.35 1.73 23.68
CA ALA C 367 9.35 1.74 22.18
C ALA C 367 10.74 1.79 21.52
N GLU C 368 11.73 2.26 22.25
CA GLU C 368 13.10 2.31 21.74
C GLU C 368 14.14 1.31 22.30
N LYS C 369 13.70 0.31 23.00
CA LYS C 369 14.62 -0.65 23.61
C LYS C 369 15.50 -1.32 22.59
N TRP C 370 15.04 -1.47 21.35
CA TRP C 370 15.92 -2.05 20.27
C TRP C 370 16.84 -1.06 19.56
N HIS C 371 16.83 0.19 19.96
CA HIS C 371 17.77 1.19 19.38
C HIS C 371 19.11 1.05 20.13
N SER C 372 20.18 0.78 19.37
CA SER C 372 21.53 0.73 19.88
C SER C 372 21.88 1.96 20.71
N SER C 373 22.90 1.79 21.57
CA SER C 373 23.31 2.81 22.51
C SER C 373 24.81 2.72 22.80
N MET C 374 25.31 3.58 23.69
CA MET C 374 26.74 3.65 23.94
C MET C 374 27.07 2.47 24.85
N VAL C 375 26.20 2.21 25.82
CA VAL C 375 26.27 0.96 26.57
C VAL C 375 25.16 -0.02 26.12
N PRO C 376 25.51 -0.97 25.28
CA PRO C 376 24.43 -1.84 24.83
C PRO C 376 23.76 -2.69 25.94
N HIS C 377 22.70 -3.43 25.61
CA HIS C 377 22.12 -4.40 26.54
C HIS C 377 23.18 -5.33 27.11
N ALA C 378 24.10 -5.74 26.21
CA ALA C 378 25.22 -6.59 26.57
C ALA C 378 26.14 -6.05 27.67
N GLY C 379 26.17 -4.73 27.89
CA GLY C 379 27.03 -4.14 28.85
C GLY C 379 28.39 -3.71 28.34
N GLU C 380 29.26 -3.43 29.28
CA GLU C 380 30.61 -2.98 28.96
C GLU C 380 31.46 -4.00 28.23
N ASP C 381 31.20 -5.27 28.42
CA ASP C 381 31.90 -6.25 27.63
C ASP C 381 31.23 -6.40 26.25
N SER C 382 31.53 -5.45 25.37
CA SER C 382 31.00 -5.45 24.01
C SER C 382 31.88 -4.59 23.14
N GLN C 383 31.89 -4.92 21.86
CA GLN C 383 32.66 -4.14 20.90
C GLN C 383 32.18 -2.71 20.78
N ILE C 384 30.86 -2.51 20.74
CA ILE C 384 30.38 -1.13 20.77
C ILE C 384 30.91 -0.34 21.93
N PHE C 385 30.85 -0.86 23.16
CA PHE C 385 31.29 -0.03 24.28
C PHE C 385 32.82 0.23 24.17
N ARG C 386 33.57 -0.76 23.69
CA ARG C 386 35.04 -0.58 23.46
C ARG C 386 35.36 0.48 22.41
N ASP C 387 34.54 0.52 21.34
CA ASP C 387 34.63 1.57 20.29
C ASP C 387 34.25 2.92 20.80
N VAL C 388 33.15 2.96 21.56
CA VAL C 388 32.78 4.16 22.32
C VAL C 388 33.93 4.73 23.18
N CYS C 389 34.61 3.87 23.91
CA CYS C 389 35.79 4.31 24.68
C CYS C 389 37.00 4.80 23.81
N GLU C 390 37.21 4.11 22.69
CA GLU C 390 38.25 4.47 21.75
C GLU C 390 37.95 5.83 21.16
N LEU C 391 36.67 6.06 20.85
CA LEU C 391 36.26 7.36 20.34
C LEU C 391 36.47 8.47 21.38
N GLY C 392 36.13 8.20 22.64
CA GLY C 392 36.30 9.23 23.67
C GLY C 392 37.77 9.65 23.81
N ALA C 393 38.60 8.67 23.65
CA ALA C 393 40.06 8.86 23.68
C ALA C 393 40.52 9.63 22.47
N ASP C 394 40.00 9.30 21.28
CA ASP C 394 40.45 10.02 20.07
C ASP C 394 40.01 11.41 20.19
N LEU C 395 38.82 11.67 20.75
CA LEU C 395 38.37 13.07 20.86
C LEU C 395 39.21 13.89 21.86
N GLY C 396 39.64 13.20 22.92
CA GLY C 396 40.61 13.78 23.87
C GLY C 396 41.89 14.25 23.19
N ARG C 397 42.42 13.41 22.34
CA ARG C 397 43.61 13.69 21.54
C ARG C 397 43.46 14.86 20.63
N LEU C 398 42.34 14.86 19.90
CA LEU C 398 42.04 15.93 18.98
C LEU C 398 41.88 17.19 19.78
N SER C 399 41.37 17.05 21.00
CA SER C 399 41.22 18.22 21.85
C SER C 399 42.59 18.77 22.31
N ASP C 400 43.49 17.85 22.59
CA ASP C 400 44.85 18.21 23.01
C ASP C 400 45.51 19.03 21.92
N GLU C 401 45.19 18.73 20.66
CA GLU C 401 45.76 19.45 19.52
C GLU C 401 45.08 20.74 19.15
N GLY C 402 44.08 21.15 19.90
CA GLY C 402 43.38 22.40 19.64
C GLY C 402 42.40 22.43 18.45
N LEU C 403 41.72 21.32 18.16
CA LEU C 403 40.73 21.27 17.14
C LEU C 403 39.57 22.22 17.38
N MET C 404 39.19 22.40 18.65
CA MET C 404 38.05 23.22 18.94
C MET C 404 38.12 24.62 18.33
N GLY C 405 37.02 25.06 17.71
CA GLY C 405 36.93 26.43 17.19
C GLY C 405 37.48 26.59 15.77
N THR C 406 38.26 25.65 15.30
CA THR C 406 38.60 25.64 13.87
C THR C 406 37.36 25.36 13.01
N LYS C 407 37.48 25.59 11.69
CA LYS C 407 36.33 25.62 10.78
C LYS C 407 36.69 24.88 9.53
N THR C 408 35.68 24.19 8.95
CA THR C 408 35.93 23.32 7.82
C THR C 408 36.28 24.33 6.73
N VAL C 409 37.30 24.05 5.95
CA VAL C 409 37.78 25.02 4.95
C VAL C 409 36.75 25.17 3.80
N LYS C 410 36.76 26.34 3.15
CA LYS C 410 35.88 26.64 2.03
C LYS C 410 36.21 25.78 0.82
N SER C 411 35.22 25.04 0.33
CA SER C 411 35.44 24.22 -0.84
C SER C 411 35.51 25.10 -2.11
N LYS C 412 36.08 24.58 -3.18
CA LYS C 412 35.93 25.24 -4.49
C LYS C 412 34.44 25.19 -5.00
N VAL C 413 33.69 24.12 -4.61
CA VAL C 413 32.38 23.81 -5.17
C VAL C 413 31.29 23.84 -4.09
N ALA C 414 30.27 24.65 -4.32
CA ALA C 414 29.06 24.66 -3.50
C ALA C 414 27.92 23.90 -4.15
N VAL C 415 27.46 22.84 -3.50
CA VAL C 415 26.22 22.14 -3.96
C VAL C 415 25.02 22.72 -3.21
N VAL C 416 24.07 23.30 -3.94
CA VAL C 416 23.02 24.09 -3.36
C VAL C 416 21.84 23.22 -2.86
N PHE C 417 21.30 23.55 -1.67
CA PHE C 417 20.15 22.79 -1.11
C PHE C 417 19.06 23.77 -0.70
N ASP C 418 17.83 23.51 -1.13
CA ASP C 418 16.68 24.40 -0.90
C ASP C 418 15.49 23.58 -0.32
N TYR C 419 15.24 23.72 0.97
CA TYR C 419 14.16 22.99 1.60
C TYR C 419 12.87 23.29 0.85
N GLU C 420 12.69 24.54 0.43
CA GLU C 420 11.42 24.99 -0.13
C GLU C 420 11.20 24.38 -1.47
N SER C 421 12.26 24.28 -2.29
CA SER C 421 12.19 23.51 -3.53
C SER C 421 11.88 22.07 -3.28
N GLN C 422 12.42 21.52 -2.19
CA GLN C 422 12.11 20.11 -1.89
C GLN C 422 10.61 20.01 -1.66
N TRP C 423 10.04 20.89 -0.82
CA TRP C 423 8.59 20.95 -0.60
C TRP C 423 7.74 21.06 -1.90
N ALA C 424 8.16 21.92 -2.81
CA ALA C 424 7.56 22.02 -4.13
C ALA C 424 7.58 20.77 -4.93
N THR C 425 8.65 20.03 -4.86
CA THR C 425 8.74 18.81 -5.65
C THR C 425 7.93 17.68 -5.05
N GLU C 426 7.37 17.88 -3.85
CA GLU C 426 6.51 16.87 -3.24
C GLU C 426 5.08 16.88 -3.81
N TYR C 427 4.69 17.90 -4.57
CA TYR C 427 3.34 17.98 -5.06
C TYR C 427 2.99 16.73 -5.90
N THR C 428 1.76 16.27 -5.79
CA THR C 428 1.41 14.97 -6.36
C THR C 428 1.03 14.99 -7.86
N ALA C 429 0.97 16.19 -8.45
CA ALA C 429 0.68 16.34 -9.90
C ALA C 429 1.78 17.15 -10.61
N ASN C 430 3.01 16.80 -10.27
CA ASN C 430 4.17 17.26 -10.97
C ASN C 430 4.43 16.38 -12.16
N PRO C 431 5.39 16.79 -13.02
CA PRO C 431 5.61 15.91 -14.19
C PRO C 431 5.88 14.49 -13.82
N THR C 432 6.55 14.28 -12.66
CA THR C 432 6.75 12.91 -12.20
C THR C 432 6.96 12.89 -10.70
N GLN C 433 6.29 11.94 -10.10
CA GLN C 433 6.34 11.81 -8.64
C GLN C 433 7.64 11.10 -8.25
N GLN C 434 8.40 10.58 -9.22
CA GLN C 434 9.69 10.00 -8.92
C GLN C 434 10.82 11.01 -8.69
N VAL C 435 10.55 12.30 -8.85
CA VAL C 435 11.57 13.32 -8.76
C VAL C 435 11.32 14.25 -7.52
N ASP C 436 12.22 14.17 -6.54
CA ASP C 436 12.32 15.07 -5.41
C ASP C 436 13.59 15.92 -5.57
N HIS C 437 13.56 17.13 -5.08
CA HIS C 437 14.78 17.91 -5.14
C HIS C 437 15.96 17.20 -4.44
N TRP C 438 15.69 16.56 -3.31
CA TRP C 438 16.80 16.15 -2.42
C TRP C 438 17.82 15.12 -2.91
N THR C 439 17.42 14.20 -3.76
CA THR C 439 18.34 13.19 -4.22
C THR C 439 19.42 13.80 -5.09
N GLU C 440 19.08 14.87 -5.81
CA GLU C 440 20.07 15.40 -6.78
C GLU C 440 21.36 15.99 -6.11
N PRO C 441 21.23 16.95 -5.18
CA PRO C 441 22.41 17.47 -4.47
C PRO C 441 23.24 16.36 -3.81
N LEU C 442 22.59 15.31 -3.27
CA LEU C 442 23.34 14.19 -2.78
C LEU C 442 24.14 13.55 -3.86
N ASP C 443 23.48 13.26 -4.99
CA ASP C 443 24.10 12.59 -6.12
C ASP C 443 25.35 13.43 -6.62
N TRP C 444 25.22 14.75 -6.68
CA TRP C 444 26.36 15.60 -7.08
C TRP C 444 27.51 15.58 -6.07
N PHE C 445 27.16 15.70 -4.80
CA PHE C 445 28.14 15.59 -3.72
C PHE C 445 28.97 14.34 -3.87
N ARG C 446 28.31 13.24 -4.12
CA ARG C 446 29.00 11.99 -4.22
C ARG C 446 29.82 11.89 -5.53
N ALA C 447 29.30 12.45 -6.62
CA ALA C 447 29.94 12.25 -7.93
C ALA C 447 31.25 13.07 -7.92
N LEU C 448 31.15 14.26 -7.35
CA LEU C 448 32.28 15.13 -7.09
C LEU C 448 33.33 14.49 -6.17
N ALA C 449 32.88 13.80 -5.12
CA ALA C 449 33.78 12.98 -4.31
C ALA C 449 34.48 11.91 -5.13
N ASP C 450 33.75 11.28 -6.03
CA ASP C 450 34.33 10.31 -6.89
C ASP C 450 35.42 10.91 -7.79
N ASN C 451 35.38 12.20 -8.06
CA ASN C 451 36.43 12.87 -8.78
C ASN C 451 37.41 13.60 -7.85
N GLY C 452 37.45 13.23 -6.57
CA GLY C 452 38.46 13.75 -5.66
C GLY C 452 38.19 15.11 -5.15
N ILE C 453 36.92 15.53 -5.26
CA ILE C 453 36.53 16.81 -4.77
C ILE C 453 35.62 16.62 -3.57
N THR C 454 35.85 17.43 -2.55
CA THR C 454 34.93 17.59 -1.42
C THR C 454 34.22 18.90 -1.52
N ALA C 455 32.93 18.81 -1.82
CA ALA C 455 32.12 20.01 -1.94
C ALA C 455 31.62 20.43 -0.61
N ASP C 456 31.16 21.69 -0.53
CA ASP C 456 30.37 22.21 0.57
C ASP C 456 28.89 22.15 0.20
N VAL C 457 28.01 21.61 1.06
CA VAL C 457 26.61 21.63 0.73
C VAL C 457 26.11 22.89 1.36
N VAL C 458 25.57 23.81 0.56
CA VAL C 458 25.22 25.17 0.98
C VAL C 458 23.72 25.52 0.79
N PRO C 459 23.04 26.03 1.82
CA PRO C 459 21.67 26.41 1.64
C PRO C 459 21.45 27.59 0.67
N VAL C 460 20.33 27.56 -0.03
CA VAL C 460 20.11 28.46 -1.15
C VAL C 460 20.22 29.87 -0.77
N ARG C 461 19.74 30.22 0.43
CA ARG C 461 19.84 31.57 0.89
C ARG C 461 21.25 31.96 1.36
N SER C 462 22.16 31.01 1.44
CA SER C 462 23.51 31.30 1.89
C SER C 462 24.44 31.61 0.67
N ASP C 463 25.70 31.71 0.96
CA ASP C 463 26.69 32.33 0.05
C ASP C 463 27.22 31.44 -1.02
N TRP C 464 26.38 30.56 -1.59
CA TRP C 464 26.83 29.70 -2.70
C TRP C 464 27.42 30.55 -3.87
N ASP C 465 26.94 31.78 -3.98
CA ASP C 465 27.43 32.66 -5.07
C ASP C 465 28.73 33.35 -4.75
N SER C 466 29.48 32.83 -3.77
CA SER C 466 30.80 33.35 -3.49
C SER C 466 31.82 32.32 -3.77
N TYR C 467 31.38 31.17 -4.27
CA TYR C 467 32.26 30.07 -4.55
C TYR C 467 32.75 30.15 -6.00
N GLU C 468 33.81 29.41 -6.31
CA GLU C 468 34.29 29.34 -7.66
C GLU C 468 33.33 28.60 -8.55
N ILE C 469 32.88 27.43 -8.06
CA ILE C 469 31.96 26.57 -8.76
C ILE C 469 30.71 26.29 -7.88
N ALA C 470 29.52 26.32 -8.48
CA ALA C 470 28.25 26.06 -7.75
C ALA C 470 27.33 25.22 -8.59
N VAL C 471 26.49 24.43 -7.91
CA VAL C 471 25.56 23.47 -8.55
C VAL C 471 24.13 23.79 -8.10
N LEU C 472 23.21 23.96 -9.05
CA LEU C 472 21.79 24.08 -8.76
C LEU C 472 21.22 22.76 -9.15
N PRO C 473 21.09 21.81 -8.18
CA PRO C 473 20.67 20.45 -8.52
C PRO C 473 19.16 20.29 -8.27
N CYS C 474 18.38 20.28 -9.33
CA CYS C 474 16.91 20.28 -9.22
C CYS C 474 16.34 21.29 -8.28
N VAL C 475 16.73 22.56 -8.43
CA VAL C 475 16.27 23.65 -7.60
C VAL C 475 15.00 24.25 -8.24
N TYR C 476 13.87 23.62 -7.97
CA TYR C 476 12.65 23.76 -8.76
C TYR C 476 12.12 25.18 -8.66
N LEU C 477 12.21 25.82 -7.53
CA LEU C 477 11.82 27.20 -7.40
C LEU C 477 13.02 28.09 -7.61
N LEU C 478 12.89 29.10 -8.48
CA LEU C 478 13.79 30.24 -8.51
C LEU C 478 12.96 31.49 -8.50
N SER C 479 13.04 32.23 -7.41
CA SER C 479 12.41 33.53 -7.38
C SER C 479 13.12 34.50 -8.37
N GLU C 480 12.54 35.68 -8.54
CA GLU C 480 13.23 36.72 -9.34
C GLU C 480 14.58 37.06 -8.70
N GLU C 481 14.59 37.27 -7.37
CA GLU C 481 15.79 37.54 -6.60
C GLU C 481 16.88 36.47 -6.78
N THR C 482 16.52 35.20 -6.71
CA THR C 482 17.49 34.15 -6.89
C THR C 482 18.04 34.01 -8.33
N SER C 483 17.15 34.17 -9.30
CA SER C 483 17.48 34.18 -10.69
C SER C 483 18.46 35.36 -10.97
N ARG C 484 18.26 36.50 -10.34
CA ARG C 484 19.23 37.59 -10.47
C ARG C 484 20.58 37.19 -9.91
N ARG C 485 20.58 36.37 -8.85
CA ARG C 485 21.84 36.01 -8.22
C ARG C 485 22.56 35.07 -9.13
N VAL C 486 21.80 34.22 -9.80
CA VAL C 486 22.39 33.22 -10.64
C VAL C 486 23.01 33.93 -11.87
N ARG C 487 22.31 34.97 -12.33
CA ARG C 487 22.71 35.74 -13.50
C ARG C 487 24.03 36.44 -13.15
N GLU C 488 24.00 37.25 -12.10
CA GLU C 488 25.20 37.95 -11.61
C GLU C 488 26.40 37.02 -11.32
N PHE C 489 26.14 35.80 -10.84
CA PHE C 489 27.20 34.88 -10.48
C PHE C 489 27.99 34.47 -11.72
N VAL C 490 27.27 34.09 -12.75
CA VAL C 490 27.95 33.59 -13.92
C VAL C 490 28.60 34.77 -14.68
N ALA C 491 27.92 35.92 -14.72
CA ALA C 491 28.41 37.08 -15.49
C ALA C 491 29.80 37.50 -14.97
N ASN C 492 29.94 37.49 -13.63
CA ASN C 492 31.15 37.88 -12.91
C ASN C 492 32.14 36.76 -12.71
N GLY C 493 32.10 35.77 -13.58
CA GLY C 493 33.09 34.72 -13.64
C GLY C 493 32.79 33.38 -12.95
N GLY C 494 31.60 33.27 -12.34
CA GLY C 494 31.15 32.00 -11.76
C GLY C 494 31.09 30.85 -12.75
N LYS C 495 31.35 29.64 -12.23
CA LYS C 495 31.17 28.42 -13.02
C LYS C 495 29.97 27.63 -12.45
N LEU C 496 28.92 27.40 -13.24
CA LEU C 496 27.61 26.97 -12.71
C LEU C 496 27.08 25.74 -13.39
N PHE C 497 26.81 24.70 -12.61
CA PHE C 497 26.12 23.48 -13.06
C PHE C 497 24.64 23.67 -12.75
N VAL C 498 23.81 23.33 -13.72
CA VAL C 498 22.35 23.48 -13.60
C VAL C 498 21.73 22.23 -14.13
N THR C 499 20.74 21.68 -13.41
CA THR C 499 20.08 20.44 -13.88
C THR C 499 18.62 20.61 -14.23
N TYR C 500 18.11 19.55 -14.84
CA TYR C 500 16.67 19.30 -15.01
C TYR C 500 15.97 19.63 -13.64
N TYR C 501 14.70 19.99 -13.76
CA TYR C 501 13.90 20.38 -12.63
C TYR C 501 14.37 21.63 -11.87
N THR C 502 15.01 22.56 -12.56
CA THR C 502 15.52 23.74 -11.93
C THR C 502 14.84 24.96 -12.57
N GLY C 503 14.35 25.86 -11.73
CA GLY C 503 13.82 27.11 -12.17
C GLY C 503 12.52 27.04 -12.91
N LEU C 504 11.71 26.02 -12.59
CA LEU C 504 10.44 25.81 -13.29
C LEU C 504 9.46 26.89 -12.89
N SER C 505 9.45 27.20 -11.61
CA SER C 505 8.57 28.20 -11.05
C SER C 505 9.27 29.22 -10.21
N ASP C 506 8.54 30.27 -9.88
CA ASP C 506 8.88 31.21 -8.89
C ASP C 506 8.45 30.72 -7.52
N GLU C 507 8.61 31.56 -6.51
CA GLU C 507 8.50 31.08 -5.16
C GLU C 507 7.06 30.69 -4.82
N ASN C 508 6.08 31.10 -5.65
CA ASN C 508 4.64 30.81 -5.36
C ASN C 508 4.12 29.67 -6.22
N ASP C 509 5.06 28.95 -6.79
CA ASP C 509 4.85 27.94 -7.76
C ASP C 509 4.05 28.44 -9.00
N HIS C 510 4.26 29.68 -9.42
CA HIS C 510 3.83 30.13 -10.79
C HIS C 510 4.92 29.80 -11.79
N ILE C 511 4.56 29.17 -12.92
CA ILE C 511 5.52 28.82 -13.94
C ILE C 511 6.19 30.04 -14.63
N TRP C 512 7.49 29.95 -14.90
CA TRP C 512 8.14 30.96 -15.66
C TRP C 512 7.92 30.54 -17.14
N LEU C 513 7.23 31.39 -17.88
CA LEU C 513 6.78 30.94 -19.22
C LEU C 513 7.86 31.17 -20.34
N GLY C 514 7.67 30.53 -21.50
CA GLY C 514 8.43 30.87 -22.71
C GLY C 514 9.46 29.85 -23.07
N GLY C 515 9.54 28.82 -22.23
CA GLY C 515 10.49 27.77 -22.41
C GLY C 515 11.24 27.56 -21.11
N TYR C 516 11.39 26.31 -20.68
CA TYR C 516 12.07 26.06 -19.40
C TYR C 516 13.61 26.10 -19.62
N PRO C 517 14.43 26.51 -18.64
CA PRO C 517 14.10 27.10 -17.35
C PRO C 517 13.88 28.59 -17.53
N GLY C 518 12.64 28.99 -17.28
CA GLY C 518 12.17 30.26 -17.79
C GLY C 518 12.78 31.54 -17.31
N SER C 519 13.44 31.54 -16.16
CA SER C 519 14.02 32.78 -15.68
C SER C 519 15.53 32.85 -15.97
N ILE C 520 16.14 31.77 -16.39
CA ILE C 520 17.59 31.76 -16.62
C ILE C 520 18.01 31.06 -17.90
N ARG C 521 17.06 30.92 -18.85
CA ARG C 521 17.29 30.41 -20.21
C ARG C 521 18.55 30.98 -20.84
N ASP C 522 18.61 32.31 -20.77
CA ASP C 522 19.66 33.18 -21.33
C ASP C 522 21.05 32.87 -20.76
N VAL C 523 21.10 32.45 -19.49
CA VAL C 523 22.37 32.15 -18.84
C VAL C 523 22.88 30.81 -19.26
N VAL C 524 22.00 29.81 -19.20
CA VAL C 524 22.41 28.46 -19.54
C VAL C 524 22.44 28.14 -21.03
N GLY C 525 21.85 28.99 -21.86
CA GLY C 525 21.85 28.76 -23.33
C GLY C 525 21.13 27.51 -23.77
N VAL C 526 20.04 27.21 -23.07
CA VAL C 526 19.09 26.13 -23.50
C VAL C 526 17.65 26.58 -23.41
N ARG C 527 16.82 25.89 -24.18
CA ARG C 527 15.39 26.12 -24.17
C ARG C 527 14.74 24.78 -24.20
N VAL C 528 13.92 24.50 -23.19
CA VAL C 528 13.24 23.23 -23.03
C VAL C 528 11.73 23.50 -23.25
N GLU C 529 11.17 22.81 -24.22
CA GLU C 529 9.75 22.95 -24.59
C GLU C 529 8.83 21.97 -23.87
N GLU C 530 9.31 20.74 -23.66
CA GLU C 530 8.60 19.77 -22.84
C GLU C 530 9.54 18.76 -22.15
N PHE C 531 8.94 17.86 -21.35
CA PHE C 531 9.64 16.91 -20.56
C PHE C 531 9.29 15.58 -21.09
N ALA C 532 10.22 14.64 -20.93
CA ALA C 532 9.98 13.26 -21.22
C ALA C 532 10.32 12.43 -20.01
N PRO C 533 9.37 12.31 -19.05
CA PRO C 533 9.58 11.44 -17.92
C PRO C 533 9.74 10.02 -18.34
N MET C 534 10.36 9.23 -17.46
CA MET C 534 10.66 7.82 -17.79
C MET C 534 10.43 6.98 -16.58
N GLY C 535 10.18 5.71 -16.79
CA GLY C 535 10.07 4.78 -15.71
C GLY C 535 9.64 3.43 -16.19
N ASN C 536 9.15 2.63 -15.26
CA ASN C 536 8.91 1.19 -15.46
C ASN C 536 7.49 0.74 -15.22
N ASP C 537 6.60 1.69 -14.99
CA ASP C 537 5.24 1.34 -14.60
C ASP C 537 4.26 1.20 -15.79
N MET C 538 4.70 1.41 -17.02
CA MET C 538 3.82 1.30 -18.19
C MET C 538 4.48 0.44 -19.26
N PRO C 539 3.94 -0.75 -19.52
CA PRO C 539 4.69 -1.54 -20.52
C PRO C 539 4.90 -0.78 -21.84
N GLY C 540 6.15 -0.75 -22.32
CA GLY C 540 6.54 -0.18 -23.58
C GLY C 540 6.82 1.31 -23.58
N ALA C 541 6.61 1.99 -22.45
CA ALA C 541 7.06 3.37 -22.36
C ALA C 541 8.56 3.40 -22.04
N LEU C 542 9.15 4.55 -22.26
CA LEU C 542 10.58 4.72 -22.12
C LEU C 542 10.99 4.57 -20.65
N ASP C 543 11.90 3.62 -20.38
CA ASP C 543 12.52 3.51 -19.05
C ASP C 543 13.93 4.10 -18.93
N HIS C 544 14.59 4.37 -20.06
CA HIS C 544 15.93 5.02 -20.06
C HIS C 544 16.26 5.65 -21.42
N LEU C 545 17.19 6.60 -21.44
CA LEU C 545 17.84 7.10 -22.63
C LEU C 545 19.36 6.95 -22.50
N ASP C 546 19.99 6.19 -23.38
CA ASP C 546 21.46 6.25 -23.51
C ASP C 546 21.90 7.63 -23.96
N LEU C 547 23.02 8.09 -23.40
CA LEU C 547 23.68 9.26 -23.92
C LEU C 547 24.89 8.81 -24.77
N ASP C 548 25.39 9.71 -25.61
CA ASP C 548 26.50 9.37 -26.52
C ASP C 548 27.89 9.48 -25.85
N ASN C 549 27.95 9.88 -24.56
CA ASN C 549 29.16 9.77 -23.75
C ASN C 549 29.23 8.51 -22.90
N GLY C 550 28.44 7.48 -23.22
CA GLY C 550 28.50 6.25 -22.49
C GLY C 550 27.85 6.29 -21.10
N THR C 551 26.92 7.20 -20.85
CA THR C 551 26.12 7.15 -19.63
C THR C 551 24.64 6.93 -20.02
N VAL C 552 23.80 6.68 -19.01
CA VAL C 552 22.38 6.36 -19.16
C VAL C 552 21.49 7.19 -18.18
N ALA C 553 20.53 7.89 -18.78
CA ALA C 553 19.58 8.71 -18.05
C ALA C 553 18.44 7.82 -17.58
N HIS C 554 17.91 8.12 -16.39
CA HIS C 554 16.73 7.41 -15.88
C HIS C 554 15.79 8.43 -15.39
N ASP C 555 14.52 8.06 -15.35
CA ASP C 555 13.47 8.87 -14.69
C ASP C 555 13.03 10.18 -15.31
N PHE C 556 13.93 10.90 -15.96
CA PHE C 556 13.57 12.20 -16.49
C PHE C 556 14.58 12.65 -17.51
N ALA C 557 14.10 13.17 -18.64
CA ALA C 557 14.93 13.97 -19.55
C ALA C 557 14.18 15.18 -20.07
N ASP C 558 14.89 16.33 -20.17
CA ASP C 558 14.40 17.57 -20.76
C ASP C 558 14.39 17.45 -22.28
N VAL C 559 13.34 17.93 -22.96
CA VAL C 559 13.37 17.92 -24.45
C VAL C 559 13.90 19.28 -24.85
N ILE C 560 15.22 19.37 -25.01
CA ILE C 560 15.88 20.65 -25.30
C ILE C 560 15.64 20.86 -26.80
N THR C 561 15.03 21.95 -27.22
CA THR C 561 14.81 22.09 -28.65
C THR C 561 15.71 23.11 -29.33
N SER C 562 16.30 24.03 -28.58
CA SER C 562 17.37 24.85 -29.10
C SER C 562 18.44 25.16 -28.06
N THR C 563 19.56 25.71 -28.56
CA THR C 563 20.75 26.04 -27.75
C THR C 563 21.33 27.35 -28.28
N ALA C 564 21.94 28.13 -27.40
CA ALA C 564 22.57 29.37 -27.76
C ALA C 564 23.75 29.18 -28.76
N ASP C 565 24.02 30.22 -29.52
CA ASP C 565 25.22 30.29 -30.38
C ASP C 565 26.49 30.08 -29.57
N THR C 566 26.51 30.68 -28.38
CA THR C 566 27.59 30.58 -27.44
C THR C 566 27.76 29.19 -26.81
N SER C 567 26.90 28.25 -27.15
CA SER C 567 26.82 27.02 -26.39
C SER C 567 27.53 25.95 -27.15
N THR C 568 27.81 24.85 -26.49
CA THR C 568 28.35 23.65 -27.08
C THR C 568 27.68 22.44 -26.47
N VAL C 569 27.12 21.60 -27.30
CA VAL C 569 26.56 20.38 -26.82
C VAL C 569 27.66 19.40 -26.44
N LEU C 570 27.64 18.93 -25.19
CA LEU C 570 28.62 17.95 -24.74
C LEU C 570 28.17 16.54 -24.93
N ALA C 571 26.87 16.31 -24.92
CA ALA C 571 26.37 14.96 -25.13
C ALA C 571 24.88 14.99 -25.48
N SER C 572 24.44 13.89 -26.07
CA SER C 572 23.12 13.84 -26.70
C SER C 572 22.59 12.43 -26.52
N TYR C 573 21.27 12.33 -26.42
CA TYR C 573 20.62 11.03 -26.23
C TYR C 573 20.75 10.23 -27.52
N LYS C 574 20.69 8.92 -27.39
CA LYS C 574 20.56 8.02 -28.51
C LYS C 574 19.32 7.23 -28.19
N ALA C 575 18.39 7.22 -29.14
CA ALA C 575 17.09 6.54 -28.99
C ALA C 575 16.50 6.12 -30.35
N GLU C 576 15.54 5.19 -30.30
CA GLU C 576 14.77 4.88 -31.53
C GLU C 576 14.04 6.12 -32.02
N ARG C 577 13.93 6.23 -33.34
CA ARG C 577 13.47 7.43 -34.01
C ARG C 577 12.04 7.78 -33.58
N TRP C 578 11.18 6.82 -33.34
CA TRP C 578 9.76 7.13 -33.00
C TRP C 578 9.56 7.84 -31.64
N THR C 579 10.54 7.71 -30.75
CA THR C 579 10.50 8.35 -29.43
C THR C 579 10.62 9.84 -29.55
N GLY C 580 11.23 10.29 -30.64
CA GLY C 580 11.52 11.71 -30.77
C GLY C 580 12.73 12.24 -29.99
N MET C 581 13.41 11.36 -29.29
CA MET C 581 14.53 11.77 -28.41
C MET C 581 15.95 11.55 -29.00
N ASN C 582 16.05 10.86 -30.12
CA ASN C 582 17.38 10.74 -30.77
C ASN C 582 18.00 12.08 -31.10
N GLU C 583 19.24 12.27 -30.66
CA GLU C 583 20.10 13.44 -30.91
C GLU C 583 19.63 14.68 -30.24
N VAL C 584 18.72 14.51 -29.27
CA VAL C 584 18.28 15.65 -28.46
C VAL C 584 19.43 15.89 -27.51
N PRO C 585 19.83 17.14 -27.36
CA PRO C 585 20.94 17.44 -26.46
C PRO C 585 20.62 17.04 -25.00
N ALA C 586 21.62 16.43 -24.36
CA ALA C 586 21.52 15.97 -22.96
C ALA C 586 22.31 16.86 -22.01
N ILE C 587 23.49 17.28 -22.48
CA ILE C 587 24.40 18.10 -21.67
C ILE C 587 24.98 19.21 -22.51
N VAL C 588 24.86 20.44 -22.03
CA VAL C 588 25.12 21.63 -22.82
C VAL C 588 25.93 22.66 -22.04
N ALA C 589 27.13 22.88 -22.58
CA ALA C 589 28.01 23.86 -22.03
C ALA C 589 27.63 25.23 -22.56
N ASN C 590 27.87 26.28 -21.80
CA ASN C 590 27.67 27.60 -22.35
C ASN C 590 28.64 28.58 -21.74
N GLY C 591 28.82 29.71 -22.40
CA GLY C 591 29.60 30.81 -21.88
C GLY C 591 28.67 31.97 -21.73
N TYR C 592 28.70 32.64 -20.59
CA TYR C 592 27.86 33.78 -20.40
C TYR C 592 28.70 34.77 -19.64
N GLY C 593 29.03 35.88 -20.29
CA GLY C 593 29.96 36.89 -19.71
C GLY C 593 31.31 36.35 -19.43
N ASP C 594 31.83 36.66 -18.24
CA ASP C 594 33.11 36.10 -17.78
C ASP C 594 33.01 34.65 -17.29
N GLY C 595 31.79 34.09 -17.28
CA GLY C 595 31.49 32.81 -16.62
C GLY C 595 31.19 31.64 -17.56
N ARG C 596 30.94 30.47 -16.99
CA ARG C 596 30.70 29.28 -17.74
C ARG C 596 29.55 28.50 -17.07
N THR C 597 28.70 27.84 -17.86
CA THR C 597 27.65 26.96 -17.30
C THR C 597 27.69 25.67 -17.99
N VAL C 598 27.11 24.65 -17.35
CA VAL C 598 26.87 23.34 -17.92
C VAL C 598 25.47 22.91 -17.44
N TYR C 599 24.60 22.68 -18.39
CA TYR C 599 23.21 22.28 -18.09
C TYR C 599 23.10 20.80 -18.37
N VAL C 600 22.62 20.02 -17.38
CA VAL C 600 22.45 18.57 -17.49
C VAL C 600 20.96 18.32 -17.48
N GLY C 601 20.50 17.77 -18.59
CA GLY C 601 19.06 17.77 -18.89
C GLY C 601 18.38 16.49 -18.47
N CYS C 602 19.09 15.67 -17.71
CA CYS C 602 18.57 14.37 -17.34
C CYS C 602 19.16 13.93 -16.02
N ARG C 603 18.52 12.90 -15.44
CA ARG C 603 18.98 12.26 -14.22
C ARG C 603 19.99 11.18 -14.55
N LEU C 604 21.23 11.44 -14.22
CA LEU C 604 22.32 10.53 -14.52
C LEU C 604 22.87 9.73 -13.30
N GLY C 605 22.45 10.10 -12.09
CA GLY C 605 22.86 9.36 -10.91
C GLY C 605 24.29 9.70 -10.52
N ARG C 606 24.73 9.11 -9.42
CA ARG C 606 26.09 9.32 -8.98
C ARG C 606 27.00 8.86 -10.10
N GLN C 607 26.74 7.69 -10.62
CA GLN C 607 27.64 7.13 -11.60
C GLN C 607 27.79 7.85 -12.93
N GLY C 608 26.66 8.24 -13.53
CA GLY C 608 26.64 8.95 -14.78
C GLY C 608 27.28 10.28 -14.62
N LEU C 609 27.00 10.91 -13.48
CA LEU C 609 27.59 12.20 -13.22
C LEU C 609 29.10 12.12 -13.03
N ALA C 610 29.54 11.08 -12.35
CA ALA C 610 30.98 10.97 -11.98
C ALA C 610 31.77 10.73 -13.27
N LYS C 611 31.15 9.97 -14.16
CA LYS C 611 31.80 9.65 -15.43
C LYS C 611 31.90 10.88 -16.32
N SER C 612 30.86 11.71 -16.27
CA SER C 612 30.67 12.88 -17.10
C SER C 612 31.41 14.07 -16.62
N LEU C 613 31.76 14.09 -15.33
CA LEU C 613 32.33 15.32 -14.72
C LEU C 613 33.65 15.84 -15.39
N PRO C 614 34.57 14.93 -15.74
CA PRO C 614 35.82 15.41 -16.44
C PRO C 614 35.54 16.29 -17.71
N ALA C 615 34.65 15.82 -18.62
CA ALA C 615 34.20 16.63 -19.79
C ALA C 615 33.51 17.88 -19.39
N MET C 616 32.65 17.83 -18.37
CA MET C 616 31.94 19.06 -18.05
C MET C 616 32.88 20.10 -17.42
N LEU C 617 33.74 19.63 -16.55
CA LEU C 617 34.68 20.52 -15.89
C LEU C 617 35.68 21.02 -16.94
N GLY C 618 36.11 20.13 -17.82
CA GLY C 618 36.93 20.54 -18.97
C GLY C 618 36.35 21.70 -19.73
N SER C 619 35.02 21.63 -20.00
CA SER C 619 34.28 22.66 -20.76
C SER C 619 34.24 23.94 -20.00
N MET C 620 34.44 23.85 -18.70
CA MET C 620 34.44 25.08 -17.92
C MET C 620 35.84 25.64 -17.74
N GLY C 621 36.81 25.00 -18.37
CA GLY C 621 38.21 25.40 -18.26
C GLY C 621 38.82 24.91 -16.99
N LEU C 622 38.36 23.76 -16.49
CA LEU C 622 38.82 23.25 -15.18
C LEU C 622 39.34 21.83 -15.17
N SER C 623 40.20 21.43 -16.08
CA SER C 623 40.82 20.10 -15.93
C SER C 623 41.97 20.17 -14.90
N LEU C 625 41.17 19.80 -11.79
CA LEU C 625 40.39 19.81 -10.53
C LEU C 625 40.26 18.40 -9.94
N ALA C 626 40.17 17.39 -10.79
CA ALA C 626 40.11 15.97 -10.38
C ALA C 626 41.32 15.42 -9.61
N GLY C 627 41.05 14.30 -8.95
CA GLY C 627 41.85 13.79 -7.87
C GLY C 627 41.42 12.36 -7.56
N ASP C 628 41.86 11.86 -6.41
CA ASP C 628 41.65 10.49 -6.05
C ASP C 628 40.34 10.38 -5.23
N GLY C 629 39.36 9.76 -5.84
CA GLY C 629 38.05 9.59 -5.27
C GLY C 629 37.92 8.34 -4.42
N ARG C 630 39.00 7.59 -4.24
CA ARG C 630 38.96 6.45 -3.33
C ARG C 630 38.82 6.91 -1.86
N VAL C 631 39.18 8.16 -1.57
CA VAL C 631 39.08 8.64 -0.23
C VAL C 631 38.37 9.94 -0.26
N LEU C 632 37.73 10.31 0.85
CA LEU C 632 37.28 11.65 1.04
C LEU C 632 38.34 12.30 1.90
N ARG C 633 38.68 13.54 1.56
CA ARG C 633 39.62 14.37 2.32
C ARG C 633 38.90 15.60 2.77
N VAL C 634 38.88 15.88 4.08
CA VAL C 634 38.24 17.08 4.63
C VAL C 634 39.17 17.78 5.54
N GLU C 635 39.11 19.11 5.58
CA GLU C 635 40.12 19.85 6.31
C GLU C 635 39.46 20.88 7.14
N ARG C 636 40.01 21.13 8.34
CA ARG C 636 39.66 22.28 9.20
C ARG C 636 40.89 23.16 9.53
N ALA C 637 40.68 24.42 9.90
CA ALA C 637 41.79 25.35 10.21
C ALA C 637 41.32 26.51 11.03
N ASP C 638 42.21 27.17 11.80
CA ASP C 638 41.89 28.43 12.56
C ASP C 638 42.21 29.70 11.78
N ALA C 639 43.20 30.47 12.23
CA ALA C 639 43.76 31.57 11.42
C ALA C 639 44.20 31.03 10.04
N ALA C 642 46.96 29.39 10.48
CA ALA C 642 47.95 28.97 11.50
C ALA C 642 48.08 27.45 11.51
N SER C 643 47.01 26.77 11.90
CA SER C 643 47.02 25.30 11.91
C SER C 643 45.92 24.67 11.06
N HIS C 644 46.22 23.46 10.61
CA HIS C 644 45.45 22.69 9.68
C HIS C 644 45.26 21.30 10.16
N PHE C 645 44.07 20.76 9.97
CA PHE C 645 43.76 19.36 10.31
C PHE C 645 43.16 18.65 9.13
N GLU C 646 43.64 17.47 8.78
CA GLU C 646 43.07 16.85 7.63
C GLU C 646 42.54 15.49 8.05
N PHE C 647 41.29 15.22 7.63
CA PHE C 647 40.63 13.98 7.90
C PHE C 647 40.47 13.23 6.62
N VAL C 648 40.90 11.99 6.65
CA VAL C 648 40.93 11.16 5.50
C VAL C 648 40.23 9.80 5.69
N PHE C 649 39.14 9.60 4.92
CA PHE C 649 38.29 8.41 4.99
C PHE C 649 38.33 7.57 3.71
N ASN C 650 38.42 6.26 3.86
CA ASN C 650 38.29 5.36 2.75
C ASN C 650 36.80 5.27 2.39
N ARG C 651 36.46 5.52 1.12
CA ARG C 651 35.08 5.43 0.65
C ARG C 651 34.77 4.08 0.04
N THR C 652 35.70 3.11 0.08
CA THR C 652 35.57 1.82 -0.65
C THR C 652 35.61 0.64 0.31
N HIS C 653 35.42 -0.55 -0.25
CA HIS C 653 35.51 -1.82 0.46
C HIS C 653 36.82 -2.59 0.29
N GLU C 654 37.92 -1.91 -0.10
CA GLU C 654 39.27 -2.54 -0.15
C GLU C 654 40.27 -1.62 0.53
N PRO C 655 41.37 -2.18 1.11
CA PRO C 655 42.36 -1.25 1.64
C PRO C 655 42.93 -0.31 0.60
N VAL C 656 43.15 0.93 0.97
CA VAL C 656 43.84 1.87 0.10
C VAL C 656 45.08 2.40 0.79
N THR C 657 46.12 2.65 0.00
CA THR C 657 47.29 3.40 0.46
C THR C 657 47.31 4.73 -0.25
N VAL C 658 47.39 5.82 0.49
CA VAL C 658 47.39 7.13 -0.07
C VAL C 658 48.42 8.00 0.62
N ASP C 659 48.87 9.04 -0.08
CA ASP C 659 49.73 10.08 0.50
C ASP C 659 49.05 10.97 1.54
N VAL C 660 49.78 11.34 2.60
CA VAL C 660 49.32 12.31 3.66
C VAL C 660 50.43 13.25 4.22
N GLU C 661 50.10 14.52 4.43
CA GLU C 661 51.00 15.52 5.00
C GLU C 661 50.70 15.74 6.47
N GLY C 662 51.75 15.99 7.24
CA GLY C 662 51.67 16.24 8.67
C GLY C 662 51.84 15.03 9.56
N GLU C 663 51.55 15.23 10.86
CA GLU C 663 51.65 14.14 11.84
C GLU C 663 50.27 13.57 12.13
N ALA C 664 50.19 12.24 12.19
CA ALA C 664 48.96 11.53 12.53
C ALA C 664 48.64 11.80 13.98
N ILE C 665 47.47 12.38 14.25
CA ILE C 665 46.95 12.61 15.63
C ILE C 665 45.83 11.60 16.03
N ALA C 666 45.25 10.91 15.04
CA ALA C 666 44.28 9.86 15.30
C ALA C 666 44.11 8.93 14.12
N ALA C 667 43.70 7.70 14.41
CA ALA C 667 43.49 6.74 13.38
C ALA C 667 42.66 5.54 13.87
N SER C 668 41.82 5.02 12.99
CA SER C 668 41.03 3.84 13.30
C SER C 668 40.97 2.98 12.05
N LEU C 669 41.29 1.71 12.18
CA LEU C 669 41.36 0.82 11.01
C LEU C 669 42.26 1.42 9.89
N ALA C 670 43.36 2.05 10.31
CA ALA C 670 44.28 2.85 9.51
C ALA C 670 45.66 2.96 10.23
N HIS C 671 46.76 2.91 9.47
CA HIS C 671 48.12 3.30 9.97
C HIS C 671 48.78 4.31 9.07
N VAL C 672 49.56 5.20 9.65
CA VAL C 672 50.38 6.15 8.89
C VAL C 672 51.85 5.72 9.06
N ASP C 673 52.59 5.66 7.95
CA ASP C 673 54.03 5.36 7.92
C ASP C 673 54.69 6.38 6.97
N ASP C 674 55.55 7.21 7.51
CA ASP C 674 56.28 8.17 6.72
C ASP C 674 55.53 8.67 5.46
N GLY C 675 54.54 9.53 5.68
CA GLY C 675 53.80 10.15 4.60
C GLY C 675 52.85 9.26 3.80
N ARG C 676 52.45 8.12 4.32
CA ARG C 676 51.60 7.20 3.61
C ARG C 676 50.70 6.48 4.61
N ALA C 677 49.41 6.48 4.29
CA ALA C 677 48.40 5.89 5.15
C ALA C 677 47.80 4.67 4.44
N THR C 678 47.83 3.53 5.07
CA THR C 678 47.04 2.45 4.62
C THR C 678 45.73 2.54 5.43
N ILE C 679 44.64 2.92 4.76
CA ILE C 679 43.27 2.96 5.32
C ILE C 679 42.43 1.76 4.89
N ASP C 680 42.01 0.97 5.87
CA ASP C 680 41.19 -0.19 5.61
C ASP C 680 39.73 0.26 5.41
N PRO C 681 38.87 -0.65 4.98
CA PRO C 681 37.43 -0.34 4.84
C PRO C 681 36.88 0.23 6.17
N THR C 682 36.17 1.37 6.10
CA THR C 682 35.55 2.00 7.28
C THR C 682 36.64 2.62 8.14
N GLY C 683 37.81 2.80 7.54
CA GLY C 683 38.91 3.41 8.21
C GLY C 683 38.98 4.90 8.08
N VAL C 684 39.82 5.50 8.93
CA VAL C 684 40.02 6.94 8.92
C VAL C 684 41.36 7.31 9.59
N VAL C 685 41.97 8.39 9.12
CA VAL C 685 43.17 8.96 9.77
C VAL C 685 42.99 10.43 9.79
N VAL C 686 43.55 11.06 10.82
CA VAL C 686 43.50 12.49 10.98
C VAL C 686 44.92 13.01 11.22
N LEU C 687 45.30 14.10 10.55
CA LEU C 687 46.69 14.59 10.63
C LEU C 687 46.61 16.04 10.88
N ARG C 688 47.61 16.62 11.55
CA ARG C 688 47.77 18.08 11.65
C ARG C 688 49.06 18.51 10.92
N ARG C 689 49.06 19.74 10.39
CA ARG C 689 50.18 20.28 9.59
C ARG C 689 50.83 21.48 10.25
#